data_6C9A
#
_entry.id   6C9A
#
_cell.length_a   1.0
_cell.length_b   1.0
_cell.length_c   1.0
_cell.angle_alpha   90.00
_cell.angle_beta   90.00
_cell.angle_gamma   90.00
#
_symmetry.space_group_name_H-M   'P 1'
#
loop_
_entity.id
_entity.type
_entity.pdbx_description
1 polymer 'Two pore calcium channel protein 1'
2 branched 2-acetamido-2-deoxy-beta-D-glucopyranose-(1-4)-2-acetamido-2-deoxy-beta-D-glucopyranose
3 non-polymer '(2R)-3-{[(S)-hydroxy{[(1S,2R,3R,4S,5S,6R)-2,4,6-trihydroxy-3,5-bis(phosphonooxy)cyclohexyl]oxy}phosphoryl]oxy}propane-1,2-diyl dioctanoate'
4 non-polymer 2-acetamido-2-deoxy-beta-D-glucopyranose
#
_entity_poly.entity_id   1
_entity_poly.type   'polypeptide(L)'
_entity_poly.pdbx_seq_one_letter_code
;MAVSLDDDVPLILTLDEAESAPLPPSNSLGQEQLPSKNGGSHSIHNSQVPSLVSGADSPPSSPTGHNWEMNYQEAAIYLQ
EGQNNDKFFTHPKDARALAAYLFVHNHFFYMMELLTALLLLLLSLCESPAVPVLKLHTYVHATLELFALMVVVFELCMKL
RWLGFHTFVRHKRTMVKTSVLVVQFIEAIVVLVRQTSHVRVTRALRCIFLVDCRYCGGVRRNLRQIFQSLPPFMDILLLL
LFFMIIFAILGFYLFSTNPSDPYFSTLENSIVNLFVLLTTANFPDVMMPSYSRNPWSCVFFIVYLSIELYFIMNLLLAVV
FDTFNDIEKHKFKSLLLHKRTAIQHAYGLLASQRRPAGISYRQFEGLMRFYKPRMSARERFLTFKALNQSNTPLLSLKDF
YDIYEVAALQWKAKRNRQHWFDELPRTAFLIFKGINILVNSKAFQYFMYLVVAVNGVWILVETFMLKGGNFTSKHVPWSY
LVFLTIYGVELFMKVAGLGPVEYLSSGWNLFDFSVTAFAFLGLLALTLNMEPFYFIVVLRPLQLLRLFKLKKRYRNVLDT
MFELLPRMASLGLTLLTFYYSFAIVGMEFFNGRLTPNCCNTSTVADAYRFINHTVGNKTKVEEGYYYLNNFDNILNSFVT
LFELTVVNNWYIIMEGVTSQTSHWSRLYFMTFYIVTMVVMTIIVAFILEAFVFRMNYSRKSQDSEVDSGIVIEKEMSKEE
LMAVLELYREERGTSSDVTRLLDTLSQMEKYQQNSMVFLGRRSRTKSDLSLKMYQEEIQEWYEEHAREQEQQKLRGSVPG
PAAQQPPGSRQRSQTVTVEAGLVPR
;
_entity_poly.pdbx_strand_id   B,A
#
# COMPACT_ATOMS: atom_id res chain seq x y z
N HIS A 66 40.90 15.28 41.59
CA HIS A 66 41.07 14.78 40.23
C HIS A 66 40.31 13.47 40.05
N ASN A 67 39.53 13.11 41.07
CA ASN A 67 38.77 11.87 41.02
C ASN A 67 37.39 12.11 40.42
N TRP A 68 36.68 13.09 40.96
CA TRP A 68 35.30 13.33 40.54
C TRP A 68 35.22 13.87 39.13
N GLU A 69 36.25 14.56 38.67
CA GLU A 69 36.23 15.05 37.29
C GLU A 69 36.40 13.90 36.32
N MET A 70 37.15 12.86 36.71
CA MET A 70 37.25 11.68 35.86
C MET A 70 35.96 10.87 35.88
N ASN A 71 35.23 10.89 37.00
CA ASN A 71 33.92 10.27 37.03
C ASN A 71 32.94 11.03 36.12
N TYR A 72 33.08 12.35 36.06
CA TYR A 72 32.22 13.15 35.21
C TYR A 72 32.51 12.90 33.74
N GLN A 73 33.80 12.81 33.39
CA GLN A 73 34.21 12.51 32.02
C GLN A 73 33.74 11.13 31.59
N GLU A 74 33.84 10.16 32.50
CA GLU A 74 33.45 8.79 32.18
C GLU A 74 31.94 8.66 32.02
N ALA A 75 31.17 9.38 32.84
CA ALA A 75 29.71 9.30 32.74
C ALA A 75 29.21 9.98 31.48
N ALA A 76 29.84 11.08 31.07
CA ALA A 76 29.48 11.72 29.81
C ALA A 76 29.84 10.83 28.63
N ILE A 77 30.90 10.03 28.76
CA ILE A 77 31.22 9.06 27.71
C ILE A 77 30.15 7.97 27.63
N TYR A 78 29.61 7.55 28.78
CA TYR A 78 28.52 6.56 28.75
C TYR A 78 27.28 7.11 28.06
N LEU A 79 27.00 8.40 28.22
CA LEU A 79 25.80 8.93 27.56
C LEU A 79 26.02 9.12 26.06
N GLN A 80 27.21 9.56 25.64
CA GLN A 80 27.49 9.66 24.21
C GLN A 80 27.53 8.28 23.56
N GLU A 81 28.02 7.30 24.29
CA GLU A 81 28.15 5.95 23.74
C GLU A 81 26.80 5.26 23.70
N GLY A 82 25.85 5.71 24.53
CA GLY A 82 24.50 5.21 24.41
C GLY A 82 23.74 5.87 23.28
N GLN A 83 24.05 7.13 22.98
CA GLN A 83 23.39 7.83 21.89
C GLN A 83 23.79 7.30 20.52
N ASN A 84 25.08 7.00 20.32
CA ASN A 84 25.61 6.66 19.01
C ASN A 84 25.52 5.18 18.70
N ASN A 85 24.85 4.40 19.55
CA ASN A 85 24.74 2.93 19.46
C ASN A 85 26.12 2.29 19.33
N ASP A 86 26.91 2.44 20.37
CA ASP A 86 28.27 1.93 20.38
C ASP A 86 28.40 0.96 21.54
N LYS A 87 29.03 -0.18 21.30
CA LYS A 87 28.99 -1.29 22.24
C LYS A 87 29.77 -0.94 23.51
N PHE A 88 29.36 -1.52 24.63
CA PHE A 88 29.97 -1.17 25.90
C PHE A 88 31.17 -2.02 26.25
N PHE A 89 31.58 -2.93 25.38
CA PHE A 89 32.83 -3.65 25.63
C PHE A 89 34.02 -2.75 25.39
N THR A 90 33.91 -1.81 24.46
CA THR A 90 35.02 -0.93 24.09
C THR A 90 35.01 0.39 24.86
N HIS A 91 34.42 0.41 26.05
CA HIS A 91 34.48 1.58 26.88
C HIS A 91 35.92 1.82 27.35
N PRO A 92 36.43 3.05 27.26
CA PRO A 92 37.83 3.29 27.59
C PRO A 92 38.09 3.38 29.08
N LYS A 93 39.20 2.79 29.52
CA LYS A 93 39.58 2.77 30.93
C LYS A 93 40.83 3.60 31.20
N ASP A 94 41.92 3.34 30.50
CA ASP A 94 43.18 4.03 30.76
C ASP A 94 43.16 5.40 30.08
N ALA A 95 44.24 6.16 30.24
CA ALA A 95 44.30 7.46 29.58
C ALA A 95 44.63 7.33 28.11
N ARG A 96 45.28 6.24 27.70
CA ARG A 96 45.58 6.01 26.30
C ARG A 96 44.31 5.79 25.49
N ALA A 97 43.45 4.89 25.96
CA ALA A 97 42.17 4.65 25.29
C ALA A 97 41.23 5.84 25.44
N LEU A 98 41.39 6.63 26.51
CA LEU A 98 40.62 7.85 26.64
C LEU A 98 40.99 8.86 25.57
N ALA A 99 42.30 9.04 25.34
CA ALA A 99 42.73 10.00 24.33
C ALA A 99 42.42 9.52 22.92
N ALA A 100 42.37 8.20 22.72
CA ALA A 100 42.00 7.68 21.40
C ALA A 100 40.51 7.86 21.14
N TYR A 101 39.68 7.59 22.15
CA TYR A 101 38.24 7.84 22.02
C TYR A 101 37.96 9.31 21.77
N LEU A 102 38.68 10.21 22.46
CA LEU A 102 38.45 11.63 22.25
C LEU A 102 38.99 12.09 20.90
N PHE A 103 39.97 11.37 20.36
CA PHE A 103 40.48 11.78 19.05
C PHE A 103 39.55 11.36 17.93
N VAL A 104 38.81 10.28 18.11
CA VAL A 104 37.94 9.79 17.03
C VAL A 104 36.57 10.47 17.02
N HIS A 105 35.99 10.78 18.17
CA HIS A 105 34.58 11.17 18.26
C HIS A 105 34.36 12.67 18.29
N ASN A 106 35.13 13.45 17.53
CA ASN A 106 34.92 14.88 17.39
C ASN A 106 33.88 15.14 16.30
N HIS A 107 33.66 16.39 15.94
CA HIS A 107 32.98 16.70 14.69
C HIS A 107 33.94 16.98 13.55
N PHE A 108 35.23 17.12 13.82
CA PHE A 108 36.19 17.25 12.74
C PHE A 108 36.40 15.92 12.04
N PHE A 109 36.45 14.84 12.81
CA PHE A 109 36.71 13.53 12.24
C PHE A 109 35.53 13.04 11.42
N TYR A 110 34.32 13.35 11.88
CA TYR A 110 33.11 12.95 11.17
C TYR A 110 33.01 13.67 9.83
N MET A 111 33.37 14.96 9.83
CA MET A 111 33.30 15.73 8.60
C MET A 111 34.44 15.36 7.66
N MET A 112 35.52 14.82 8.21
CA MET A 112 36.60 14.33 7.36
C MET A 112 36.19 13.04 6.66
N GLU A 113 35.45 12.17 7.37
CA GLU A 113 34.89 10.97 6.74
C GLU A 113 33.94 11.34 5.61
N LEU A 114 33.04 12.29 5.87
CA LEU A 114 32.02 12.61 4.88
C LEU A 114 32.61 13.31 3.67
N LEU A 115 33.58 14.21 3.88
CA LEU A 115 34.16 14.91 2.74
C LEU A 115 35.06 14.01 1.92
N THR A 116 35.72 13.04 2.55
CA THR A 116 36.54 12.11 1.79
C THR A 116 35.68 11.20 0.92
N ALA A 117 34.63 10.61 1.50
CA ALA A 117 33.76 9.70 0.75
C ALA A 117 33.02 10.43 -0.35
N LEU A 118 32.54 11.64 -0.08
CA LEU A 118 31.78 12.38 -1.08
C LEU A 118 32.69 12.89 -2.20
N LEU A 119 33.94 13.19 -1.89
CA LEU A 119 34.90 13.55 -2.94
C LEU A 119 35.26 12.36 -3.80
N LEU A 120 35.17 11.16 -3.25
CA LEU A 120 35.52 9.98 -4.04
C LEU A 120 34.40 9.62 -5.00
N LEU A 121 33.15 9.69 -4.54
CA LEU A 121 32.01 9.48 -5.44
C LEU A 121 31.92 10.56 -6.50
N LEU A 122 32.19 11.82 -6.14
CA LEU A 122 32.20 12.85 -7.17
C LEU A 122 33.47 12.81 -8.01
N LEU A 123 34.49 12.05 -7.60
CA LEU A 123 35.63 11.84 -8.47
C LEU A 123 35.27 10.92 -9.62
N SER A 124 34.22 10.10 -9.47
CA SER A 124 33.71 9.34 -10.61
C SER A 124 33.09 10.19 -11.72
N LEU A 125 32.97 11.49 -11.54
CA LEU A 125 32.44 12.38 -12.57
C LEU A 125 33.47 12.77 -13.61
N CYS A 126 34.76 12.60 -13.30
CA CYS A 126 35.84 13.01 -14.18
C CYS A 126 36.59 11.84 -14.80
N GLU A 127 36.22 10.60 -14.48
CA GLU A 127 36.94 9.42 -14.92
C GLU A 127 36.51 9.06 -16.35
N SER A 128 36.84 7.84 -16.79
CA SER A 128 37.06 7.57 -18.21
C SER A 128 35.84 7.65 -19.14
N PRO A 129 34.60 7.32 -18.71
CA PRO A 129 33.45 7.97 -19.37
C PRO A 129 33.17 9.29 -18.70
N ALA A 130 33.49 10.38 -19.38
CA ALA A 130 33.50 11.68 -18.75
C ALA A 130 32.42 12.58 -19.32
N VAL A 131 31.85 13.39 -18.45
CA VAL A 131 31.20 14.60 -18.93
C VAL A 131 32.25 15.44 -19.65
N PRO A 132 32.04 15.82 -20.91
CA PRO A 132 33.17 16.22 -21.77
C PRO A 132 33.81 17.56 -21.41
N VAL A 133 33.21 18.33 -20.51
CA VAL A 133 33.77 19.62 -20.13
C VAL A 133 34.50 19.46 -18.79
N LEU A 134 34.10 18.46 -18.00
CA LEU A 134 34.76 18.14 -16.75
C LEU A 134 35.73 16.97 -16.89
N LYS A 135 36.39 16.84 -18.04
CA LYS A 135 37.28 15.72 -18.29
C LYS A 135 38.72 16.09 -17.90
N LEU A 136 39.36 15.22 -17.15
CA LEU A 136 40.75 15.37 -16.76
C LEU A 136 41.59 14.32 -17.49
N HIS A 137 42.90 14.42 -17.34
CA HIS A 137 43.78 13.39 -17.86
C HIS A 137 43.79 12.19 -16.91
N THR A 138 44.52 11.15 -17.27
CA THR A 138 44.46 9.93 -16.47
C THR A 138 45.26 10.05 -15.18
N TYR A 139 46.43 10.67 -15.23
CA TYR A 139 47.26 10.74 -14.03
C TYR A 139 46.72 11.70 -12.99
N VAL A 140 45.89 12.66 -13.39
CA VAL A 140 45.36 13.63 -12.43
C VAL A 140 44.33 12.96 -11.53
N HIS A 141 43.34 12.29 -12.12
CA HIS A 141 42.37 11.63 -11.27
C HIS A 141 42.90 10.34 -10.66
N ALA A 142 43.97 9.77 -11.21
CA ALA A 142 44.62 8.66 -10.53
C ALA A 142 45.26 9.11 -9.22
N THR A 143 45.96 10.24 -9.24
CA THR A 143 46.58 10.69 -8.00
C THR A 143 45.56 11.27 -7.01
N LEU A 144 44.45 11.82 -7.50
CA LEU A 144 43.39 12.22 -6.58
C LEU A 144 42.75 11.01 -5.90
N GLU A 145 42.62 9.91 -6.65
CA GLU A 145 42.10 8.68 -6.06
C GLU A 145 43.07 8.12 -5.03
N LEU A 146 44.38 8.21 -5.30
CA LEU A 146 45.37 7.73 -4.34
C LEU A 146 45.39 8.57 -3.07
N PHE A 147 45.24 9.88 -3.20
CA PHE A 147 45.25 10.75 -2.03
C PHE A 147 44.04 10.51 -1.13
N ALA A 148 42.85 10.35 -1.74
CA ALA A 148 41.65 10.09 -0.95
C ALA A 148 41.70 8.74 -0.27
N LEU A 149 42.29 7.74 -0.93
CA LEU A 149 42.43 6.44 -0.27
C LEU A 149 43.45 6.49 0.85
N MET A 150 44.48 7.34 0.76
CA MET A 150 45.40 7.46 1.89
C MET A 150 44.75 8.13 3.09
N VAL A 151 43.80 9.03 2.87
CA VAL A 151 43.03 9.59 3.98
C VAL A 151 42.17 8.52 4.63
N VAL A 152 41.62 7.60 3.83
CA VAL A 152 40.84 6.50 4.40
C VAL A 152 41.72 5.56 5.22
N VAL A 153 42.98 5.37 4.79
CA VAL A 153 43.94 4.57 5.56
C VAL A 153 44.22 5.24 6.91
N PHE A 154 44.31 6.57 6.92
CA PHE A 154 44.50 7.32 8.16
C PHE A 154 43.35 7.10 9.14
N GLU A 155 42.10 7.08 8.63
CA GLU A 155 40.96 6.90 9.52
C GLU A 155 40.88 5.48 10.08
N LEU A 156 41.20 4.47 9.27
CA LEU A 156 41.17 3.11 9.79
C LEU A 156 42.31 2.86 10.76
N CYS A 157 43.43 3.58 10.61
CA CYS A 157 44.48 3.47 11.61
C CYS A 157 44.07 4.11 12.92
N MET A 158 43.27 5.18 12.89
CA MET A 158 42.87 5.78 14.15
C MET A 158 41.78 4.98 14.86
N LYS A 159 40.83 4.40 14.13
CA LYS A 159 39.88 3.51 14.78
C LYS A 159 40.53 2.23 15.26
N LEU A 160 41.60 1.78 14.60
CA LEU A 160 42.37 0.66 15.13
C LEU A 160 43.16 1.07 16.37
N ARG A 161 43.50 2.35 16.50
CA ARG A 161 44.13 2.80 17.72
C ARG A 161 43.15 2.79 18.89
N TRP A 162 41.89 3.16 18.66
CA TRP A 162 40.92 3.18 19.75
C TRP A 162 40.43 1.79 20.13
N LEU A 163 39.80 1.09 19.20
CA LEU A 163 39.37 -0.28 19.45
C LEU A 163 40.57 -1.18 19.60
N GLY A 164 40.35 -2.34 20.20
CA GLY A 164 41.37 -3.36 20.20
C GLY A 164 41.53 -3.98 18.83
N PHE A 165 42.59 -4.77 18.68
CA PHE A 165 42.76 -5.51 17.43
C PHE A 165 41.69 -6.58 17.29
N HIS A 166 41.42 -7.33 18.37
CA HIS A 166 40.46 -8.43 18.29
C HIS A 166 39.03 -7.93 18.20
N THR A 167 38.78 -6.67 18.57
CA THR A 167 37.48 -6.07 18.31
C THR A 167 37.39 -5.52 16.90
N PHE A 168 38.51 -5.03 16.36
CA PHE A 168 38.54 -4.50 15.01
C PHE A 168 38.31 -5.58 13.96
N VAL A 169 38.93 -6.75 14.16
CA VAL A 169 38.86 -7.80 13.14
C VAL A 169 37.48 -8.43 13.12
N ARG A 170 36.83 -8.53 14.27
CA ARG A 170 35.54 -9.21 14.35
C ARG A 170 34.36 -8.32 14.00
N HIS A 171 34.59 -7.11 13.51
CA HIS A 171 33.54 -6.20 13.09
C HIS A 171 33.51 -6.22 11.57
N LYS A 172 32.43 -6.76 11.00
CA LYS A 172 32.44 -7.17 9.60
C LYS A 172 32.47 -6.00 8.63
N ARG A 173 31.84 -4.88 9.00
CA ARG A 173 31.72 -3.76 8.07
C ARG A 173 33.07 -3.10 7.83
N THR A 174 33.90 -2.99 8.88
CA THR A 174 35.22 -2.39 8.69
C THR A 174 36.16 -3.34 7.97
N MET A 175 35.96 -4.65 8.07
CA MET A 175 36.82 -5.56 7.33
C MET A 175 36.51 -5.56 5.84
N VAL A 176 35.22 -5.49 5.50
CA VAL A 176 34.86 -5.34 4.08
C VAL A 176 35.34 -4.00 3.55
N LYS A 177 35.32 -2.97 4.40
CA LYS A 177 35.86 -1.67 4.00
C LYS A 177 37.37 -1.72 3.76
N THR A 178 38.10 -2.54 4.53
CA THR A 178 39.54 -2.66 4.27
C THR A 178 39.83 -3.43 2.99
N SER A 179 39.03 -4.45 2.68
CA SER A 179 39.27 -5.21 1.46
C SER A 179 38.96 -4.37 0.22
N VAL A 180 37.87 -3.60 0.25
CA VAL A 180 37.58 -2.69 -0.84
C VAL A 180 38.64 -1.60 -0.93
N LEU A 181 39.21 -1.18 0.21
CA LEU A 181 40.32 -0.23 0.21
C LEU A 181 41.55 -0.77 -0.51
N VAL A 182 41.86 -2.07 -0.31
CA VAL A 182 43.05 -2.65 -0.94
C VAL A 182 42.86 -2.77 -2.45
N VAL A 183 41.67 -3.22 -2.88
CA VAL A 183 41.44 -3.42 -4.31
C VAL A 183 41.42 -2.10 -5.05
N GLN A 184 40.76 -1.08 -4.48
CA GLN A 184 40.76 0.24 -5.10
C GLN A 184 42.15 0.85 -5.16
N PHE A 185 42.98 0.59 -4.15
CA PHE A 185 44.35 1.07 -4.15
C PHE A 185 45.18 0.43 -5.26
N ILE A 186 44.97 -0.87 -5.50
CA ILE A 186 45.71 -1.58 -6.53
C ILE A 186 45.36 -1.07 -7.92
N GLU A 187 44.07 -1.04 -8.27
CA GLU A 187 43.72 -0.59 -9.62
C GLU A 187 43.95 0.91 -9.82
N ALA A 188 44.02 1.70 -8.75
CA ALA A 188 44.43 3.08 -8.93
C ALA A 188 45.89 3.15 -9.37
N ILE A 189 46.75 2.32 -8.79
CA ILE A 189 48.15 2.31 -9.21
C ILE A 189 48.31 1.76 -10.63
N VAL A 190 47.50 0.75 -10.98
CA VAL A 190 47.56 0.14 -12.31
C VAL A 190 47.14 1.14 -13.39
N VAL A 191 46.11 1.93 -13.11
CA VAL A 191 45.73 2.99 -14.04
C VAL A 191 46.80 4.08 -14.10
N LEU A 192 47.49 4.33 -12.99
CA LEU A 192 48.54 5.33 -13.00
C LEU A 192 49.76 4.89 -13.83
N VAL A 193 50.04 3.60 -13.88
CA VAL A 193 51.18 3.12 -14.66
C VAL A 193 50.81 2.92 -16.13
N ARG A 194 49.75 2.17 -16.41
CA ARG A 194 49.46 1.78 -17.79
C ARG A 194 48.85 2.90 -18.61
N GLN A 195 48.51 4.04 -18.01
CA GLN A 195 48.12 5.30 -18.64
C GLN A 195 46.74 5.22 -19.30
N THR A 196 46.10 4.05 -19.32
CA THR A 196 44.76 3.88 -19.87
C THR A 196 43.89 3.14 -18.87
N SER A 197 42.64 3.58 -18.74
CA SER A 197 41.70 2.94 -17.83
C SER A 197 41.21 1.63 -18.43
N HIS A 198 41.32 0.56 -17.65
CA HIS A 198 41.12 -0.77 -18.22
C HIS A 198 39.64 -1.16 -18.30
N VAL A 199 38.99 -1.40 -17.17
CA VAL A 199 37.58 -1.80 -17.15
C VAL A 199 36.84 -0.94 -16.14
N ARG A 200 37.33 -0.95 -14.89
CA ARG A 200 36.81 -0.16 -13.77
C ARG A 200 35.33 -0.44 -13.48
N VAL A 201 35.04 -1.71 -13.19
CA VAL A 201 33.74 -2.07 -12.64
C VAL A 201 33.76 -1.98 -11.12
N THR A 202 34.94 -2.13 -10.52
CA THR A 202 35.14 -2.14 -9.07
C THR A 202 34.83 -0.78 -8.43
N ARG A 203 34.63 0.28 -9.24
CA ARG A 203 34.16 1.55 -8.72
C ARG A 203 32.81 1.43 -8.03
N ALA A 204 31.99 0.47 -8.44
CA ALA A 204 30.61 0.36 -7.96
C ALA A 204 30.52 -0.04 -6.50
N LEU A 205 31.62 -0.50 -5.91
CA LEU A 205 31.67 -0.78 -4.49
C LEU A 205 32.06 0.42 -3.65
N ARG A 206 32.20 1.60 -4.25
CA ARG A 206 32.55 2.79 -3.48
C ARG A 206 31.37 3.40 -2.75
N CYS A 207 30.21 2.75 -2.74
CA CYS A 207 29.13 3.19 -1.88
C CYS A 207 29.40 2.87 -0.42
N ILE A 208 30.36 1.99 -0.14
CA ILE A 208 30.58 1.56 1.23
C ILE A 208 31.37 2.62 2.01
N PHE A 209 31.97 3.58 1.32
CA PHE A 209 32.67 4.62 2.05
C PHE A 209 31.71 5.68 2.56
N LEU A 210 30.59 5.88 1.88
CA LEU A 210 29.59 6.85 2.29
C LEU A 210 28.59 6.26 3.27
N VAL A 211 28.36 4.95 3.21
CA VAL A 211 27.45 4.27 4.13
C VAL A 211 28.10 4.12 5.50
N ASP A 212 29.39 3.81 5.54
CA ASP A 212 30.09 3.51 6.78
C ASP A 212 30.56 4.76 7.52
N CYS A 213 30.06 5.94 7.21
CA CYS A 213 30.49 7.11 7.97
C CYS A 213 29.56 7.26 9.17
N ARG A 214 29.68 8.36 9.90
CA ARG A 214 28.87 8.53 11.09
C ARG A 214 27.57 9.29 10.81
N TYR A 215 27.60 10.26 9.91
CA TYR A 215 26.37 11.00 9.65
C TYR A 215 25.35 10.23 8.84
N CYS A 216 25.75 9.14 8.18
CA CYS A 216 24.85 8.36 7.36
C CYS A 216 24.42 7.08 8.05
N GLY A 217 24.15 7.14 9.35
CA GLY A 217 23.61 5.98 10.04
C GLY A 217 22.20 5.64 9.62
N GLY A 218 21.38 6.66 9.37
CA GLY A 218 20.01 6.42 8.92
C GLY A 218 19.92 5.85 7.53
N VAL A 219 20.96 6.03 6.72
CA VAL A 219 21.03 5.41 5.41
C VAL A 219 21.47 3.96 5.52
N ARG A 220 22.44 3.70 6.39
CA ARG A 220 22.98 2.36 6.58
C ARG A 220 21.95 1.41 7.16
N ARG A 221 21.18 1.88 8.13
CA ARG A 221 20.15 1.03 8.71
C ARG A 221 19.03 0.77 7.73
N ASN A 222 18.66 1.75 6.92
CA ASN A 222 17.60 1.54 5.94
C ASN A 222 18.03 0.61 4.81
N LEU A 223 19.32 0.57 4.46
CA LEU A 223 19.76 -0.45 3.51
C LEU A 223 19.81 -1.83 4.14
N ARG A 224 20.25 -1.92 5.39
CA ARG A 224 20.38 -3.22 6.03
C ARG A 224 19.02 -3.90 6.22
N GLN A 225 17.99 -3.12 6.55
CA GLN A 225 16.68 -3.71 6.72
C GLN A 225 16.02 -4.11 5.41
N ILE A 226 16.37 -3.45 4.30
CA ILE A 226 15.92 -3.90 3.00
C ILE A 226 16.55 -5.24 2.63
N PHE A 227 17.86 -5.39 2.86
CA PHE A 227 18.47 -6.69 2.58
C PHE A 227 18.09 -7.75 3.59
N GLN A 228 17.61 -7.38 4.77
CA GLN A 228 17.10 -8.39 5.69
C GLN A 228 15.65 -8.75 5.46
N SER A 229 14.91 -7.98 4.67
CA SER A 229 13.54 -8.29 4.32
C SER A 229 13.42 -9.28 3.17
N LEU A 230 14.52 -9.80 2.68
CA LEU A 230 14.64 -10.51 1.42
C LEU A 230 14.20 -11.99 1.36
N PRO A 231 14.37 -12.84 2.39
CA PRO A 231 13.95 -14.26 2.23
C PRO A 231 12.46 -14.48 2.07
N PRO A 232 11.54 -13.69 2.66
CA PRO A 232 10.14 -13.83 2.22
C PRO A 232 9.89 -13.33 0.81
N PHE A 233 10.75 -12.48 0.28
CA PHE A 233 10.59 -12.00 -1.09
C PHE A 233 10.95 -13.06 -2.11
N MET A 234 12.03 -13.81 -1.87
CA MET A 234 12.52 -14.77 -2.86
C MET A 234 11.55 -15.92 -3.07
N ASP A 235 10.78 -16.26 -2.04
CA ASP A 235 9.88 -17.41 -2.10
C ASP A 235 8.71 -17.13 -3.05
N ILE A 236 8.00 -16.04 -2.80
CA ILE A 236 6.87 -15.66 -3.65
C ILE A 236 7.35 -15.18 -5.03
N LEU A 237 8.59 -14.70 -5.14
CA LEU A 237 9.14 -14.40 -6.46
C LEU A 237 9.29 -15.67 -7.28
N LEU A 238 9.66 -16.78 -6.64
CA LEU A 238 9.73 -18.05 -7.35
C LEU A 238 8.34 -18.53 -7.76
N LEU A 239 7.34 -18.27 -6.92
CA LEU A 239 5.96 -18.57 -7.30
C LEU A 239 5.49 -17.71 -8.47
N LEU A 240 6.02 -16.49 -8.59
CA LEU A 240 5.69 -15.63 -9.73
C LEU A 240 6.28 -16.18 -11.01
N LEU A 241 7.58 -16.49 -11.02
CA LEU A 241 8.25 -16.90 -12.24
C LEU A 241 7.78 -18.26 -12.73
N PHE A 242 7.22 -19.09 -11.83
CA PHE A 242 6.67 -20.37 -12.26
C PHE A 242 5.45 -20.20 -13.16
N PHE A 243 4.47 -19.39 -12.72
CA PHE A 243 3.29 -19.19 -13.54
C PHE A 243 3.59 -18.37 -14.79
N MET A 244 4.61 -17.52 -14.73
CA MET A 244 5.01 -16.79 -15.92
C MET A 244 5.55 -17.72 -16.98
N ILE A 245 6.34 -18.73 -16.58
CA ILE A 245 6.88 -19.68 -17.56
C ILE A 245 5.77 -20.58 -18.11
N ILE A 246 4.83 -21.00 -17.27
CA ILE A 246 3.84 -21.96 -17.73
C ILE A 246 2.82 -21.29 -18.66
N PHE A 247 2.59 -19.98 -18.48
CA PHE A 247 1.77 -19.27 -19.46
C PHE A 247 2.57 -18.86 -20.67
N ALA A 248 3.90 -18.89 -20.58
CA ALA A 248 4.72 -18.66 -21.76
C ALA A 248 4.72 -19.88 -22.66
N ILE A 249 4.69 -21.07 -22.07
CA ILE A 249 4.61 -22.30 -22.87
C ILE A 249 3.25 -22.39 -23.54
N LEU A 250 2.18 -22.14 -22.79
CA LEU A 250 0.84 -22.16 -23.37
C LEU A 250 0.67 -21.07 -24.41
N GLY A 251 1.21 -19.88 -24.18
CA GLY A 251 1.12 -18.82 -25.17
C GLY A 251 1.92 -19.07 -26.43
N PHE A 252 3.07 -19.73 -26.32
CA PHE A 252 3.82 -20.09 -27.51
C PHE A 252 3.07 -21.11 -28.34
N TYR A 253 2.42 -22.09 -27.71
CA TYR A 253 1.61 -23.02 -28.49
C TYR A 253 0.42 -22.32 -29.12
N LEU A 254 -0.18 -21.39 -28.41
CA LEU A 254 -1.50 -20.94 -28.78
C LEU A 254 -1.49 -19.79 -29.77
N PHE A 255 -0.41 -19.01 -29.87
CA PHE A 255 -0.42 -17.82 -30.72
C PHE A 255 0.74 -17.73 -31.70
N SER A 256 1.43 -18.82 -32.00
CA SER A 256 2.62 -18.69 -32.84
C SER A 256 2.37 -19.03 -34.30
N THR A 257 1.25 -19.67 -34.61
CA THR A 257 0.97 -20.03 -35.99
C THR A 257 0.55 -18.82 -36.82
N ASN A 258 0.21 -17.72 -36.18
CA ASN A 258 -0.10 -16.49 -36.90
C ASN A 258 1.19 -15.88 -37.41
N PRO A 259 1.31 -15.61 -38.72
CA PRO A 259 2.53 -14.97 -39.24
C PRO A 259 2.61 -13.48 -39.00
N SER A 260 1.58 -12.86 -38.42
CA SER A 260 1.52 -11.41 -38.36
C SER A 260 1.79 -10.85 -36.97
N ASP A 261 2.51 -11.59 -36.13
CA ASP A 261 2.91 -11.00 -34.86
C ASP A 261 4.35 -11.31 -34.53
N PRO A 262 5.10 -10.32 -34.06
CA PRO A 262 6.47 -10.55 -33.61
C PRO A 262 6.59 -10.98 -32.16
N TYR A 263 5.47 -11.09 -31.44
CA TYR A 263 5.54 -11.24 -30.00
C TYR A 263 5.72 -12.70 -29.61
N PHE A 264 4.81 -13.56 -30.03
CA PHE A 264 4.91 -14.97 -29.70
C PHE A 264 5.42 -15.75 -30.92
N SER A 265 6.71 -15.58 -31.22
CA SER A 265 7.31 -16.23 -32.38
C SER A 265 8.26 -17.35 -32.02
N THR A 266 9.06 -17.16 -30.97
CA THR A 266 9.95 -18.17 -30.43
C THR A 266 9.65 -18.31 -28.94
N LEU A 267 10.49 -19.06 -28.23
CA LEU A 267 10.26 -19.20 -26.80
C LEU A 267 10.78 -18.01 -26.01
N GLU A 268 11.95 -17.48 -26.36
CA GLU A 268 12.47 -16.36 -25.60
C GLU A 268 11.68 -15.09 -25.86
N ASN A 269 11.03 -15.00 -27.02
CA ASN A 269 10.19 -13.85 -27.28
C ASN A 269 8.91 -13.92 -26.45
N SER A 270 8.42 -15.13 -26.20
CA SER A 270 7.22 -15.25 -25.38
C SER A 270 7.54 -15.03 -23.92
N ILE A 271 8.70 -15.49 -23.45
CA ILE A 271 9.06 -15.32 -22.05
C ILE A 271 9.38 -13.87 -21.75
N VAL A 272 10.10 -13.20 -22.66
CA VAL A 272 10.41 -11.79 -22.47
C VAL A 272 9.15 -10.94 -22.55
N ASN A 273 8.27 -11.23 -23.50
CA ASN A 273 7.07 -10.40 -23.63
C ASN A 273 6.07 -10.65 -22.52
N LEU A 274 6.08 -11.83 -21.90
CA LEU A 274 5.21 -11.97 -20.74
C LEU A 274 5.84 -11.38 -19.48
N PHE A 275 7.17 -11.29 -19.42
CA PHE A 275 7.77 -10.57 -18.30
C PHE A 275 7.50 -9.08 -18.42
N VAL A 276 7.50 -8.55 -19.64
CA VAL A 276 7.20 -7.14 -19.82
C VAL A 276 5.72 -6.88 -19.56
N LEU A 277 4.85 -7.81 -19.97
CA LEU A 277 3.42 -7.70 -19.67
C LEU A 277 3.14 -7.77 -18.18
N LEU A 278 4.01 -8.42 -17.41
CA LEU A 278 3.89 -8.38 -15.96
C LEU A 278 4.03 -6.97 -15.41
N THR A 279 4.86 -6.15 -16.03
CA THR A 279 5.00 -4.76 -15.62
C THR A 279 3.93 -3.88 -16.23
N THR A 280 3.10 -4.43 -17.12
CA THR A 280 2.12 -3.72 -17.96
C THR A 280 2.76 -2.58 -18.73
N ALA A 281 3.81 -2.90 -19.45
CA ALA A 281 4.44 -1.92 -20.30
C ALA A 281 4.08 -2.07 -21.76
N ASN A 282 3.47 -3.19 -22.14
CA ASN A 282 3.07 -3.37 -23.52
C ASN A 282 1.72 -4.07 -23.63
N PHE A 283 0.73 -3.68 -22.80
CA PHE A 283 -0.45 -4.54 -22.69
C PHE A 283 -1.35 -4.55 -23.91
N PRO A 284 -1.82 -3.43 -24.49
CA PRO A 284 -2.69 -3.59 -25.65
C PRO A 284 -1.94 -4.13 -26.84
N ASP A 285 -0.69 -3.70 -27.03
CA ASP A 285 0.08 -4.04 -28.22
C ASP A 285 0.44 -5.52 -28.28
N VAL A 286 0.56 -6.18 -27.15
CA VAL A 286 0.91 -7.60 -27.17
C VAL A 286 -0.32 -8.46 -27.41
N MET A 287 -1.51 -7.92 -27.22
CA MET A 287 -2.75 -8.68 -27.36
C MET A 287 -3.37 -8.52 -28.73
N MET A 288 -3.19 -7.35 -29.35
CA MET A 288 -3.93 -7.00 -30.56
C MET A 288 -3.73 -7.91 -31.79
N PRO A 289 -2.55 -8.42 -32.14
CA PRO A 289 -2.51 -9.33 -33.30
C PRO A 289 -3.16 -10.66 -33.05
N SER A 290 -3.36 -11.06 -31.81
CA SER A 290 -4.13 -12.24 -31.47
C SER A 290 -5.60 -11.92 -31.35
N TYR A 291 -5.93 -10.74 -30.84
CA TYR A 291 -7.30 -10.30 -30.66
C TYR A 291 -7.96 -9.95 -31.97
N SER A 292 -7.19 -9.74 -33.03
CA SER A 292 -7.77 -9.49 -34.34
C SER A 292 -8.16 -10.79 -35.04
N ARG A 293 -7.49 -11.89 -34.70
CA ARG A 293 -7.78 -13.16 -35.35
C ARG A 293 -9.04 -13.80 -34.77
N ASN A 294 -9.02 -14.14 -33.48
CA ASN A 294 -10.19 -14.58 -32.77
C ASN A 294 -10.43 -13.64 -31.60
N PRO A 295 -11.64 -13.13 -31.41
CA PRO A 295 -11.88 -12.21 -30.28
C PRO A 295 -11.93 -12.91 -28.93
N TRP A 296 -11.88 -14.24 -28.88
CA TRP A 296 -11.78 -14.93 -27.60
C TRP A 296 -10.36 -15.05 -27.10
N SER A 297 -9.39 -14.45 -27.78
CA SER A 297 -8.02 -14.46 -27.30
C SER A 297 -7.81 -13.51 -26.13
N CYS A 298 -8.80 -12.71 -25.77
CA CYS A 298 -8.69 -11.80 -24.65
C CYS A 298 -8.75 -12.51 -23.31
N VAL A 299 -9.29 -13.75 -23.30
CA VAL A 299 -9.44 -14.50 -22.07
C VAL A 299 -8.08 -14.88 -21.50
N PHE A 300 -7.11 -15.14 -22.38
CA PHE A 300 -5.75 -15.47 -21.99
C PHE A 300 -5.12 -14.34 -21.20
N PHE A 301 -5.31 -13.11 -21.67
CA PHE A 301 -4.61 -11.98 -21.08
C PHE A 301 -5.35 -11.45 -19.87
N ILE A 302 -6.68 -11.63 -19.82
CA ILE A 302 -7.43 -11.24 -18.63
C ILE A 302 -7.12 -12.18 -17.48
N VAL A 303 -7.06 -13.49 -17.76
CA VAL A 303 -6.74 -14.46 -16.71
C VAL A 303 -5.29 -14.32 -16.27
N TYR A 304 -4.39 -14.01 -17.22
CA TYR A 304 -2.99 -13.80 -16.89
C TYR A 304 -2.80 -12.57 -16.01
N LEU A 305 -3.43 -11.45 -16.36
CA LEU A 305 -3.23 -10.25 -15.56
C LEU A 305 -3.91 -10.34 -14.20
N SER A 306 -5.04 -11.05 -14.13
CA SER A 306 -5.74 -11.19 -12.86
C SER A 306 -4.95 -12.07 -11.89
N ILE A 307 -4.50 -13.23 -12.34
CA ILE A 307 -3.73 -14.09 -11.44
C ILE A 307 -2.36 -13.52 -11.17
N GLU A 308 -1.64 -13.09 -12.20
CA GLU A 308 -0.24 -12.76 -12.05
C GLU A 308 -0.03 -11.35 -11.51
N LEU A 309 -0.66 -10.35 -12.13
CA LEU A 309 -0.36 -8.99 -11.72
C LEU A 309 -1.01 -8.64 -10.40
N TYR A 310 -2.34 -8.66 -10.35
CA TYR A 310 -3.06 -8.13 -9.19
C TYR A 310 -2.81 -8.97 -7.95
N PHE A 311 -3.18 -10.25 -7.99
CA PHE A 311 -3.04 -11.12 -6.84
C PHE A 311 -1.59 -11.37 -6.42
N ILE A 312 -0.76 -11.90 -7.31
CA ILE A 312 0.56 -12.38 -6.86
C ILE A 312 1.52 -11.22 -6.65
N MET A 313 1.51 -10.22 -7.54
CA MET A 313 2.50 -9.14 -7.37
C MET A 313 2.13 -8.24 -6.19
N ASN A 314 0.83 -8.05 -5.93
CA ASN A 314 0.51 -7.25 -4.74
C ASN A 314 0.68 -8.06 -3.46
N LEU A 315 0.54 -9.38 -3.54
CA LEU A 315 0.93 -10.23 -2.40
C LEU A 315 2.42 -10.15 -2.13
N LEU A 316 3.22 -10.04 -3.19
CA LEU A 316 4.66 -9.92 -3.04
C LEU A 316 5.04 -8.64 -2.30
N LEU A 317 4.45 -7.52 -2.72
CA LEU A 317 4.81 -6.25 -2.11
C LEU A 317 4.27 -6.13 -0.69
N ALA A 318 3.11 -6.73 -0.41
CA ALA A 318 2.58 -6.70 0.95
C ALA A 318 3.45 -7.49 1.92
N VAL A 319 3.91 -8.67 1.52
CA VAL A 319 4.72 -9.50 2.41
C VAL A 319 6.08 -8.85 2.68
N VAL A 320 6.70 -8.25 1.66
CA VAL A 320 7.99 -7.59 1.87
C VAL A 320 7.87 -6.40 2.79
N PHE A 321 6.81 -5.61 2.64
CA PHE A 321 6.66 -4.45 3.51
C PHE A 321 6.33 -4.83 4.95
N ASP A 322 5.62 -5.93 5.16
CA ASP A 322 5.28 -6.29 6.53
C ASP A 322 6.47 -6.88 7.29
N THR A 323 7.34 -7.63 6.62
CA THR A 323 8.56 -8.03 7.32
C THR A 323 9.49 -6.84 7.56
N PHE A 324 9.44 -5.84 6.68
CA PHE A 324 10.23 -4.64 6.90
C PHE A 324 9.76 -3.87 8.14
N ASN A 325 8.45 -3.83 8.39
CA ASN A 325 7.98 -3.17 9.59
C ASN A 325 8.38 -3.91 10.86
N ASP A 326 8.36 -5.25 10.84
CA ASP A 326 8.78 -5.98 12.03
C ASP A 326 10.26 -5.79 12.31
N ILE A 327 11.08 -5.75 11.25
CA ILE A 327 12.51 -5.53 11.44
C ILE A 327 12.79 -4.14 12.01
N GLU A 328 12.05 -3.12 11.55
CA GLU A 328 12.21 -1.80 12.14
C GLU A 328 11.75 -1.73 13.59
N LYS A 329 10.70 -2.46 13.93
CA LYS A 329 10.21 -2.46 15.30
C LYS A 329 11.24 -3.06 16.24
N HIS A 330 11.92 -4.13 15.82
CA HIS A 330 12.94 -4.72 16.69
C HIS A 330 14.21 -3.90 16.72
N LYS A 331 14.52 -3.17 15.65
CA LYS A 331 15.68 -2.28 15.68
C LYS A 331 15.44 -1.10 16.62
N PHE A 332 14.23 -0.56 16.62
CA PHE A 332 13.92 0.52 17.55
C PHE A 332 13.89 0.03 18.99
N LYS A 333 13.47 -1.22 19.21
CA LYS A 333 13.52 -1.80 20.55
C LYS A 333 14.95 -1.88 21.05
N SER A 334 15.87 -2.36 20.20
CA SER A 334 17.25 -2.48 20.64
C SER A 334 17.92 -1.12 20.82
N LEU A 335 17.44 -0.08 20.12
CA LEU A 335 18.01 1.24 20.34
C LEU A 335 17.56 1.85 21.66
N LEU A 336 16.28 1.73 22.02
CA LEU A 336 15.83 2.21 23.33
C LEU A 336 16.51 1.48 24.47
N LEU A 337 16.63 0.16 24.36
CA LEU A 337 17.22 -0.58 25.46
C LEU A 337 18.71 -0.32 25.58
N HIS A 338 19.38 -0.04 24.46
CA HIS A 338 20.79 0.32 24.54
C HIS A 338 20.99 1.70 25.14
N LYS A 339 20.03 2.62 24.94
CA LYS A 339 20.11 3.89 25.67
C LYS A 339 19.90 3.69 27.16
N ARG A 340 18.99 2.78 27.51
CA ARG A 340 18.58 2.62 28.89
C ARG A 340 19.70 2.05 29.76
N THR A 341 20.47 1.10 29.21
CA THR A 341 21.60 0.60 29.98
C THR A 341 22.68 1.64 30.15
N ALA A 342 22.81 2.57 29.20
CA ALA A 342 23.81 3.63 29.33
C ALA A 342 23.44 4.58 30.46
N ILE A 343 22.15 4.87 30.60
CA ILE A 343 21.70 5.69 31.73
C ILE A 343 21.93 4.95 33.05
N GLN A 344 21.76 3.63 33.04
CA GLN A 344 21.97 2.86 34.27
C GLN A 344 23.43 2.81 34.67
N HIS A 345 24.34 2.78 33.69
CA HIS A 345 25.77 2.84 34.03
C HIS A 345 26.16 4.21 34.57
N ALA A 346 25.54 5.27 34.05
CA ALA A 346 25.86 6.61 34.54
C ALA A 346 25.36 6.82 35.96
N TYR A 347 24.15 6.35 36.25
CA TYR A 347 23.63 6.45 37.61
C TYR A 347 24.40 5.57 38.57
N GLY A 348 24.93 4.46 38.07
CA GLY A 348 25.83 3.66 38.88
C GLY A 348 27.13 4.38 39.16
N LEU A 349 27.55 5.25 38.24
CA LEU A 349 28.86 5.86 38.37
C LEU A 349 28.84 7.09 39.27
N LEU A 350 27.84 7.97 39.13
CA LEU A 350 27.84 9.20 39.91
C LEU A 350 26.69 9.29 40.91
N ALA A 351 26.32 8.17 41.52
CA ALA A 351 25.36 8.23 42.61
C ALA A 351 26.02 8.74 43.88
N SER A 352 25.24 8.84 44.94
CA SER A 352 25.77 9.37 46.20
C SER A 352 26.66 8.36 46.89
N GLN A 353 26.19 7.12 47.01
CA GLN A 353 26.69 6.09 47.94
C GLN A 353 26.81 6.69 49.35
N ARG A 354 25.65 7.14 49.83
CA ARG A 354 25.50 7.79 51.12
C ARG A 354 24.20 7.30 51.73
N ARG A 355 23.71 7.99 52.76
CA ARG A 355 22.41 7.65 53.33
C ARG A 355 21.24 8.03 52.42
N PRO A 356 21.27 9.15 51.68
CA PRO A 356 20.33 9.25 50.55
C PRO A 356 20.90 8.62 49.30
N ALA A 357 20.02 8.01 48.51
CA ALA A 357 20.39 7.36 47.26
C ALA A 357 19.84 8.21 46.11
N GLY A 358 20.71 8.94 45.45
CA GLY A 358 20.29 9.78 44.35
C GLY A 358 21.47 10.46 43.70
N ILE A 359 21.19 11.57 43.04
CA ILE A 359 22.22 12.40 42.42
C ILE A 359 22.04 13.81 42.95
N SER A 360 23.10 14.37 43.52
CA SER A 360 23.04 15.73 44.01
C SER A 360 23.13 16.72 42.84
N TYR A 361 22.99 18.00 43.16
CA TYR A 361 23.11 19.00 42.09
C TYR A 361 24.55 19.17 41.64
N ARG A 362 25.51 18.85 42.50
CA ARG A 362 26.91 19.06 42.16
C ARG A 362 27.35 18.09 41.08
N GLN A 363 26.96 16.82 41.21
CA GLN A 363 27.29 15.82 40.20
C GLN A 363 26.52 16.05 38.90
N PHE A 364 25.31 16.61 38.98
CA PHE A 364 24.55 16.88 37.77
C PHE A 364 25.14 18.07 37.02
N GLU A 365 25.70 19.03 37.75
CA GLU A 365 26.55 20.05 37.16
C GLU A 365 27.76 19.41 36.50
N GLY A 366 28.27 18.33 37.09
CA GLY A 366 29.42 17.64 36.53
C GLY A 366 29.13 16.92 35.22
N LEU A 367 27.92 16.36 35.08
CA LEU A 367 27.53 15.82 33.78
C LEU A 367 27.40 16.93 32.75
N MET A 368 26.71 18.01 33.09
CA MET A 368 26.42 18.98 32.06
C MET A 368 27.61 19.84 31.65
N ARG A 369 28.73 19.78 32.38
CA ARG A 369 29.94 20.46 31.94
C ARG A 369 30.82 19.58 31.07
N PHE A 370 30.44 18.32 30.84
CA PHE A 370 31.16 17.45 29.91
C PHE A 370 30.25 16.82 28.87
N TYR A 371 29.03 16.47 29.23
CA TYR A 371 27.99 16.11 28.28
C TYR A 371 27.17 17.35 27.99
N LYS A 372 26.94 17.63 26.71
CA LYS A 372 26.37 18.87 26.20
C LYS A 372 27.09 20.11 26.74
N PRO A 373 28.33 20.38 26.31
CA PRO A 373 28.97 21.63 26.75
C PRO A 373 28.45 22.81 25.95
N ARG A 374 29.04 23.98 26.16
CA ARG A 374 28.53 25.27 25.65
C ARG A 374 27.09 25.47 26.09
N MET A 375 26.93 25.56 27.40
CA MET A 375 25.61 25.58 28.04
C MET A 375 25.70 26.46 29.28
N SER A 376 24.72 27.33 29.46
CA SER A 376 24.75 28.25 30.59
C SER A 376 24.46 27.52 31.89
N ALA A 377 24.90 28.11 32.99
CA ALA A 377 24.63 27.54 34.30
C ALA A 377 23.17 27.72 34.67
N ARG A 378 22.54 28.75 34.13
CA ARG A 378 21.11 28.95 34.30
C ARG A 378 20.33 27.86 33.58
N GLU A 379 20.76 27.49 32.38
CA GLU A 379 20.12 26.41 31.64
C GLU A 379 20.37 25.06 32.30
N ARG A 380 21.54 24.94 32.95
CA ARG A 380 21.90 23.72 33.64
C ARG A 380 21.00 23.49 34.85
N PHE A 381 20.76 24.55 35.62
CA PHE A 381 19.85 24.47 36.76
C PHE A 381 18.42 24.22 36.30
N LEU A 382 18.03 24.77 35.16
CA LEU A 382 16.67 24.54 34.65
C LEU A 382 16.46 23.10 34.24
N THR A 383 17.48 22.46 33.66
CA THR A 383 17.33 21.05 33.31
C THR A 383 17.29 20.18 34.54
N PHE A 384 18.00 20.57 35.60
CA PHE A 384 17.94 19.80 36.84
C PHE A 384 16.55 19.87 37.45
N LYS A 385 15.94 21.06 37.49
CA LYS A 385 14.62 21.17 38.09
C LYS A 385 13.56 20.54 37.17
N ALA A 386 13.81 20.47 35.87
CA ALA A 386 12.91 19.73 35.00
C ALA A 386 13.08 18.22 35.17
N LEU A 387 14.22 17.76 35.67
CA LEU A 387 14.37 16.33 35.97
C LEU A 387 13.92 15.92 37.36
N ASN A 388 13.75 16.86 38.30
CA ASN A 388 13.46 16.48 39.69
C ASN A 388 12.16 15.71 39.87
N GLN A 389 11.01 16.36 39.64
CA GLN A 389 9.69 15.73 39.49
C GLN A 389 9.22 15.01 40.76
N SER A 390 9.97 15.11 41.85
CA SER A 390 9.61 14.50 43.12
C SER A 390 9.90 15.41 44.29
N ASN A 391 10.46 16.59 44.05
CA ASN A 391 10.58 17.70 45.01
C ASN A 391 11.47 17.35 46.20
N THR A 392 12.42 16.46 45.99
CA THR A 392 13.50 16.20 46.92
C THR A 392 14.81 16.57 46.24
N PRO A 393 15.84 16.97 46.98
CA PRO A 393 17.10 17.37 46.34
C PRO A 393 17.94 16.20 45.82
N LEU A 394 17.35 15.34 45.00
CA LEU A 394 18.00 14.14 44.48
C LEU A 394 17.37 13.80 43.13
N LEU A 395 17.89 12.76 42.50
CA LEU A 395 17.29 12.19 41.31
C LEU A 395 17.25 10.67 41.46
N SER A 396 16.06 10.09 41.42
CA SER A 396 15.97 8.65 41.35
C SER A 396 16.04 8.22 39.89
N LEU A 397 16.18 6.91 39.66
CA LEU A 397 16.24 6.38 38.30
C LEU A 397 14.94 6.59 37.54
N LYS A 398 13.81 6.66 38.24
CA LYS A 398 12.54 6.85 37.55
C LYS A 398 12.41 8.25 36.97
N ASP A 399 13.23 9.20 37.43
CA ASP A 399 13.23 10.54 36.89
C ASP A 399 14.52 10.89 36.16
N PHE A 400 15.55 10.05 36.28
CA PHE A 400 16.79 10.19 35.53
C PHE A 400 16.77 9.35 34.26
N TYR A 401 15.69 8.61 34.00
CA TYR A 401 15.54 7.90 32.74
C TYR A 401 15.15 8.78 31.57
N ASP A 402 15.16 10.09 31.74
CA ASP A 402 14.65 11.03 30.74
C ASP A 402 15.66 12.13 30.49
N ILE A 403 16.93 11.76 30.30
CA ILE A 403 17.97 12.77 30.09
C ILE A 403 17.90 13.31 28.68
N TYR A 404 17.79 12.41 27.71
CA TYR A 404 17.96 12.73 26.30
C TYR A 404 16.83 13.62 25.78
N GLU A 405 15.69 13.62 26.43
CA GLU A 405 14.55 14.40 26.00
C GLU A 405 14.37 15.68 26.79
N VAL A 406 15.25 15.95 27.77
CA VAL A 406 15.24 17.21 28.49
C VAL A 406 16.53 17.99 28.30
N ALA A 407 17.67 17.29 28.22
CA ALA A 407 18.93 17.98 27.97
C ALA A 407 19.07 18.47 26.53
N ALA A 408 18.11 18.21 25.66
CA ALA A 408 18.18 18.62 24.27
C ALA A 408 17.33 19.85 23.96
N LEU A 409 16.71 20.46 24.96
CA LEU A 409 15.81 21.57 24.74
C LEU A 409 16.45 22.87 25.20
N GLN A 410 16.15 23.94 24.45
CA GLN A 410 16.69 25.27 24.71
C GLN A 410 15.71 26.08 25.52
N TRP A 411 16.23 26.78 26.52
CA TRP A 411 15.42 27.51 27.48
C TRP A 411 15.36 28.99 27.13
N LYS A 412 14.16 29.55 27.21
CA LYS A 412 13.94 30.97 26.99
C LYS A 412 13.17 31.54 28.15
N ALA A 413 13.34 32.83 28.37
CA ALA A 413 12.56 33.56 29.35
C ALA A 413 11.22 33.94 28.74
N LYS A 414 10.40 34.67 29.49
CA LYS A 414 9.14 35.20 28.99
C LYS A 414 9.12 36.70 29.22
N ARG A 415 8.98 37.46 28.14
CA ARG A 415 8.99 38.92 28.20
C ARG A 415 7.79 39.42 27.41
N ASN A 416 6.99 40.29 28.03
CA ASN A 416 5.77 40.77 27.41
C ASN A 416 5.92 42.15 26.76
N ARG A 417 7.06 42.79 26.91
CA ARG A 417 7.25 44.10 26.28
C ARG A 417 7.53 43.93 24.78
N GLN A 418 7.35 45.03 24.06
CA GLN A 418 7.63 45.05 22.63
C GLN A 418 9.07 45.48 22.38
N HIS A 419 9.49 45.34 21.12
CA HIS A 419 10.86 45.65 20.73
C HIS A 419 10.98 46.99 20.03
N TRP A 420 9.94 47.81 20.06
CA TRP A 420 10.01 49.13 19.46
C TRP A 420 9.41 50.21 20.37
N PHE A 421 9.31 49.94 21.68
CA PHE A 421 8.66 50.85 22.61
C PHE A 421 9.58 51.40 23.70
N ASP A 422 10.59 50.65 24.12
CA ASP A 422 11.53 51.11 25.14
C ASP A 422 12.63 51.98 24.55
N GLU A 423 12.64 52.16 23.23
CA GLU A 423 13.69 52.88 22.53
C GLU A 423 13.26 54.26 22.08
N LEU A 424 12.06 54.39 21.52
CA LEU A 424 11.60 55.64 20.91
C LEU A 424 10.73 56.43 21.88
N PRO A 425 10.73 57.77 21.75
CA PRO A 425 9.81 58.60 22.54
C PRO A 425 8.40 58.64 22.00
N ARG A 426 7.58 59.54 22.54
CA ARG A 426 6.18 59.72 22.15
C ARG A 426 6.05 60.17 20.70
N THR A 427 4.80 60.07 20.20
CA THR A 427 4.26 60.55 18.91
C THR A 427 4.75 59.67 17.74
N ALA A 428 5.64 58.72 18.03
CA ALA A 428 5.83 57.54 17.21
C ALA A 428 5.51 56.27 17.98
N PHE A 429 5.53 56.37 19.30
CA PHE A 429 5.00 55.35 20.19
C PHE A 429 3.54 55.07 19.89
N LEU A 430 2.77 56.13 19.61
CA LEU A 430 1.36 55.97 19.26
C LEU A 430 1.22 55.43 17.84
N ILE A 431 2.23 55.66 17.00
CA ILE A 431 2.22 55.11 15.64
C ILE A 431 2.36 53.60 15.67
N PHE A 432 3.40 53.11 16.36
CA PHE A 432 3.62 51.67 16.39
C PHE A 432 2.57 50.94 17.21
N LYS A 433 1.98 51.62 18.20
CA LYS A 433 0.75 51.09 18.81
C LYS A 433 -0.37 50.98 17.79
N GLY A 434 -0.49 51.98 16.90
CA GLY A 434 -1.55 51.95 15.91
C GLY A 434 -1.40 50.83 14.91
N ILE A 435 -0.16 50.56 14.49
CA ILE A 435 0.08 49.48 13.54
C ILE A 435 -0.09 48.12 14.20
N ASN A 436 0.25 48.01 15.49
CA ASN A 436 0.03 46.76 16.20
C ASN A 436 -1.46 46.46 16.34
N ILE A 437 -2.25 47.48 16.63
CA ILE A 437 -3.70 47.29 16.77
C ILE A 437 -4.32 46.91 15.42
N LEU A 438 -3.83 47.53 14.34
CA LEU A 438 -4.37 47.20 13.02
C LEU A 438 -3.96 45.81 12.56
N VAL A 439 -2.73 45.40 12.87
CA VAL A 439 -2.26 44.11 12.38
C VAL A 439 -2.80 42.97 13.22
N ASN A 440 -3.37 43.25 14.39
CA ASN A 440 -3.93 42.21 15.24
C ASN A 440 -5.42 42.45 15.47
N SER A 441 -6.16 42.72 14.39
CA SER A 441 -7.51 43.20 14.50
C SER A 441 -8.58 42.22 14.05
N LYS A 442 -8.19 41.11 13.40
CA LYS A 442 -9.06 40.08 12.82
C LYS A 442 -9.97 40.58 11.68
N ALA A 443 -9.84 41.85 11.29
CA ALA A 443 -10.48 42.31 10.08
C ALA A 443 -9.44 42.53 8.99
N PHE A 444 -8.22 42.85 9.41
CA PHE A 444 -7.10 42.96 8.49
C PHE A 444 -6.77 41.60 7.87
N GLN A 445 -6.94 40.52 8.64
CA GLN A 445 -6.70 39.18 8.13
C GLN A 445 -7.73 38.80 7.08
N TYR A 446 -9.02 38.96 7.41
CA TYR A 446 -10.09 38.63 6.47
C TYR A 446 -10.03 39.52 5.24
N PHE A 447 -9.56 40.76 5.41
CA PHE A 447 -9.31 41.62 4.26
C PHE A 447 -8.23 41.05 3.35
N MET A 448 -7.15 40.52 3.94
CA MET A 448 -6.07 39.99 3.10
C MET A 448 -6.47 38.70 2.40
N TYR A 449 -7.30 37.87 3.04
CA TYR A 449 -7.85 36.71 2.33
C TYR A 449 -8.73 37.15 1.18
N LEU A 450 -9.47 38.25 1.36
CA LEU A 450 -10.31 38.76 0.27
C LEU A 450 -9.46 39.28 -0.88
N VAL A 451 -8.29 39.86 -0.57
CA VAL A 451 -7.38 40.32 -1.60
C VAL A 451 -6.83 39.16 -2.41
N VAL A 452 -6.50 38.06 -1.72
CA VAL A 452 -5.99 36.87 -2.40
C VAL A 452 -7.06 36.25 -3.30
N ALA A 453 -8.31 36.22 -2.82
CA ALA A 453 -9.39 35.60 -3.59
C ALA A 453 -9.74 36.41 -4.84
N VAL A 454 -9.74 37.74 -4.72
CA VAL A 454 -9.96 38.60 -5.88
C VAL A 454 -8.81 38.45 -6.88
N ASN A 455 -7.58 38.28 -6.36
CA ASN A 455 -6.42 38.08 -7.22
C ASN A 455 -6.52 36.79 -8.03
N GLY A 456 -7.01 35.72 -7.41
CA GLY A 456 -7.13 34.46 -8.13
C GLY A 456 -8.21 34.47 -9.19
N VAL A 457 -9.35 35.09 -8.88
CA VAL A 457 -10.43 35.20 -9.86
C VAL A 457 -9.99 36.08 -11.02
N TRP A 458 -9.19 37.11 -10.73
CA TRP A 458 -8.65 37.98 -11.77
C TRP A 458 -7.72 37.22 -12.70
N ILE A 459 -6.89 36.33 -12.16
CA ILE A 459 -5.96 35.57 -12.99
C ILE A 459 -6.72 34.60 -13.90
N LEU A 460 -7.74 33.93 -13.35
CA LEU A 460 -8.51 32.96 -14.14
C LEU A 460 -9.29 33.62 -15.28
N VAL A 461 -9.95 34.73 -14.98
CA VAL A 461 -10.70 35.45 -16.02
C VAL A 461 -9.75 36.05 -17.05
N GLU A 462 -8.55 36.44 -16.63
CA GLU A 462 -7.62 37.02 -17.59
C GLU A 462 -7.02 35.96 -18.50
N THR A 463 -6.92 34.70 -18.04
CA THR A 463 -6.53 33.64 -18.96
C THR A 463 -7.65 33.26 -19.93
N PHE A 464 -8.92 33.34 -19.51
CA PHE A 464 -9.99 33.15 -20.47
C PHE A 464 -10.15 34.30 -21.45
N MET A 465 -9.71 35.51 -21.10
CA MET A 465 -9.75 36.62 -22.05
C MET A 465 -8.73 36.43 -23.17
N LEU A 466 -7.46 36.36 -22.81
CA LEU A 466 -6.38 36.30 -23.78
C LEU A 466 -6.06 34.89 -24.25
N LYS A 467 -6.97 33.93 -24.00
CA LYS A 467 -6.88 32.54 -24.45
C LYS A 467 -5.62 31.84 -23.96
N GLY A 468 -5.14 32.23 -22.78
CA GLY A 468 -3.88 31.73 -22.27
C GLY A 468 -2.66 32.35 -22.91
N GLY A 469 -2.82 33.30 -23.81
CA GLY A 469 -1.72 33.90 -24.52
C GLY A 469 -1.04 35.04 -23.80
N ASN A 470 -1.46 35.37 -22.59
CA ASN A 470 -0.83 36.46 -21.85
C ASN A 470 0.49 36.05 -21.21
N PHE A 471 0.82 34.76 -21.18
CA PHE A 471 2.05 34.32 -20.55
C PHE A 471 3.24 34.28 -21.50
N THR A 472 3.19 35.06 -22.58
CA THR A 472 4.28 35.12 -23.54
C THR A 472 4.82 36.53 -23.77
N SER A 473 4.08 37.57 -23.41
CA SER A 473 4.43 38.92 -23.79
C SER A 473 5.47 39.51 -22.84
N LYS A 474 6.23 40.47 -23.36
CA LYS A 474 7.18 41.23 -22.55
C LYS A 474 6.47 42.23 -21.64
N HIS A 475 5.23 42.59 -21.96
CA HIS A 475 4.51 43.64 -21.25
C HIS A 475 4.01 43.13 -19.90
N VAL A 476 4.49 43.73 -18.83
CA VAL A 476 3.97 43.44 -17.48
C VAL A 476 2.57 44.05 -17.36
N PRO A 477 1.58 43.28 -16.93
CA PRO A 477 0.25 43.86 -16.69
C PRO A 477 0.28 44.80 -15.50
N TRP A 478 -0.53 45.86 -15.58
CA TRP A 478 -0.55 46.83 -14.48
C TRP A 478 -1.30 46.26 -13.29
N SER A 479 -2.16 45.27 -13.52
CA SER A 479 -2.85 44.58 -12.43
C SER A 479 -1.86 43.84 -11.53
N TYR A 480 -0.82 43.26 -12.14
CA TYR A 480 0.25 42.62 -11.39
C TYR A 480 0.98 43.63 -10.51
N LEU A 481 1.15 44.85 -11.00
CA LEU A 481 1.79 45.90 -10.20
C LEU A 481 0.89 46.33 -9.04
N VAL A 482 -0.42 46.34 -9.26
CA VAL A 482 -1.36 46.74 -8.21
C VAL A 482 -1.32 45.74 -7.06
N PHE A 483 -1.46 44.45 -7.37
CA PHE A 483 -1.44 43.44 -6.32
C PHE A 483 -0.08 43.33 -5.65
N LEU A 484 1.01 43.54 -6.40
CA LEU A 484 2.33 43.50 -5.78
C LEU A 484 2.52 44.67 -4.81
N THR A 485 1.94 45.83 -5.10
CA THR A 485 1.97 46.92 -4.12
C THR A 485 1.14 46.61 -2.89
N ILE A 486 0.03 45.87 -3.04
CA ILE A 486 -0.77 45.52 -1.87
C ILE A 486 -0.02 44.56 -0.96
N TYR A 487 0.59 43.51 -1.53
CA TYR A 487 1.33 42.58 -0.69
C TYR A 487 2.59 43.21 -0.11
N GLY A 488 3.16 44.18 -0.82
CA GLY A 488 4.35 44.86 -0.30
C GLY A 488 4.04 45.74 0.89
N VAL A 489 2.98 46.54 0.79
CA VAL A 489 2.60 47.43 1.89
C VAL A 489 2.13 46.61 3.09
N GLU A 490 1.41 45.51 2.83
CA GLU A 490 1.02 44.60 3.90
C GLU A 490 2.25 43.95 4.56
N LEU A 491 3.31 43.71 3.78
CA LEU A 491 4.52 43.14 4.35
C LEU A 491 5.21 44.12 5.28
N PHE A 492 5.36 45.38 4.87
CA PHE A 492 6.02 46.37 5.74
C PHE A 492 5.19 46.65 6.98
N MET A 493 3.86 46.76 6.82
CA MET A 493 3.01 47.05 7.97
C MET A 493 2.99 45.89 8.97
N LYS A 494 3.05 44.66 8.48
CA LYS A 494 3.06 43.53 9.40
C LYS A 494 4.44 43.33 10.03
N VAL A 495 5.51 43.58 9.29
CA VAL A 495 6.84 43.36 9.86
C VAL A 495 7.22 44.49 10.80
N ALA A 496 6.59 45.66 10.69
CA ALA A 496 6.88 46.76 11.61
C ALA A 496 5.91 46.81 12.78
N GLY A 497 4.62 46.53 12.55
CA GLY A 497 3.66 46.57 13.63
C GLY A 497 3.70 45.38 14.57
N LEU A 498 4.45 44.34 14.21
CA LEU A 498 4.57 43.16 15.04
C LEU A 498 5.98 42.90 15.53
N GLY A 499 7.00 43.31 14.78
CA GLY A 499 8.37 43.07 15.16
C GLY A 499 8.95 41.91 14.37
N PRO A 500 10.17 42.10 13.84
CA PRO A 500 10.71 41.10 12.91
C PRO A 500 11.09 39.79 13.57
N VAL A 501 11.38 39.78 14.86
CA VAL A 501 11.55 38.54 15.60
C VAL A 501 10.23 37.78 15.72
N GLU A 502 9.13 38.48 16.00
CA GLU A 502 7.82 37.87 16.11
C GLU A 502 7.15 37.75 14.74
N TYR A 503 7.86 38.13 13.68
CA TYR A 503 7.37 37.94 12.32
C TYR A 503 7.93 36.69 11.67
N LEU A 504 9.20 36.39 11.88
CA LEU A 504 9.83 35.22 11.29
C LEU A 504 9.58 33.95 12.10
N SER A 505 8.85 34.06 13.20
CA SER A 505 8.53 32.88 14.02
C SER A 505 7.63 31.91 13.27
N SER A 506 6.48 32.40 12.79
CA SER A 506 5.56 31.55 12.05
C SER A 506 6.10 31.23 10.67
N GLY A 507 5.62 30.11 10.12
CA GLY A 507 6.13 29.64 8.84
C GLY A 507 5.45 30.30 7.67
N TRP A 508 4.16 30.62 7.83
CA TRP A 508 3.40 31.24 6.75
C TRP A 508 3.87 32.66 6.48
N ASN A 509 4.26 33.40 7.53
CA ASN A 509 4.80 34.74 7.33
C ASN A 509 6.15 34.67 6.62
N LEU A 510 6.93 33.64 6.93
CA LEU A 510 8.19 33.41 6.21
C LEU A 510 7.94 33.08 4.75
N PHE A 511 6.88 32.33 4.47
CA PHE A 511 6.51 32.02 3.09
C PHE A 511 6.06 33.25 2.34
N ASP A 512 5.28 34.13 3.00
CA ASP A 512 4.77 35.32 2.32
C ASP A 512 5.88 36.32 2.08
N PHE A 513 6.81 36.45 3.03
CA PHE A 513 7.98 37.30 2.83
C PHE A 513 8.84 36.77 1.70
N SER A 514 9.00 35.45 1.61
CA SER A 514 9.85 34.87 0.59
C SER A 514 9.26 35.08 -0.80
N VAL A 515 7.94 34.89 -0.95
CA VAL A 515 7.29 35.03 -2.24
C VAL A 515 7.29 36.49 -2.69
N THR A 516 6.97 37.40 -1.76
CA THR A 516 6.86 38.81 -2.12
C THR A 516 8.23 39.41 -2.46
N ALA A 517 9.26 39.08 -1.67
CA ALA A 517 10.61 39.53 -1.99
C ALA A 517 11.15 38.86 -3.24
N PHE A 518 10.64 37.68 -3.59
CA PHE A 518 11.00 37.06 -4.86
C PHE A 518 10.38 37.82 -6.03
N ALA A 519 9.16 38.33 -5.84
CA ALA A 519 8.50 39.06 -6.92
C ALA A 519 9.08 40.45 -7.12
N PHE A 520 9.58 41.08 -6.06
CA PHE A 520 10.31 42.35 -6.26
C PHE A 520 11.60 42.11 -7.02
N LEU A 521 12.25 40.97 -6.79
CA LEU A 521 13.49 40.64 -7.49
C LEU A 521 13.23 40.40 -8.97
N GLY A 522 12.13 39.72 -9.29
CA GLY A 522 11.78 39.50 -10.68
C GLY A 522 11.36 40.77 -11.39
N LEU A 523 10.65 41.65 -10.68
CA LEU A 523 10.21 42.91 -11.26
C LEU A 523 11.40 43.83 -11.53
N LEU A 524 12.33 43.89 -10.58
CA LEU A 524 13.49 44.77 -10.71
C LEU A 524 14.45 44.25 -11.78
N ALA A 525 14.59 42.92 -11.86
CA ALA A 525 15.46 42.34 -12.89
C ALA A 525 14.85 42.48 -14.28
N LEU A 526 13.51 42.56 -14.35
CA LEU A 526 12.88 42.71 -15.66
C LEU A 526 12.94 44.15 -16.14
N THR A 527 12.80 45.11 -15.23
CA THR A 527 13.06 46.50 -15.61
C THR A 527 14.53 46.78 -15.85
N LEU A 528 15.43 45.93 -15.35
CA LEU A 528 16.84 45.96 -15.69
C LEU A 528 17.12 45.27 -17.02
N ASN A 529 16.08 44.79 -17.71
CA ASN A 529 16.11 44.09 -19.00
C ASN A 529 16.93 42.81 -18.92
N MET A 530 16.86 42.08 -17.81
CA MET A 530 17.36 40.70 -17.75
C MET A 530 16.17 39.79 -18.02
N GLU A 531 15.81 39.68 -19.29
CA GLU A 531 14.70 38.88 -19.78
C GLU A 531 14.68 37.39 -19.43
N PRO A 532 15.80 36.69 -19.15
CA PRO A 532 15.65 35.33 -18.58
C PRO A 532 15.05 35.26 -17.18
N PHE A 533 14.89 36.40 -16.50
CA PHE A 533 14.21 36.43 -15.21
C PHE A 533 12.73 36.78 -15.35
N TYR A 534 12.10 36.37 -16.44
CA TYR A 534 10.68 36.60 -16.62
C TYR A 534 9.83 35.45 -16.09
N PHE A 535 10.44 34.31 -15.77
CA PHE A 535 9.67 33.22 -15.21
C PHE A 535 9.19 33.52 -13.80
N ILE A 536 9.81 34.48 -13.12
CA ILE A 536 9.29 34.95 -11.84
C ILE A 536 7.97 35.67 -12.05
N VAL A 537 7.83 36.39 -13.16
CA VAL A 537 6.56 37.02 -13.50
C VAL A 537 5.55 35.95 -13.90
N VAL A 538 6.02 34.85 -14.48
CA VAL A 538 5.12 33.77 -14.88
C VAL A 538 4.54 33.05 -13.66
N LEU A 539 5.33 32.90 -12.60
CA LEU A 539 4.85 32.21 -11.39
C LEU A 539 4.02 33.12 -10.50
N ARG A 540 2.96 33.72 -11.03
CA ARG A 540 2.03 34.48 -10.20
C ARG A 540 1.20 33.63 -9.24
N PRO A 541 0.56 32.49 -9.65
CA PRO A 541 -0.39 31.86 -8.71
C PRO A 541 0.21 31.17 -7.47
N LEU A 542 1.51 31.27 -7.22
CA LEU A 542 2.00 30.83 -5.92
C LEU A 542 1.59 31.76 -4.79
N GLN A 543 1.14 32.97 -5.10
CA GLN A 543 0.57 33.84 -4.08
C GLN A 543 -0.80 33.36 -3.62
N LEU A 544 -1.46 32.52 -4.42
CA LEU A 544 -2.71 31.89 -4.05
C LEU A 544 -2.52 30.70 -3.12
N LEU A 545 -1.29 30.37 -2.74
CA LEU A 545 -1.06 29.27 -1.83
C LEU A 545 -1.23 29.70 -0.38
N ARG A 546 -1.38 31.01 -0.12
CA ARG A 546 -1.74 31.46 1.22
C ARG A 546 -3.14 31.02 1.59
N LEU A 547 -4.00 30.84 0.60
CA LEU A 547 -5.42 30.56 0.81
C LEU A 547 -5.66 29.16 1.38
N PHE A 548 -4.65 28.30 1.39
CA PHE A 548 -4.78 26.96 1.91
C PHE A 548 -4.65 26.86 3.43
N LYS A 549 -4.23 27.90 4.12
CA LYS A 549 -4.24 27.82 5.58
C LYS A 549 -5.61 28.08 6.17
N LEU A 550 -6.60 28.36 5.32
CA LEU A 550 -7.95 28.58 5.79
C LEU A 550 -8.61 27.28 6.25
N LYS A 551 -8.19 26.14 5.71
CA LYS A 551 -8.77 24.86 6.04
C LYS A 551 -7.85 24.10 6.98
N LYS A 552 -8.43 23.27 7.86
CA LYS A 552 -7.67 22.65 8.94
C LYS A 552 -6.76 21.54 8.42
N ARG A 553 -7.26 20.74 7.47
CA ARG A 553 -6.54 19.55 7.03
C ARG A 553 -5.26 19.93 6.27
N TYR A 554 -5.27 21.07 5.60
CA TYR A 554 -4.04 21.50 4.93
C TYR A 554 -2.99 21.95 5.93
N ARG A 555 -3.42 22.54 7.06
CA ARG A 555 -2.46 22.89 8.11
C ARG A 555 -1.83 21.63 8.70
N ASN A 556 -2.60 20.56 8.83
CA ASN A 556 -2.05 19.29 9.27
C ASN A 556 -1.06 18.72 8.26
N VAL A 557 -1.42 18.75 6.97
CA VAL A 557 -0.57 18.14 5.94
C VAL A 557 0.76 18.88 5.83
N LEU A 558 0.73 20.21 5.86
CA LEU A 558 1.96 20.96 5.69
C LEU A 558 2.83 20.94 6.94
N ASP A 559 2.22 20.87 8.13
CA ASP A 559 3.03 20.72 9.34
C ASP A 559 3.70 19.36 9.40
N THR A 560 2.98 18.30 9.03
CA THR A 560 3.61 16.98 8.93
C THR A 560 4.65 16.91 7.81
N MET A 561 4.49 17.69 6.74
CA MET A 561 5.47 17.64 5.65
C MET A 561 6.77 18.28 6.08
N PHE A 562 6.70 19.36 6.85
CA PHE A 562 7.94 19.92 7.35
C PHE A 562 8.40 19.29 8.66
N GLU A 563 7.71 18.26 9.14
CA GLU A 563 8.24 17.48 10.26
C GLU A 563 8.98 16.23 9.78
N LEU A 564 8.45 15.55 8.77
CA LEU A 564 9.05 14.31 8.27
C LEU A 564 10.06 14.55 7.15
N LEU A 565 10.65 15.74 7.06
CA LEU A 565 11.50 16.04 5.91
C LEU A 565 12.89 15.42 5.99
N PRO A 566 13.63 15.42 7.13
CA PRO A 566 14.95 14.76 7.11
C PRO A 566 14.88 13.26 6.92
N ARG A 567 13.78 12.64 7.34
CA ARG A 567 13.62 11.21 7.15
C ARG A 567 13.42 10.86 5.68
N MET A 568 12.70 11.73 4.95
CA MET A 568 12.53 11.53 3.52
C MET A 568 13.84 11.73 2.77
N ALA A 569 14.66 12.68 3.20
CA ALA A 569 15.98 12.83 2.58
C ALA A 569 16.86 11.62 2.86
N SER A 570 16.77 11.06 4.07
CA SER A 570 17.56 9.89 4.41
C SER A 570 17.11 8.63 3.68
N LEU A 571 15.92 8.62 3.10
CA LEU A 571 15.53 7.49 2.26
C LEU A 571 15.82 7.72 0.78
N GLY A 572 15.74 8.96 0.32
CA GLY A 572 16.15 9.26 -1.04
C GLY A 572 17.62 9.02 -1.29
N LEU A 573 18.45 9.14 -0.24
CA LEU A 573 19.87 8.88 -0.39
C LEU A 573 20.15 7.39 -0.60
N THR A 574 19.31 6.51 -0.02
CA THR A 574 19.48 5.07 -0.24
C THR A 574 19.13 4.71 -1.68
N LEU A 575 18.07 5.31 -2.19
CA LEU A 575 17.70 5.09 -3.59
C LEU A 575 18.78 5.60 -4.53
N LEU A 576 19.50 6.66 -4.15
CA LEU A 576 20.60 7.14 -4.97
C LEU A 576 21.81 6.22 -4.91
N THR A 577 21.97 5.44 -3.83
CA THR A 577 23.06 4.47 -3.82
C THR A 577 22.79 3.32 -4.79
N PHE A 578 21.54 2.86 -4.87
CA PHE A 578 21.21 1.83 -5.87
C PHE A 578 21.38 2.34 -7.29
N TYR A 579 21.03 3.61 -7.54
CA TYR A 579 21.27 4.18 -8.86
C TYR A 579 22.76 4.26 -9.16
N TYR A 580 23.59 4.50 -8.15
CA TYR A 580 25.00 4.73 -8.41
C TYR A 580 25.70 3.46 -8.85
N SER A 581 25.41 2.34 -8.18
CA SER A 581 26.05 1.08 -8.57
C SER A 581 25.56 0.61 -9.93
N PHE A 582 24.25 0.73 -10.21
CA PHE A 582 23.77 0.35 -11.53
C PHE A 582 24.25 1.28 -12.63
N ALA A 583 24.49 2.56 -12.32
CA ALA A 583 24.97 3.47 -13.35
C ALA A 583 26.41 3.19 -13.71
N ILE A 584 27.23 2.74 -12.78
CA ILE A 584 28.63 2.48 -13.12
C ILE A 584 28.76 1.22 -13.97
N VAL A 585 28.02 0.16 -13.62
CA VAL A 585 28.01 -1.03 -14.47
C VAL A 585 27.45 -0.70 -15.86
N GLY A 586 26.42 0.14 -15.89
CA GLY A 586 25.83 0.53 -17.17
C GLY A 586 26.73 1.40 -18.02
N MET A 587 27.59 2.21 -17.40
CA MET A 587 28.53 3.00 -18.20
C MET A 587 29.61 2.11 -18.79
N GLU A 588 30.15 1.20 -18.01
CA GLU A 588 31.30 0.47 -18.52
C GLU A 588 30.93 -0.66 -19.48
N PHE A 589 29.66 -1.04 -19.57
CA PHE A 589 29.32 -2.04 -20.57
C PHE A 589 28.44 -1.55 -21.70
N PHE A 590 27.75 -0.42 -21.57
CA PHE A 590 26.93 0.04 -22.68
C PHE A 590 27.31 1.44 -23.11
N ASN A 591 28.60 1.70 -23.28
CA ASN A 591 29.10 3.05 -23.47
C ASN A 591 28.70 3.64 -24.81
N GLY A 592 29.19 3.08 -25.90
CA GLY A 592 29.03 3.73 -27.18
C GLY A 592 28.11 3.01 -28.12
N ARG A 593 27.04 2.44 -27.59
CA ARG A 593 26.17 1.62 -28.43
C ARG A 593 25.03 2.41 -29.05
N LEU A 594 24.34 3.23 -28.28
CA LEU A 594 23.14 3.91 -28.76
C LEU A 594 23.57 5.17 -29.49
N THR A 595 23.54 5.11 -30.81
CA THR A 595 23.83 6.19 -31.73
C THR A 595 22.55 6.61 -32.42
N PRO A 596 22.52 7.78 -33.07
CA PRO A 596 21.36 8.09 -33.91
C PRO A 596 21.26 7.15 -35.09
N ASN A 597 20.02 6.70 -35.34
CA ASN A 597 19.64 5.93 -36.52
C ASN A 597 20.35 4.59 -36.57
N CYS A 598 20.23 3.83 -35.49
CA CYS A 598 20.74 2.47 -35.43
C CYS A 598 19.61 1.53 -35.01
N CYS A 599 19.96 0.28 -34.69
CA CYS A 599 19.04 -0.74 -34.18
C CYS A 599 17.90 -1.01 -35.15
N ASN A 600 18.21 -1.04 -36.44
CA ASN A 600 17.19 -1.13 -37.48
C ASN A 600 16.83 -2.57 -37.82
N THR A 601 17.47 -3.54 -37.20
CA THR A 601 17.10 -4.93 -37.37
C THR A 601 16.11 -5.44 -36.33
N SER A 602 15.81 -4.64 -35.32
CA SER A 602 14.91 -5.03 -34.27
C SER A 602 13.48 -4.57 -34.59
N THR A 603 12.61 -4.68 -33.60
CA THR A 603 11.25 -4.18 -33.69
C THR A 603 11.13 -2.75 -33.22
N VAL A 604 12.24 -2.11 -32.88
CA VAL A 604 12.24 -0.79 -32.27
C VAL A 604 12.97 0.12 -33.25
N ALA A 605 12.86 -0.17 -34.54
CA ALA A 605 13.52 0.67 -35.53
C ALA A 605 12.82 2.01 -35.68
N ASP A 606 11.55 2.09 -35.28
CA ASP A 606 10.78 3.32 -35.38
C ASP A 606 11.25 4.37 -34.39
N ALA A 607 11.90 3.97 -33.31
CA ALA A 607 12.24 4.88 -32.24
C ALA A 607 13.66 5.39 -32.30
N TYR A 608 14.58 4.65 -32.89
CA TYR A 608 15.95 5.12 -33.10
C TYR A 608 16.08 5.51 -34.58
N ARG A 609 15.53 6.65 -34.94
CA ARG A 609 15.60 7.07 -36.33
C ARG A 609 15.90 8.57 -36.40
N PHE A 610 16.55 8.97 -37.49
CA PHE A 610 16.94 10.36 -37.66
C PHE A 610 17.01 10.62 -39.16
N ILE A 611 15.95 11.22 -39.69
CA ILE A 611 15.77 11.38 -41.12
C ILE A 611 15.74 12.86 -41.45
N ASN A 612 16.58 13.28 -42.40
CA ASN A 612 16.50 14.64 -42.89
C ASN A 612 15.54 14.75 -44.08
N HIS A 613 15.18 15.99 -44.40
CA HIS A 613 14.51 16.32 -45.64
C HIS A 613 15.07 17.66 -46.11
N THR A 614 14.96 17.93 -47.41
CA THR A 614 15.49 19.16 -47.98
C THR A 614 14.44 19.86 -48.82
N VAL A 615 13.23 20.02 -48.29
CA VAL A 615 12.21 20.79 -48.97
C VAL A 615 12.47 22.29 -48.76
N GLY A 616 12.58 23.03 -49.86
CA GLY A 616 12.95 24.43 -49.78
C GLY A 616 14.39 24.58 -49.33
N ASN A 617 14.59 25.41 -48.32
CA ASN A 617 15.86 25.55 -47.62
C ASN A 617 15.64 25.42 -46.12
N LYS A 618 14.68 24.59 -45.74
CA LYS A 618 14.19 24.51 -44.36
C LYS A 618 14.89 23.44 -43.53
N THR A 619 15.42 22.40 -44.20
CA THR A 619 16.05 21.18 -43.64
C THR A 619 15.32 20.67 -42.39
N LYS A 620 14.01 20.46 -42.54
CA LYS A 620 13.19 19.95 -41.46
C LYS A 620 13.49 18.48 -41.19
N VAL A 621 13.68 18.14 -39.92
CA VAL A 621 14.12 16.82 -39.49
C VAL A 621 13.03 16.16 -38.66
N GLU A 622 12.89 14.85 -38.81
CA GLU A 622 12.08 14.06 -37.90
C GLU A 622 12.94 13.01 -37.23
N GLU A 623 12.61 12.68 -35.99
CA GLU A 623 13.50 11.87 -35.17
C GLU A 623 12.69 11.19 -34.09
N GLY A 624 13.26 10.11 -33.55
CA GLY A 624 12.53 9.28 -32.62
C GLY A 624 13.02 9.41 -31.19
N TYR A 625 14.15 10.10 -31.03
CA TYR A 625 14.65 10.69 -29.79
C TYR A 625 15.17 9.70 -28.76
N TYR A 626 14.97 8.41 -28.93
CA TYR A 626 15.41 7.48 -27.89
C TYR A 626 16.88 7.15 -27.94
N TYR A 627 17.63 7.73 -28.86
CA TYR A 627 19.08 7.67 -28.86
C TYR A 627 19.70 8.67 -27.90
N LEU A 628 18.90 9.43 -27.17
CA LEU A 628 19.40 10.37 -26.17
C LEU A 628 19.44 9.76 -24.79
N ASN A 629 18.90 8.56 -24.61
CA ASN A 629 18.97 7.83 -23.35
C ASN A 629 20.21 6.94 -23.36
N ASN A 630 21.35 7.58 -23.27
CA ASN A 630 22.63 6.91 -23.42
C ASN A 630 23.07 6.32 -22.09
N PHE A 631 24.31 5.86 -22.07
CA PHE A 631 25.07 5.60 -20.87
C PHE A 631 26.45 6.22 -21.03
N ASP A 632 26.51 7.38 -21.68
CA ASP A 632 27.79 8.01 -21.99
C ASP A 632 28.43 8.62 -20.77
N ASN A 633 27.65 9.19 -19.87
CA ASN A 633 28.17 9.88 -18.70
C ASN A 633 27.62 9.22 -17.45
N ILE A 634 27.92 9.82 -16.30
CA ILE A 634 27.19 9.44 -15.11
C ILE A 634 25.87 10.20 -15.03
N LEU A 635 25.75 11.32 -15.75
CA LEU A 635 24.54 12.13 -15.68
C LEU A 635 23.49 11.66 -16.68
N ASN A 636 23.92 11.29 -17.89
CA ASN A 636 23.01 10.68 -18.85
C ASN A 636 22.52 9.34 -18.35
N SER A 637 23.37 8.61 -17.61
CA SER A 637 22.93 7.34 -17.06
C SER A 637 22.04 7.55 -15.84
N PHE A 638 22.20 8.64 -15.10
CA PHE A 638 21.26 8.90 -14.02
C PHE A 638 19.87 9.27 -14.53
N VAL A 639 19.79 10.06 -15.60
CA VAL A 639 18.45 10.36 -16.09
C VAL A 639 17.84 9.17 -16.81
N THR A 640 18.67 8.27 -17.34
CA THR A 640 18.15 7.05 -17.93
C THR A 640 17.59 6.12 -16.86
N LEU A 641 18.30 5.95 -15.75
CA LEU A 641 17.78 5.11 -14.67
C LEU A 641 16.57 5.73 -13.99
N PHE A 642 16.45 7.06 -14.02
CA PHE A 642 15.18 7.66 -13.59
C PHE A 642 14.07 7.34 -14.57
N GLU A 643 14.39 7.19 -15.86
CA GLU A 643 13.36 6.80 -16.80
C GLU A 643 13.01 5.33 -16.72
N LEU A 644 13.83 4.54 -16.03
CA LEU A 644 13.49 3.14 -15.83
C LEU A 644 12.79 2.90 -14.50
N THR A 645 12.92 3.82 -13.54
CA THR A 645 12.13 3.70 -12.31
C THR A 645 10.67 3.98 -12.57
N VAL A 646 10.36 5.11 -13.18
CA VAL A 646 9.06 5.33 -13.79
C VAL A 646 8.92 4.29 -14.89
N VAL A 647 7.98 3.36 -14.73
CA VAL A 647 8.06 2.06 -15.39
C VAL A 647 7.87 2.15 -16.91
N ASN A 648 7.22 3.19 -17.42
CA ASN A 648 6.71 3.18 -18.78
C ASN A 648 7.82 3.20 -19.83
N ASN A 649 7.62 2.40 -20.88
CA ASN A 649 8.51 2.28 -22.05
C ASN A 649 9.92 1.90 -21.66
N TRP A 650 10.06 0.91 -20.80
CA TRP A 650 11.39 0.44 -20.46
C TRP A 650 11.88 -0.64 -21.40
N TYR A 651 10.98 -1.31 -22.11
CA TYR A 651 11.38 -2.39 -23.00
C TYR A 651 12.00 -1.84 -24.28
N ILE A 652 11.80 -0.56 -24.57
CA ILE A 652 12.39 0.05 -25.75
C ILE A 652 13.88 0.26 -25.54
N ILE A 653 14.26 0.77 -24.37
CA ILE A 653 15.67 0.92 -24.02
C ILE A 653 16.33 -0.44 -23.88
N MET A 654 15.60 -1.40 -23.31
CA MET A 654 16.08 -2.78 -23.20
C MET A 654 16.40 -3.39 -24.54
N GLU A 655 15.44 -3.35 -25.47
CA GLU A 655 15.64 -4.06 -26.73
C GLU A 655 16.52 -3.27 -27.70
N GLY A 656 16.72 -1.98 -27.47
CA GLY A 656 17.74 -1.27 -28.21
C GLY A 656 19.14 -1.70 -27.80
N VAL A 657 19.37 -1.79 -26.48
CA VAL A 657 20.67 -2.24 -26.00
C VAL A 657 20.96 -3.68 -26.41
N THR A 658 19.97 -4.56 -26.30
CA THR A 658 20.20 -5.93 -26.72
C THR A 658 20.20 -6.10 -28.23
N SER A 659 19.79 -5.08 -28.98
CA SER A 659 20.06 -5.10 -30.40
C SER A 659 21.55 -4.91 -30.65
N GLN A 660 22.20 -4.09 -29.84
CA GLN A 660 23.63 -3.86 -30.07
C GLN A 660 24.52 -4.89 -29.38
N THR A 661 24.20 -5.27 -28.14
CA THR A 661 24.96 -6.26 -27.38
C THR A 661 24.21 -7.61 -27.36
N SER A 662 24.65 -8.51 -26.49
CA SER A 662 24.06 -9.85 -26.39
C SER A 662 22.75 -9.81 -25.58
N HIS A 663 22.22 -11.00 -25.25
CA HIS A 663 20.95 -11.12 -24.53
C HIS A 663 21.12 -11.05 -23.02
N TRP A 664 22.34 -11.14 -22.53
CA TRP A 664 22.53 -11.04 -21.09
C TRP A 664 22.31 -9.61 -20.58
N SER A 665 22.22 -8.65 -21.49
CA SER A 665 21.78 -7.33 -21.07
C SER A 665 20.27 -7.27 -20.87
N ARG A 666 19.50 -8.20 -21.42
CA ARG A 666 18.13 -8.39 -20.95
C ARG A 666 18.13 -8.77 -19.49
N LEU A 667 19.11 -9.59 -19.09
CA LEU A 667 19.19 -9.98 -17.68
C LEU A 667 19.51 -8.78 -16.79
N TYR A 668 20.27 -7.81 -17.31
CA TYR A 668 20.53 -6.56 -16.61
C TYR A 668 19.25 -5.78 -16.32
N PHE A 669 18.46 -5.50 -17.36
CA PHE A 669 17.31 -4.62 -17.18
C PHE A 669 16.20 -5.28 -16.37
N MET A 670 16.09 -6.60 -16.42
CA MET A 670 15.09 -7.28 -15.60
C MET A 670 15.44 -7.21 -14.12
N THR A 671 16.73 -7.41 -13.79
CA THR A 671 17.17 -7.30 -12.40
C THR A 671 16.96 -5.89 -11.85
N PHE A 672 17.22 -4.86 -12.67
CA PHE A 672 17.02 -3.50 -12.22
C PHE A 672 15.56 -3.19 -11.97
N TYR A 673 14.65 -3.78 -12.76
CA TYR A 673 13.22 -3.57 -12.52
C TYR A 673 12.79 -4.09 -11.16
N ILE A 674 13.20 -5.31 -10.82
CA ILE A 674 12.76 -5.92 -9.57
C ILE A 674 13.33 -5.20 -8.36
N VAL A 675 14.60 -4.78 -8.44
CA VAL A 675 15.24 -4.08 -7.34
C VAL A 675 14.58 -2.72 -7.10
N THR A 676 14.35 -1.96 -8.17
CA THR A 676 13.78 -0.63 -7.98
C THR A 676 12.32 -0.68 -7.58
N MET A 677 11.62 -1.79 -7.82
CA MET A 677 10.23 -1.86 -7.43
C MET A 677 10.09 -2.17 -5.94
N VAL A 678 10.95 -3.06 -5.42
CA VAL A 678 10.93 -3.36 -3.99
C VAL A 678 11.35 -2.15 -3.18
N VAL A 679 12.41 -1.46 -3.62
CA VAL A 679 12.90 -0.30 -2.90
C VAL A 679 11.88 0.83 -2.93
N MET A 680 11.20 1.04 -4.05
CA MET A 680 10.28 2.16 -4.16
C MET A 680 9.03 1.94 -3.32
N THR A 681 8.52 0.70 -3.25
CA THR A 681 7.34 0.47 -2.43
C THR A 681 7.65 0.54 -0.95
N ILE A 682 8.83 0.09 -0.53
CA ILE A 682 9.20 0.17 0.88
C ILE A 682 9.36 1.61 1.33
N ILE A 683 10.02 2.45 0.52
CA ILE A 683 10.22 3.85 0.86
C ILE A 683 8.90 4.60 0.95
N VAL A 684 8.05 4.46 -0.06
CA VAL A 684 6.78 5.18 -0.10
C VAL A 684 5.84 4.73 1.01
N ALA A 685 5.76 3.42 1.25
CA ALA A 685 4.81 2.92 2.24
C ALA A 685 5.24 3.27 3.66
N PHE A 686 6.54 3.24 3.94
CA PHE A 686 7.03 3.54 5.28
C PHE A 686 6.85 5.01 5.64
N ILE A 687 7.18 5.90 4.72
CA ILE A 687 6.99 7.34 4.95
C ILE A 687 5.51 7.65 5.13
N LEU A 688 4.66 7.06 4.29
CA LEU A 688 3.24 7.42 4.35
C LEU A 688 2.55 6.79 5.56
N GLU A 689 3.14 5.75 6.15
CA GLU A 689 2.59 5.23 7.41
C GLU A 689 2.85 6.20 8.55
N ALA A 690 4.06 6.78 8.59
CA ALA A 690 4.34 7.81 9.58
C ALA A 690 3.49 9.06 9.34
N PHE A 691 3.20 9.34 8.07
CA PHE A 691 2.48 10.55 7.71
C PHE A 691 1.03 10.48 8.17
N VAL A 692 0.37 9.34 7.91
CA VAL A 692 -1.03 9.19 8.29
C VAL A 692 -1.18 9.06 9.80
N PHE A 693 -0.22 8.40 10.45
CA PHE A 693 -0.27 8.30 11.91
C PHE A 693 -0.21 9.66 12.57
N ARG A 694 0.62 10.56 12.05
CA ARG A 694 0.77 11.81 12.77
C ARG A 694 -0.35 12.79 12.43
N MET A 695 -1.01 12.62 11.28
CA MET A 695 -2.20 13.44 11.03
C MET A 695 -3.38 13.01 11.91
N ASN A 696 -3.63 11.69 12.02
CA ASN A 696 -4.72 11.24 12.87
C ASN A 696 -4.45 11.52 14.34
N TYR A 697 -3.18 11.45 14.75
CA TYR A 697 -2.81 11.87 16.10
C TYR A 697 -3.04 13.35 16.30
N SER A 698 -2.87 14.15 15.24
CA SER A 698 -3.14 15.57 15.36
C SER A 698 -4.63 15.84 15.50
N ARG A 699 -5.47 14.92 15.04
CA ARG A 699 -6.89 15.06 15.34
C ARG A 699 -7.33 14.28 16.59
N LYS A 700 -6.43 13.54 17.23
CA LYS A 700 -6.77 13.02 18.56
C LYS A 700 -6.68 14.12 19.61
N SER A 701 -5.77 15.07 19.42
CA SER A 701 -5.59 16.17 20.36
C SER A 701 -5.57 17.50 19.63
N GLY A 709 6.92 22.06 18.36
CA GLY A 709 7.38 20.95 19.17
C GLY A 709 6.75 20.93 20.55
N ILE A 710 7.27 20.10 21.44
CA ILE A 710 6.74 20.03 22.79
C ILE A 710 7.24 21.23 23.59
N VAL A 711 6.44 21.67 24.55
CA VAL A 711 6.72 22.86 25.34
C VAL A 711 6.59 22.51 26.81
N ILE A 712 7.68 22.69 27.56
CA ILE A 712 7.67 22.55 29.01
C ILE A 712 7.72 23.97 29.60
N GLU A 713 7.24 24.10 30.84
CA GLU A 713 7.20 25.40 31.51
C GLU A 713 7.60 25.21 32.97
N LYS A 714 8.78 25.70 33.34
CA LYS A 714 9.26 25.67 34.71
C LYS A 714 9.62 27.07 35.17
N GLU A 715 9.90 27.20 36.46
CA GLU A 715 10.14 28.49 37.06
C GLU A 715 11.15 28.33 38.20
N MET A 716 11.71 29.45 38.62
CA MET A 716 12.57 29.48 39.78
C MET A 716 12.27 30.73 40.58
N SER A 717 12.78 30.76 41.81
CA SER A 717 12.67 31.92 42.69
C SER A 717 14.06 32.41 43.02
N LYS A 718 14.11 33.59 43.66
CA LYS A 718 15.39 34.11 44.11
C LYS A 718 15.96 33.28 45.26
N GLU A 719 15.08 32.79 46.14
CA GLU A 719 15.46 31.88 47.22
C GLU A 719 16.12 30.62 46.68
N GLU A 720 15.67 30.14 45.51
CA GLU A 720 16.33 29.02 44.85
C GLU A 720 17.60 29.43 44.12
N LEU A 721 17.94 30.72 44.12
CA LEU A 721 19.18 31.15 43.49
C LEU A 721 20.26 31.45 44.53
N MET A 722 19.85 31.76 45.77
CA MET A 722 20.80 31.88 46.87
C MET A 722 21.58 30.58 47.12
N ALA A 723 20.96 29.43 46.89
CA ALA A 723 21.69 28.17 47.04
C ALA A 723 22.68 27.97 45.91
N VAL A 724 22.36 28.46 44.71
CA VAL A 724 23.16 28.16 43.53
C VAL A 724 24.39 29.05 43.49
N LEU A 725 24.25 30.33 43.86
CA LEU A 725 25.30 31.32 43.57
C LEU A 725 26.54 31.10 44.43
N GLU A 726 26.36 30.81 45.73
CA GLU A 726 27.49 30.64 46.61
C GLU A 726 28.27 29.37 46.34
N LEU A 727 27.67 28.38 45.68
CA LEU A 727 28.41 27.20 45.26
C LEU A 727 29.37 27.49 44.14
N TYR A 728 29.01 28.37 43.21
CA TYR A 728 29.92 28.79 42.15
C TYR A 728 30.96 29.78 42.64
N ARG A 729 30.64 30.56 43.68
CA ARG A 729 31.65 31.41 44.29
C ARG A 729 32.63 30.59 45.13
N GLU A 730 32.17 29.51 45.74
CA GLU A 730 33.05 28.72 46.61
C GLU A 730 33.92 27.76 45.82
N GLU A 731 33.34 27.05 44.84
CA GLU A 731 34.12 26.08 44.08
C GLU A 731 35.05 26.75 43.08
N ARG A 732 34.82 28.02 42.75
CA ARG A 732 35.65 28.87 41.90
C ARG A 732 35.79 28.27 40.49
N GLY A 733 34.64 28.25 39.80
CA GLY A 733 34.59 27.91 38.39
C GLY A 733 35.01 29.07 37.50
N THR A 734 34.27 29.25 36.41
CA THR A 734 34.57 30.30 35.45
C THR A 734 33.96 31.62 35.90
N SER A 735 34.05 32.63 35.02
CA SER A 735 33.58 33.97 35.37
C SER A 735 32.25 34.30 34.70
N SER A 736 32.05 33.83 33.47
CA SER A 736 30.84 34.16 32.70
C SER A 736 29.61 33.55 33.32
N ASP A 737 29.75 32.41 34.00
CA ASP A 737 28.62 31.78 34.68
C ASP A 737 28.18 32.62 35.86
N VAL A 738 29.16 33.10 36.63
CA VAL A 738 28.88 33.92 37.82
C VAL A 738 28.24 35.24 37.40
N THR A 739 28.81 35.87 36.37
CA THR A 739 28.26 37.15 35.91
C THR A 739 26.89 36.98 35.25
N ARG A 740 26.62 35.81 34.66
CA ARG A 740 25.28 35.52 34.16
C ARG A 740 24.27 35.48 35.30
N LEU A 741 24.65 34.87 36.42
CA LEU A 741 23.75 34.83 37.57
C LEU A 741 23.63 36.19 38.24
N LEU A 742 24.67 37.04 38.09
CA LEU A 742 24.52 38.43 38.52
C LEU A 742 23.55 39.19 37.62
N ASP A 743 23.54 38.87 36.33
CA ASP A 743 22.63 39.51 35.39
C ASP A 743 21.19 39.15 35.69
N THR A 744 20.92 37.91 36.09
CA THR A 744 19.54 37.58 36.43
C THR A 744 19.18 38.06 37.83
N LEU A 745 20.18 38.36 38.68
CA LEU A 745 19.87 39.12 39.88
C LEU A 745 19.36 40.51 39.54
N SER A 746 19.98 41.15 38.56
CA SER A 746 19.53 42.47 38.11
C SER A 746 18.16 42.41 37.46
N GLN A 747 17.92 41.35 36.66
CA GLN A 747 16.62 41.23 35.99
C GLN A 747 15.52 40.81 36.96
N MET A 748 15.88 40.24 38.11
CA MET A 748 14.87 40.05 39.15
C MET A 748 14.58 41.34 39.89
N GLU A 749 15.58 42.19 40.06
CA GLU A 749 15.36 43.43 40.81
C GLU A 749 14.58 44.47 39.99
N LYS A 750 14.77 44.51 38.67
CA LYS A 750 14.17 45.56 37.85
C LYS A 750 12.64 45.43 37.78
N TYR A 751 12.12 44.21 37.80
CA TYR A 751 10.68 43.97 37.75
C TYR A 751 10.04 43.90 39.14
N GLN A 752 10.84 43.94 40.20
CA GLN A 752 10.40 43.85 41.60
C GLN A 752 9.59 42.59 41.87
N GLN A 753 10.24 41.45 41.68
CA GLN A 753 9.61 40.15 41.89
C GLN A 753 10.70 39.12 42.15
N ASN A 754 10.29 38.01 42.77
CA ASN A 754 11.20 36.92 43.09
C ASN A 754 11.02 35.74 42.15
N SER A 755 9.81 35.20 42.04
CA SER A 755 9.55 34.06 41.18
C SER A 755 9.51 34.52 39.73
N MET A 756 10.31 33.89 38.89
CA MET A 756 10.36 34.19 37.46
C MET A 756 10.15 32.90 36.68
N VAL A 757 9.34 32.96 35.65
CA VAL A 757 8.90 31.78 34.91
C VAL A 757 9.66 31.70 33.59
N PHE A 758 10.28 30.55 33.33
CA PHE A 758 11.02 30.30 32.10
C PHE A 758 10.26 29.32 31.22
N LEU A 759 10.77 29.14 30.01
CA LEU A 759 10.02 28.42 28.98
C LEU A 759 10.98 27.59 28.14
N GLY A 760 10.75 26.28 28.09
CA GLY A 760 11.57 25.39 27.32
C GLY A 760 10.88 24.87 26.09
N ARG A 761 11.69 24.49 25.09
CA ARG A 761 11.16 24.10 23.80
C ARG A 761 12.22 23.30 23.03
N ARG A 762 11.78 22.23 22.38
CA ARG A 762 12.60 21.53 21.39
C ARG A 762 11.70 20.99 20.29
N SER A 763 12.31 20.69 19.15
CA SER A 763 11.58 20.18 17.99
C SER A 763 11.51 18.67 18.00
N ARG A 764 10.46 18.14 17.38
CA ARG A 764 10.17 16.71 17.41
C ARG A 764 11.17 15.93 16.55
N THR A 765 11.73 14.88 17.13
CA THR A 765 12.58 13.97 16.37
C THR A 765 11.77 12.74 15.96
N LYS A 766 12.45 11.81 15.29
CA LYS A 766 11.76 10.62 14.81
C LYS A 766 11.54 9.62 15.92
N SER A 767 12.32 9.72 17.00
CA SER A 767 12.15 8.78 18.10
C SER A 767 10.90 9.10 18.91
N ASP A 768 10.41 10.34 18.85
CA ASP A 768 9.19 10.67 19.55
C ASP A 768 7.97 10.11 18.82
N LEU A 769 7.98 10.15 17.50
CA LEU A 769 6.95 9.45 16.73
C LEU A 769 7.04 7.95 16.94
N SER A 770 8.25 7.41 17.07
CA SER A 770 8.38 5.98 17.27
C SER A 770 7.94 5.58 18.68
N LEU A 771 8.02 6.50 19.63
CA LEU A 771 7.48 6.20 20.95
C LEU A 771 5.96 6.27 20.95
N LYS A 772 5.38 7.16 20.15
CA LYS A 772 3.93 7.23 20.11
C LYS A 772 3.30 6.15 19.23
N MET A 773 4.05 5.58 18.28
CA MET A 773 3.49 4.48 17.50
C MET A 773 3.39 3.22 18.33
N TYR A 774 4.48 2.85 18.99
CA TYR A 774 4.58 1.57 19.68
C TYR A 774 4.24 1.69 21.15
N GLN A 775 3.41 2.67 21.52
CA GLN A 775 3.23 3.07 22.92
C GLN A 775 2.64 1.96 23.77
N GLU A 776 1.82 1.11 23.17
CA GLU A 776 1.15 0.08 23.94
C GLU A 776 2.04 -1.12 24.25
N GLU A 777 3.29 -1.13 23.81
CA GLU A 777 4.15 -2.30 23.98
C GLU A 777 5.54 -1.94 24.46
N ILE A 778 5.69 -0.82 25.17
CA ILE A 778 7.00 -0.38 25.60
C ILE A 778 7.32 -0.84 27.02
N GLN A 779 6.32 -0.83 27.91
CA GLN A 779 6.53 -1.27 29.28
C GLN A 779 6.82 -2.75 29.35
N GLU A 780 6.25 -3.52 28.42
CA GLU A 780 6.58 -4.94 28.30
C GLU A 780 8.03 -5.14 27.91
N TRP A 781 8.55 -4.24 27.07
CA TRP A 781 9.96 -4.31 26.66
C TRP A 781 10.87 -4.02 27.85
N TYR A 782 10.52 -3.04 28.68
CA TYR A 782 11.38 -2.71 29.80
C TYR A 782 11.36 -3.80 30.86
N GLU A 783 10.22 -4.46 31.04
CA GLU A 783 10.14 -5.56 32.01
C GLU A 783 11.00 -6.73 31.57
N GLU A 784 10.91 -7.12 30.30
CA GLU A 784 11.72 -8.22 29.79
C GLU A 784 13.21 -7.88 29.81
N HIS A 785 13.53 -6.59 29.63
CA HIS A 785 14.91 -6.13 29.71
C HIS A 785 15.46 -6.26 31.12
N ALA A 786 14.66 -5.91 32.12
CA ALA A 786 15.11 -6.02 33.50
C ALA A 786 15.29 -7.48 33.91
N ARG A 787 14.45 -8.37 33.37
CA ARG A 787 14.59 -9.80 33.65
C ARG A 787 15.88 -10.35 33.05
N GLU A 788 16.25 -9.89 31.85
CA GLU A 788 17.49 -10.31 31.23
C GLU A 788 18.70 -9.83 32.02
N GLN A 789 18.63 -8.59 32.55
CA GLN A 789 19.71 -8.10 33.40
C GLN A 789 19.82 -8.89 34.70
N GLU A 790 18.69 -9.38 35.24
CA GLU A 790 18.79 -10.17 36.46
C GLU A 790 19.37 -11.54 36.18
N GLN A 791 19.19 -12.05 34.96
CA GLN A 791 19.86 -13.30 34.57
C GLN A 791 21.37 -13.12 34.51
N GLN A 792 21.83 -11.93 34.08
CA GLN A 792 23.28 -11.72 34.04
C GLN A 792 23.84 -11.32 35.41
N LYS A 793 23.09 -10.60 36.22
CA LYS A 793 23.61 -10.12 37.49
C LYS A 793 23.48 -11.14 38.62
N LEU A 794 22.67 -12.19 38.46
CA LEU A 794 22.73 -13.32 39.37
C LEU A 794 23.86 -14.29 39.03
N ARG A 795 24.60 -14.04 37.95
CA ARG A 795 25.65 -14.94 37.51
C ARG A 795 26.98 -14.21 37.35
N HIS B 66 -50.61 -23.72 22.71
CA HIS B 66 -50.39 -22.88 21.53
C HIS B 66 -49.67 -21.60 21.91
N ASN B 67 -49.24 -21.53 23.17
CA ASN B 67 -48.55 -20.35 23.65
C ASN B 67 -47.05 -20.47 23.44
N TRP B 68 -46.47 -21.58 23.90
CA TRP B 68 -45.03 -21.76 23.86
C TRP B 68 -44.51 -21.93 22.44
N GLU B 69 -45.33 -22.45 21.54
CA GLU B 69 -44.90 -22.58 20.16
C GLU B 69 -44.84 -21.21 19.48
N MET B 70 -45.70 -20.28 19.90
CA MET B 70 -45.60 -18.92 19.38
C MET B 70 -44.40 -18.19 19.97
N ASN B 71 -44.04 -18.52 21.22
CA ASN B 71 -42.80 -17.96 21.77
C ASN B 71 -41.59 -18.51 21.04
N TYR B 72 -41.65 -19.77 20.61
CA TYR B 72 -40.54 -20.36 19.87
C TYR B 72 -40.41 -19.74 18.49
N GLN B 73 -41.55 -19.52 17.82
CA GLN B 73 -41.55 -18.87 16.51
C GLN B 73 -41.02 -17.45 16.60
N GLU B 74 -41.42 -16.74 17.65
CA GLU B 74 -41.01 -15.34 17.80
C GLU B 74 -39.53 -15.23 18.13
N ALA B 75 -39.00 -16.16 18.93
CA ALA B 75 -37.58 -16.10 19.28
C ALA B 75 -36.70 -16.47 18.10
N ALA B 76 -37.15 -17.41 17.26
CA ALA B 76 -36.42 -17.72 16.05
C ALA B 76 -36.44 -16.55 15.07
N ILE B 77 -37.52 -15.77 15.07
CA ILE B 77 -37.56 -14.56 14.26
C ILE B 77 -36.58 -13.53 14.77
N TYR B 78 -36.40 -13.43 16.10
CA TYR B 78 -35.39 -12.51 16.63
C TYR B 78 -33.98 -12.90 16.21
N LEU B 79 -33.70 -14.20 16.12
CA LEU B 79 -32.35 -14.58 15.73
C LEU B 79 -32.11 -14.39 14.23
N GLN B 80 -33.11 -14.67 13.39
CA GLN B 80 -32.96 -14.40 11.96
C GLN B 80 -32.86 -12.90 11.70
N GLU B 81 -33.59 -12.11 12.48
CA GLU B 81 -33.61 -10.68 12.27
C GLU B 81 -32.33 -10.04 12.79
N GLY B 82 -31.66 -10.71 13.72
CA GLY B 82 -30.35 -10.25 14.12
C GLY B 82 -29.26 -10.63 13.14
N GLN B 83 -29.42 -11.77 12.46
CA GLN B 83 -28.45 -12.19 11.47
C GLN B 83 -28.46 -11.32 10.22
N ASN B 84 -29.63 -10.94 9.73
CA ASN B 84 -29.77 -10.26 8.46
C ASN B 84 -29.66 -8.74 8.57
N ASN B 85 -29.31 -8.23 9.74
CA ASN B 85 -29.24 -6.80 10.05
C ASN B 85 -30.53 -6.09 9.70
N ASP B 86 -31.58 -6.47 10.39
CA ASP B 86 -32.91 -5.93 10.12
C ASP B 86 -33.41 -5.29 11.40
N LYS B 87 -33.98 -4.09 11.28
CA LYS B 87 -34.27 -3.26 12.45
C LYS B 87 -35.37 -3.88 13.30
N PHE B 88 -35.33 -3.62 14.60
CA PHE B 88 -36.26 -4.26 15.51
C PHE B 88 -37.55 -3.48 15.68
N PHE B 89 -37.72 -2.36 14.99
CA PHE B 89 -39.02 -1.69 15.04
C PHE B 89 -40.06 -2.46 14.24
N THR B 90 -39.63 -3.14 13.18
CA THR B 90 -40.55 -3.86 12.31
C THR B 90 -40.72 -5.32 12.69
N HIS B 91 -40.50 -5.66 13.95
CA HIS B 91 -40.76 -7.01 14.42
C HIS B 91 -42.25 -7.30 14.37
N PRO B 92 -42.66 -8.45 13.83
CA PRO B 92 -44.09 -8.71 13.66
C PRO B 92 -44.76 -9.17 14.95
N LYS B 93 -45.97 -8.67 15.17
CA LYS B 93 -46.75 -8.99 16.36
C LYS B 93 -47.99 -9.82 16.04
N ASP B 94 -48.84 -9.35 15.15
CA ASP B 94 -50.09 -10.03 14.84
C ASP B 94 -49.82 -11.19 13.88
N ALA B 95 -50.87 -11.93 13.53
CA ALA B 95 -50.69 -13.02 12.58
C ALA B 95 -50.57 -12.52 11.14
N ARG B 96 -51.12 -11.34 10.86
CA ARG B 96 -51.01 -10.75 9.54
C ARG B 96 -49.57 -10.38 9.21
N ALA B 97 -48.92 -9.66 10.12
CA ALA B 97 -47.52 -9.31 9.93
C ALA B 97 -46.61 -10.52 10.05
N LEU B 98 -47.04 -11.54 10.80
CA LEU B 98 -46.30 -12.79 10.85
C LEU B 98 -46.31 -13.48 9.48
N ALA B 99 -47.47 -13.56 8.84
CA ALA B 99 -47.55 -14.23 7.55
C ALA B 99 -46.87 -13.41 6.46
N ALA B 100 -46.82 -12.09 6.61
CA ALA B 100 -46.10 -11.27 5.63
C ALA B 100 -44.59 -11.43 5.78
N TYR B 101 -44.10 -11.45 7.03
CA TYR B 101 -42.68 -11.70 7.26
C TYR B 101 -42.28 -13.09 6.75
N LEU B 102 -43.13 -14.09 6.95
CA LEU B 102 -42.79 -15.42 6.47
C LEU B 102 -42.90 -15.52 4.96
N PHE B 103 -43.70 -14.65 4.34
CA PHE B 103 -43.80 -14.69 2.89
C PHE B 103 -42.60 -14.05 2.23
N VAL B 104 -41.98 -13.07 2.88
CA VAL B 104 -40.87 -12.36 2.26
C VAL B 104 -39.52 -13.05 2.48
N HIS B 105 -39.29 -13.67 3.63
CA HIS B 105 -37.96 -14.12 4.03
C HIS B 105 -37.69 -15.59 3.75
N ASN B 106 -38.17 -16.11 2.63
CA ASN B 106 -37.87 -17.48 2.20
C ASN B 106 -36.55 -17.49 1.43
N HIS B 107 -36.19 -18.63 0.84
CA HIS B 107 -35.16 -18.63 -0.18
C HIS B 107 -35.73 -18.59 -1.59
N PHE B 108 -37.04 -18.74 -1.75
CA PHE B 108 -37.65 -18.56 -3.06
C PHE B 108 -37.69 -17.09 -3.43
N PHE B 109 -38.00 -16.23 -2.47
CA PHE B 109 -38.15 -14.82 -2.74
C PHE B 109 -36.80 -14.18 -3.03
N TYR B 110 -35.76 -14.64 -2.33
CA TYR B 110 -34.42 -14.12 -2.54
C TYR B 110 -33.90 -14.49 -3.92
N MET B 111 -34.19 -15.71 -4.36
CA MET B 111 -33.73 -16.16 -5.67
C MET B 111 -34.56 -15.53 -6.77
N MET B 112 -35.78 -15.11 -6.44
CA MET B 112 -36.58 -14.37 -7.41
C MET B 112 -36.03 -12.97 -7.62
N GLU B 113 -35.59 -12.33 -6.53
CA GLU B 113 -34.91 -11.03 -6.66
C GLU B 113 -33.66 -11.14 -7.51
N LEU B 114 -32.83 -12.15 -7.24
CA LEU B 114 -31.56 -12.26 -7.94
C LEU B 114 -31.74 -12.61 -9.41
N LEU B 115 -32.69 -13.49 -9.71
CA LEU B 115 -32.89 -13.87 -11.12
C LEU B 115 -33.55 -12.76 -11.91
N THR B 116 -34.40 -11.96 -11.27
CA THR B 116 -35.00 -10.83 -11.99
C THR B 116 -33.96 -9.76 -12.32
N ALA B 117 -33.15 -9.38 -11.32
CA ALA B 117 -32.14 -8.35 -11.54
C ALA B 117 -31.07 -8.79 -12.53
N LEU B 118 -30.65 -10.05 -12.44
CA LEU B 118 -29.61 -10.55 -13.33
C LEU B 118 -30.12 -10.73 -14.75
N LEU B 119 -31.40 -11.05 -14.90
CA LEU B 119 -31.99 -11.11 -16.23
C LEU B 119 -32.14 -9.72 -16.83
N LEU B 120 -32.26 -8.70 -16.00
CA LEU B 120 -32.42 -7.36 -16.54
C LEU B 120 -31.07 -6.81 -17.02
N LEU B 121 -30.01 -7.03 -16.24
CA LEU B 121 -28.68 -6.65 -16.69
C LEU B 121 -28.24 -7.43 -17.91
N LEU B 122 -28.54 -8.72 -17.97
CA LEU B 122 -28.22 -9.46 -19.19
C LEU B 122 -29.19 -9.18 -20.32
N LEU B 123 -30.32 -8.51 -20.05
CA LEU B 123 -31.16 -8.03 -21.14
C LEU B 123 -30.52 -6.87 -21.86
N SER B 124 -29.59 -6.16 -21.21
CA SER B 124 -28.80 -5.15 -21.93
C SER B 124 -27.85 -5.72 -22.98
N LEU B 125 -27.73 -7.03 -23.11
CA LEU B 125 -26.89 -7.64 -24.12
C LEU B 125 -27.56 -7.72 -25.49
N CYS B 126 -28.89 -7.60 -25.53
CA CYS B 126 -29.66 -7.73 -26.76
C CYS B 126 -30.24 -6.41 -27.26
N GLU B 127 -30.02 -5.32 -26.54
CA GLU B 127 -30.64 -4.04 -26.86
C GLU B 127 -29.83 -3.35 -27.97
N SER B 128 -30.05 -2.04 -28.16
CA SER B 128 -29.86 -1.42 -29.47
C SER B 128 -28.43 -1.31 -30.00
N PRO B 129 -27.38 -1.13 -29.16
CA PRO B 129 -26.07 -1.63 -29.60
C PRO B 129 -25.94 -3.10 -29.22
N ALA B 130 -26.00 -3.96 -30.21
CA ALA B 130 -26.14 -5.39 -29.96
C ALA B 130 -24.91 -6.15 -30.40
N VAL B 131 -24.58 -7.18 -29.62
CA VAL B 131 -23.77 -8.25 -30.18
C VAL B 131 -24.53 -8.84 -31.36
N PRO B 132 -23.95 -8.90 -32.57
CA PRO B 132 -24.77 -9.03 -33.79
C PRO B 132 -25.42 -10.39 -33.97
N VAL B 133 -25.08 -11.39 -33.17
CA VAL B 133 -25.68 -12.71 -33.29
C VAL B 133 -26.77 -12.86 -32.24
N LEU B 134 -26.65 -12.10 -31.15
CA LEU B 134 -27.66 -12.08 -30.09
C LEU B 134 -28.60 -10.89 -30.22
N LYS B 135 -28.90 -10.45 -31.44
CA LYS B 135 -29.73 -9.28 -31.65
C LYS B 135 -31.18 -9.68 -31.80
N LEU B 136 -32.06 -9.00 -31.07
CA LEU B 136 -33.50 -9.19 -31.16
C LEU B 136 -34.13 -7.97 -31.82
N HIS B 137 -35.43 -8.06 -32.08
CA HIS B 137 -36.16 -6.90 -32.57
C HIS B 137 -36.49 -5.98 -31.39
N THR B 138 -37.13 -4.85 -31.67
CA THR B 138 -37.36 -3.88 -30.62
C THR B 138 -38.49 -4.28 -29.69
N TYR B 139 -39.56 -4.84 -30.23
CA TYR B 139 -40.71 -5.17 -29.38
C TYR B 139 -40.44 -6.38 -28.50
N VAL B 140 -39.50 -7.24 -28.88
CA VAL B 140 -39.24 -8.43 -28.07
C VAL B 140 -38.53 -8.05 -26.77
N HIS B 141 -37.45 -7.28 -26.86
CA HIS B 141 -36.79 -6.89 -25.62
C HIS B 141 -37.53 -5.77 -24.90
N ALA B 142 -38.42 -5.06 -25.58
CA ALA B 142 -39.28 -4.13 -24.86
C ALA B 142 -40.26 -4.87 -23.96
N THR B 143 -40.89 -5.94 -24.45
CA THR B 143 -41.81 -6.67 -23.60
C THR B 143 -41.10 -7.50 -22.54
N LEU B 144 -39.87 -7.94 -22.80
CA LEU B 144 -39.11 -8.61 -21.74
C LEU B 144 -38.75 -7.62 -20.64
N GLU B 145 -38.45 -6.38 -21.01
CA GLU B 145 -38.17 -5.36 -20.00
C GLU B 145 -39.42 -5.03 -19.19
N LEU B 146 -40.58 -5.02 -19.85
CA LEU B 146 -41.83 -4.75 -19.14
C LEU B 146 -42.19 -5.88 -18.17
N PHE B 147 -41.96 -7.13 -18.58
CA PHE B 147 -42.27 -8.26 -17.72
C PHE B 147 -41.38 -8.29 -16.47
N ALA B 148 -40.07 -8.02 -16.65
CA ALA B 148 -39.17 -8.03 -15.50
C ALA B 148 -39.47 -6.87 -14.56
N LEU B 149 -39.88 -5.72 -15.09
CA LEU B 149 -40.26 -4.63 -14.19
C LEU B 149 -41.56 -4.91 -13.46
N MET B 150 -42.48 -5.68 -14.06
CA MET B 150 -43.68 -6.05 -13.32
C MET B 150 -43.39 -7.03 -12.19
N VAL B 151 -42.37 -7.87 -12.34
CA VAL B 151 -41.95 -8.72 -11.23
C VAL B 151 -41.36 -7.87 -10.10
N VAL B 152 -40.63 -6.80 -10.46
CA VAL B 152 -40.09 -5.91 -9.43
C VAL B 152 -41.22 -5.17 -8.69
N VAL B 153 -42.30 -4.83 -9.40
CA VAL B 153 -43.48 -4.23 -8.77
C VAL B 153 -44.12 -5.20 -7.79
N PHE B 154 -44.14 -6.49 -8.13
CA PHE B 154 -44.65 -7.51 -7.22
C PHE B 154 -43.84 -7.58 -5.94
N GLU B 155 -42.51 -7.49 -6.04
CA GLU B 155 -41.68 -7.57 -4.83
C GLU B 155 -41.82 -6.34 -3.94
N LEU B 156 -41.93 -5.16 -4.54
CA LEU B 156 -42.11 -3.97 -3.71
C LEU B 156 -43.49 -3.93 -3.08
N CYS B 157 -44.49 -4.54 -3.72
CA CYS B 157 -45.79 -4.66 -3.08
C CYS B 157 -45.75 -5.62 -1.89
N MET B 158 -44.94 -6.67 -1.96
CA MET B 158 -44.89 -7.59 -0.83
C MET B 158 -44.09 -7.02 0.34
N LYS B 159 -43.00 -6.31 0.08
CA LYS B 159 -42.32 -5.65 1.18
C LYS B 159 -43.14 -4.51 1.76
N LEU B 160 -43.98 -3.87 0.95
CA LEU B 160 -44.91 -2.89 1.49
C LEU B 160 -46.01 -3.56 2.31
N ARG B 161 -46.31 -4.82 2.00
CA ARG B 161 -47.27 -5.56 2.84
C ARG B 161 -46.67 -5.86 4.20
N TRP B 162 -45.39 -6.21 4.26
CA TRP B 162 -44.77 -6.54 5.55
C TRP B 162 -44.47 -5.30 6.39
N LEU B 163 -43.61 -4.41 5.89
CA LEU B 163 -43.33 -3.18 6.59
C LEU B 163 -44.57 -2.29 6.60
N GLY B 164 -44.58 -1.33 7.51
CA GLY B 164 -45.60 -0.31 7.47
C GLY B 164 -45.37 0.65 6.32
N PHE B 165 -46.37 1.49 6.06
CA PHE B 165 -46.20 2.52 5.05
C PHE B 165 -45.18 3.55 5.49
N HIS B 166 -45.26 3.99 6.75
CA HIS B 166 -44.38 5.03 7.23
C HIS B 166 -42.96 4.53 7.44
N THR B 167 -42.77 3.21 7.54
CA THR B 167 -41.43 2.65 7.54
C THR B 167 -40.91 2.48 6.12
N PHE B 168 -41.80 2.17 5.17
CA PHE B 168 -41.43 2.00 3.78
C PHE B 168 -40.95 3.30 3.16
N VAL B 169 -41.64 4.40 3.44
CA VAL B 169 -41.32 5.66 2.79
C VAL B 169 -40.01 6.24 3.34
N ARG B 170 -39.74 6.02 4.60
CA ARG B 170 -38.56 6.61 5.22
C ARG B 170 -37.30 5.80 5.02
N HIS B 171 -37.33 4.75 4.20
CA HIS B 171 -36.15 3.94 3.89
C HIS B 171 -35.69 4.34 2.50
N LYS B 172 -34.51 4.97 2.43
CA LYS B 172 -34.14 5.72 1.23
C LYS B 172 -33.82 4.83 0.04
N ARG B 173 -33.29 3.64 0.27
CA ARG B 173 -32.86 2.77 -0.82
C ARG B 173 -34.05 2.24 -1.60
N THR B 174 -35.14 1.90 -0.91
CA THR B 174 -36.32 1.43 -1.61
C THR B 174 -37.06 2.55 -2.32
N MET B 175 -36.94 3.78 -1.84
CA MET B 175 -37.60 4.89 -2.54
C MET B 175 -36.87 5.24 -3.82
N VAL B 176 -35.53 5.22 -3.79
CA VAL B 176 -34.76 5.42 -5.02
C VAL B 176 -35.02 4.27 -6.00
N LYS B 177 -35.20 3.06 -5.46
CA LYS B 177 -35.55 1.92 -6.31
C LYS B 177 -36.92 2.08 -6.96
N THR B 178 -37.88 2.70 -6.26
CA THR B 178 -39.18 2.94 -6.89
C THR B 178 -39.11 4.00 -7.96
N SER B 179 -38.30 5.05 -7.75
CA SER B 179 -38.21 6.10 -8.76
C SER B 179 -37.53 5.60 -10.03
N VAL B 180 -36.46 4.80 -9.87
CA VAL B 180 -35.82 4.17 -11.02
C VAL B 180 -36.78 3.18 -11.69
N LEU B 181 -37.63 2.52 -10.91
CA LEU B 181 -38.65 1.63 -11.47
C LEU B 181 -39.64 2.38 -12.35
N VAL B 182 -40.05 3.59 -11.94
CA VAL B 182 -41.02 4.35 -12.73
C VAL B 182 -40.41 4.84 -14.02
N VAL B 183 -39.17 5.34 -13.96
CA VAL B 183 -38.53 5.90 -15.16
C VAL B 183 -38.25 4.79 -16.19
N GLN B 184 -37.74 3.65 -15.72
CA GLN B 184 -37.50 2.52 -16.62
C GLN B 184 -38.79 1.99 -17.24
N PHE B 185 -39.90 2.03 -16.48
CA PHE B 185 -41.19 1.61 -16.99
C PHE B 185 -41.67 2.53 -18.10
N ILE B 186 -41.46 3.85 -17.94
CA ILE B 186 -41.90 4.82 -18.93
C ILE B 186 -41.14 4.66 -20.23
N GLU B 187 -39.80 4.67 -20.19
CA GLU B 187 -39.06 4.55 -21.45
C GLU B 187 -39.15 3.17 -22.07
N ALA B 188 -39.50 2.15 -21.30
CA ALA B 188 -39.80 0.86 -21.94
C ALA B 188 -41.06 0.95 -22.79
N ILE B 189 -42.08 1.65 -22.30
CA ILE B 189 -43.30 1.81 -23.09
C ILE B 189 -43.06 2.71 -24.29
N VAL B 190 -42.23 3.74 -24.14
CA VAL B 190 -41.92 4.66 -25.23
C VAL B 190 -41.16 3.96 -26.35
N VAL B 191 -40.23 3.08 -26.00
CA VAL B 191 -39.54 2.27 -27.00
C VAL B 191 -40.51 1.27 -27.64
N LEU B 192 -41.49 0.78 -26.88
CA LEU B 192 -42.46 -0.15 -27.45
C LEU B 192 -43.38 0.53 -28.46
N VAL B 193 -43.69 1.80 -28.28
CA VAL B 193 -44.58 2.50 -29.21
C VAL B 193 -43.81 3.05 -30.40
N ARG B 194 -42.74 3.81 -30.16
CA ARG B 194 -42.07 4.52 -31.25
C ARG B 194 -41.21 3.62 -32.12
N GLN B 195 -41.01 2.35 -31.74
CA GLN B 195 -40.41 1.27 -32.53
C GLN B 195 -38.89 1.46 -32.72
N THR B 196 -38.33 2.58 -32.25
CA THR B 196 -36.90 2.84 -32.33
C THR B 196 -36.38 3.28 -30.97
N SER B 197 -35.20 2.77 -30.60
CA SER B 197 -34.59 3.13 -29.32
C SER B 197 -34.02 4.53 -29.41
N HIS B 198 -34.38 5.38 -28.45
CA HIS B 198 -34.07 6.80 -28.59
C HIS B 198 -32.65 7.14 -28.14
N VAL B 199 -32.38 7.08 -26.83
CA VAL B 199 -31.06 7.40 -26.31
C VAL B 199 -30.60 6.28 -25.37
N ARG B 200 -31.42 6.01 -24.36
CA ARG B 200 -31.24 4.94 -23.38
C ARG B 200 -29.91 5.09 -22.61
N VAL B 201 -29.76 6.23 -21.94
CA VAL B 201 -28.70 6.40 -20.96
C VAL B 201 -29.16 5.93 -19.58
N THR B 202 -30.46 5.97 -19.34
CA THR B 202 -31.07 5.62 -18.06
C THR B 202 -30.91 4.13 -17.71
N ARG B 203 -30.45 3.31 -18.66
CA ARG B 203 -30.10 1.92 -18.36
C ARG B 203 -29.01 1.82 -17.31
N ALA B 204 -28.14 2.83 -17.20
CA ALA B 204 -26.97 2.77 -16.33
C ALA B 204 -27.33 2.77 -14.86
N LEU B 205 -28.56 3.12 -14.51
CA LEU B 205 -29.05 3.04 -13.15
C LEU B 205 -29.61 1.68 -12.79
N ARG B 206 -29.52 0.69 -13.69
CA ARG B 206 -30.03 -0.64 -13.37
C ARG B 206 -29.09 -1.45 -12.49
N CYS B 207 -28.01 -0.87 -11.99
CA CYS B 207 -27.21 -1.55 -11.00
C CYS B 207 -27.90 -1.60 -9.64
N ILE B 208 -28.94 -0.77 -9.44
CA ILE B 208 -29.57 -0.69 -8.13
C ILE B 208 -30.51 -1.88 -7.91
N PHE B 209 -30.84 -2.62 -8.96
CA PHE B 209 -31.68 -3.79 -8.76
C PHE B 209 -30.87 -4.98 -8.26
N LEU B 210 -29.59 -5.03 -8.61
CA LEU B 210 -28.71 -6.11 -8.19
C LEU B 210 -28.06 -5.82 -6.84
N VAL B 211 -27.87 -4.55 -6.51
CA VAL B 211 -27.31 -4.16 -5.22
C VAL B 211 -28.34 -4.33 -4.11
N ASP B 212 -29.59 -4.00 -4.37
CA ASP B 212 -30.62 -3.99 -3.35
C ASP B 212 -31.25 -5.37 -3.12
N CYS B 213 -30.63 -6.45 -3.56
CA CYS B 213 -31.21 -7.76 -3.27
C CYS B 213 -30.66 -8.24 -1.93
N ARG B 214 -30.96 -9.48 -1.57
CA ARG B 214 -30.52 -9.97 -0.27
C ARG B 214 -29.17 -10.68 -0.34
N TYR B 215 -28.88 -11.40 -1.42
CA TYR B 215 -27.61 -12.09 -1.49
C TYR B 215 -26.43 -11.17 -1.74
N CYS B 216 -26.68 -9.95 -2.20
CA CYS B 216 -25.59 -9.01 -2.50
C CYS B 216 -25.44 -7.97 -1.42
N GLY B 217 -25.55 -8.36 -0.15
CA GLY B 217 -25.29 -7.43 0.93
C GLY B 217 -23.84 -7.05 1.04
N GLY B 218 -22.93 -7.99 0.79
CA GLY B 218 -21.50 -7.70 0.84
C GLY B 218 -21.03 -6.81 -0.30
N VAL B 219 -21.80 -6.73 -1.38
CA VAL B 219 -21.49 -5.80 -2.46
C VAL B 219 -22.00 -4.41 -2.12
N ARG B 220 -23.20 -4.34 -1.54
CA ARG B 220 -23.83 -3.07 -1.18
C ARG B 220 -23.05 -2.34 -0.12
N ARG B 221 -22.58 -3.07 0.90
CA ARG B 221 -21.80 -2.43 1.94
C ARG B 221 -20.46 -1.96 1.44
N ASN B 222 -19.82 -2.73 0.54
CA ASN B 222 -18.53 -2.31 0.01
C ASN B 222 -18.65 -1.12 -0.94
N LEU B 223 -19.78 -0.94 -1.62
CA LEU B 223 -19.97 0.29 -2.38
C LEU B 223 -20.25 1.47 -1.46
N ARG B 224 -21.04 1.27 -0.41
CA ARG B 224 -21.40 2.38 0.47
C ARG B 224 -20.19 2.92 1.19
N GLN B 225 -19.27 2.05 1.61
CA GLN B 225 -18.08 2.53 2.30
C GLN B 225 -17.09 3.22 1.38
N ILE B 226 -17.08 2.87 0.09
CA ILE B 226 -16.28 3.62 -0.88
C ILE B 226 -16.84 5.03 -1.05
N PHE B 227 -18.16 5.17 -1.19
CA PHE B 227 -18.71 6.52 -1.30
C PHE B 227 -18.69 7.28 0.01
N GLN B 228 -18.55 6.62 1.14
CA GLN B 228 -18.38 7.34 2.40
C GLN B 228 -16.94 7.70 2.69
N SER B 229 -15.97 7.11 1.98
CA SER B 229 -14.56 7.46 2.14
C SER B 229 -14.16 8.70 1.35
N LEU B 230 -15.10 9.35 0.71
CA LEU B 230 -14.87 10.38 -0.31
C LEU B 230 -14.49 11.80 0.13
N PRO B 231 -14.98 12.37 1.25
CA PRO B 231 -14.60 13.77 1.57
C PRO B 231 -13.13 13.98 1.92
N PRO B 232 -12.39 13.03 2.53
CA PRO B 232 -10.93 13.22 2.57
C PRO B 232 -10.26 13.08 1.22
N PHE B 233 -10.90 12.42 0.27
CA PHE B 233 -10.33 12.29 -1.07
C PHE B 233 -10.42 13.59 -1.85
N MET B 234 -11.55 14.30 -1.76
CA MET B 234 -11.76 15.48 -2.58
C MET B 234 -10.82 16.62 -2.20
N ASP B 235 -10.40 16.67 -0.94
CA ASP B 235 -9.57 17.75 -0.44
C ASP B 235 -8.18 17.69 -1.05
N ILE B 236 -7.51 16.54 -0.89
CA ILE B 236 -6.18 16.35 -1.44
C ILE B 236 -6.21 16.25 -2.96
N LEU B 237 -7.35 15.85 -3.55
CA LEU B 237 -7.48 15.92 -5.00
C LEU B 237 -7.43 17.35 -5.50
N LEU B 238 -8.01 18.28 -4.73
CA LEU B 238 -7.93 19.69 -5.09
C LEU B 238 -6.50 20.21 -4.95
N LEU B 239 -5.78 19.71 -3.94
CA LEU B 239 -4.36 20.04 -3.82
C LEU B 239 -3.53 19.49 -4.98
N LEU B 240 -3.95 18.36 -5.55
CA LEU B 240 -3.28 17.80 -6.72
C LEU B 240 -3.49 18.68 -7.94
N LEU B 241 -4.75 19.02 -8.24
CA LEU B 241 -5.05 19.75 -9.46
C LEU B 241 -4.51 21.17 -9.43
N PHE B 242 -4.27 21.72 -8.24
CA PHE B 242 -3.67 23.05 -8.16
C PHE B 242 -2.24 23.07 -8.67
N PHE B 243 -1.40 22.14 -8.18
CA PHE B 243 -0.01 22.11 -8.65
C PHE B 243 0.09 21.64 -10.09
N MET B 244 -0.87 20.83 -10.54
CA MET B 244 -0.89 20.44 -11.94
C MET B 244 -1.11 21.64 -12.85
N ILE B 245 -2.03 22.53 -12.46
CA ILE B 245 -2.30 23.72 -13.28
C ILE B 245 -1.12 24.68 -13.24
N ILE B 246 -0.48 24.84 -12.09
CA ILE B 246 0.56 25.86 -11.99
C ILE B 246 1.84 25.40 -12.71
N PHE B 247 2.06 24.09 -12.81
CA PHE B 247 3.15 23.61 -13.64
C PHE B 247 2.75 23.55 -15.11
N ALA B 248 1.45 23.60 -15.40
CA ALA B 248 1.04 23.71 -16.79
C ALA B 248 1.23 25.12 -17.32
N ILE B 249 1.04 26.12 -16.47
CA ILE B 249 1.31 27.50 -16.86
C ILE B 249 2.80 27.72 -17.08
N LEU B 250 3.61 27.24 -16.13
CA LEU B 250 5.06 27.37 -16.27
C LEU B 250 5.58 26.57 -17.46
N GLY B 251 5.03 25.37 -17.69
CA GLY B 251 5.44 24.60 -18.84
C GLY B 251 5.05 25.18 -20.18
N PHE B 252 3.88 25.82 -20.25
CA PHE B 252 3.50 26.50 -21.47
C PHE B 252 4.42 27.67 -21.78
N TYR B 253 4.82 28.43 -20.76
CA TYR B 253 5.77 29.50 -21.01
C TYR B 253 7.13 28.94 -21.42
N LEU B 254 7.53 27.84 -20.83
CA LEU B 254 8.92 27.45 -20.89
C LEU B 254 9.25 26.58 -22.10
N PHE B 255 8.27 25.89 -22.69
CA PHE B 255 8.58 24.97 -23.77
C PHE B 255 7.76 25.16 -25.04
N SER B 256 7.13 26.31 -25.25
CA SER B 256 6.25 26.45 -26.39
C SER B 256 6.91 27.12 -27.59
N THR B 257 8.04 27.78 -27.39
CA THR B 257 8.70 28.46 -28.49
C THR B 257 9.38 27.49 -29.44
N ASN B 258 9.57 26.25 -29.03
CA ASN B 258 10.13 25.23 -29.91
C ASN B 258 9.06 24.81 -30.92
N PRO B 259 9.33 24.88 -32.21
CA PRO B 259 8.34 24.45 -33.20
C PRO B 259 8.25 22.94 -33.38
N SER B 260 9.09 22.15 -32.71
CA SER B 260 9.20 20.73 -33.00
C SER B 260 8.56 19.86 -31.93
N ASP B 261 7.60 20.39 -31.18
CA ASP B 261 6.87 19.51 -30.26
C ASP B 261 5.38 19.78 -30.31
N PRO B 262 4.57 18.72 -30.34
CA PRO B 262 3.12 18.89 -30.26
C PRO B 262 2.57 18.94 -28.85
N TYR B 263 3.42 18.83 -27.84
CA TYR B 263 2.93 18.62 -26.48
C TYR B 263 2.59 19.94 -25.81
N PHE B 264 3.54 20.85 -25.72
CA PHE B 264 3.30 22.14 -25.10
C PHE B 264 3.14 23.21 -26.18
N SER B 265 2.00 23.17 -26.87
CA SER B 265 1.73 24.11 -27.96
C SER B 265 0.67 25.13 -27.62
N THR B 266 -0.39 24.71 -26.94
CA THR B 266 -1.44 25.59 -26.44
C THR B 266 -1.59 25.34 -24.94
N LEU B 267 -2.63 25.91 -24.35
CA LEU B 267 -2.83 25.69 -22.92
C LEU B 267 -3.51 24.35 -22.64
N GLU B 268 -4.50 23.97 -23.44
CA GLU B 268 -5.18 22.72 -23.16
C GLU B 268 -4.29 21.53 -23.50
N ASN B 269 -3.34 21.71 -24.40
CA ASN B 269 -2.41 20.63 -24.68
C ASN B 269 -1.43 20.45 -23.53
N SER B 270 -1.08 21.53 -22.84
CA SER B 270 -0.17 21.40 -21.71
C SER B 270 -0.90 20.83 -20.50
N ILE B 271 -2.17 21.21 -20.30
CA ILE B 271 -2.91 20.70 -19.15
C ILE B 271 -3.25 19.23 -19.33
N VAL B 272 -3.64 18.84 -20.54
CA VAL B 272 -3.94 17.44 -20.82
C VAL B 272 -2.67 16.60 -20.74
N ASN B 273 -1.56 17.08 -21.29
CA ASN B 273 -0.35 16.27 -21.26
C ASN B 273 0.28 16.19 -19.88
N LEU B 274 0.04 17.18 -19.02
CA LEU B 274 0.52 17.00 -17.65
C LEU B 274 -0.41 16.13 -16.83
N PHE B 275 -1.70 16.08 -17.18
CA PHE B 275 -2.56 15.12 -16.49
C PHE B 275 -2.22 13.70 -16.91
N VAL B 276 -1.83 13.50 -18.16
CA VAL B 276 -1.44 12.16 -18.60
C VAL B 276 -0.10 11.79 -17.99
N LEU B 277 0.82 12.76 -17.88
CA LEU B 277 2.11 12.53 -17.22
C LEU B 277 1.95 12.22 -15.74
N LEU B 278 0.86 12.69 -15.11
CA LEU B 278 0.54 12.29 -13.75
C LEU B 278 0.32 10.78 -13.64
N THR B 279 -0.26 10.17 -14.66
CA THR B 279 -0.47 8.74 -14.67
C THR B 279 0.77 8.00 -15.14
N THR B 280 1.79 8.72 -15.59
CA THR B 280 3.01 8.22 -16.24
C THR B 280 2.67 7.32 -17.42
N ALA B 281 1.86 7.85 -18.33
CA ALA B 281 1.54 7.13 -19.54
C ALA B 281 2.31 7.65 -20.73
N ASN B 282 2.95 8.80 -20.63
CA ASN B 282 3.74 9.29 -21.74
C ASN B 282 5.02 9.95 -21.27
N PHE B 283 5.74 9.33 -20.32
CA PHE B 283 6.80 10.10 -19.67
C PHE B 283 8.03 10.38 -20.53
N PRO B 284 8.68 9.42 -21.20
CA PRO B 284 9.85 9.84 -21.98
C PRO B 284 9.46 10.69 -23.17
N ASP B 285 8.33 10.37 -23.80
CA ASP B 285 7.93 11.01 -25.05
C ASP B 285 7.55 12.47 -24.84
N VAL B 286 7.06 12.84 -23.66
CA VAL B 286 6.69 14.22 -23.43
C VAL B 286 7.90 15.08 -23.08
N MET B 287 9.00 14.47 -22.70
CA MET B 287 10.20 15.19 -22.28
C MET B 287 11.20 15.35 -23.41
N MET B 288 11.25 14.39 -24.32
CA MET B 288 12.32 14.34 -25.31
C MET B 288 12.46 15.52 -26.27
N PRO B 289 11.41 16.14 -26.81
CA PRO B 289 11.66 17.31 -27.67
C PRO B 289 12.17 18.52 -26.92
N SER B 290 11.97 18.58 -25.61
CA SER B 290 12.56 19.62 -24.79
C SER B 290 13.95 19.22 -24.32
N TYR B 291 14.16 17.94 -24.06
CA TYR B 291 15.44 17.43 -23.59
C TYR B 291 16.47 17.39 -24.70
N SER B 292 16.05 17.47 -25.96
CA SER B 292 17.00 17.54 -27.06
C SER B 292 17.51 18.96 -27.26
N ARG B 293 16.74 19.96 -26.88
CA ARG B 293 17.14 21.35 -27.07
C ARG B 293 18.16 21.77 -26.01
N ASN B 294 17.74 21.79 -24.75
CA ASN B 294 18.64 21.99 -23.63
C ASN B 294 18.57 20.78 -22.72
N PRO B 295 19.69 20.19 -22.31
CA PRO B 295 19.63 19.02 -21.43
C PRO B 295 19.26 19.35 -20.00
N TRP B 296 19.15 20.62 -19.62
CA TRP B 296 18.65 20.98 -18.30
C TRP B 296 17.14 21.02 -18.23
N SER B 297 16.43 20.64 -19.29
CA SER B 297 14.98 20.57 -19.23
C SER B 297 14.48 19.38 -18.46
N CYS B 298 15.35 18.48 -18.04
CA CYS B 298 14.96 17.32 -17.27
C CYS B 298 14.60 17.68 -15.83
N VAL B 299 15.07 18.84 -15.35
CA VAL B 299 14.82 19.26 -13.98
C VAL B 299 13.33 19.53 -13.76
N PHE B 300 12.66 20.05 -14.79
CA PHE B 300 11.23 20.31 -14.74
C PHE B 300 10.44 19.05 -14.49
N PHE B 301 10.81 17.96 -15.17
CA PHE B 301 10.02 16.74 -15.11
C PHE B 301 10.40 15.90 -13.90
N ILE B 302 11.63 16.01 -13.43
CA ILE B 302 12.03 15.31 -12.21
C ILE B 302 11.36 15.95 -11.00
N VAL B 303 11.33 17.28 -10.95
CA VAL B 303 10.68 17.97 -9.83
C VAL B 303 9.17 17.78 -9.89
N TYR B 304 8.60 17.75 -11.10
CA TYR B 304 7.18 17.51 -11.25
C TYR B 304 6.80 16.11 -10.80
N LEU B 305 7.54 15.09 -11.23
CA LEU B 305 7.16 13.73 -10.84
C LEU B 305 7.42 13.47 -9.37
N SER B 306 8.45 14.09 -8.81
CA SER B 306 8.74 13.88 -7.39
C SER B 306 7.67 14.51 -6.51
N ILE B 307 7.32 15.77 -6.75
CA ILE B 307 6.29 16.41 -5.93
C ILE B 307 4.93 15.83 -6.22
N GLU B 308 4.56 15.69 -7.49
CA GLU B 308 3.18 15.39 -7.85
C GLU B 308 2.88 13.91 -7.77
N LEU B 309 3.71 13.07 -8.39
CA LEU B 309 3.35 11.66 -8.45
C LEU B 309 3.61 10.96 -7.12
N TYR B 310 4.86 10.92 -6.68
CA TYR B 310 5.24 10.10 -5.54
C TYR B 310 4.60 10.62 -4.25
N PHE B 311 4.92 11.85 -3.88
CA PHE B 311 4.40 12.39 -2.63
C PHE B 311 2.89 12.59 -2.61
N ILE B 312 2.33 13.36 -3.53
CA ILE B 312 0.92 13.75 -3.38
C ILE B 312 -0.01 12.61 -3.76
N MET B 313 0.29 11.86 -4.84
CA MET B 313 -0.64 10.81 -5.23
C MET B 313 -0.61 9.64 -4.25
N ASN B 314 0.57 9.34 -3.68
CA ASN B 314 0.56 8.27 -2.70
C ASN B 314 -0.01 8.73 -1.36
N LEU B 315 0.10 10.02 -1.05
CA LEU B 315 -0.63 10.57 0.09
C LEU B 315 -2.14 10.48 -0.12
N LEU B 316 -2.59 10.66 -1.35
CA LEU B 316 -4.01 10.56 -1.67
C LEU B 316 -4.53 9.15 -1.41
N LEU B 317 -3.81 8.15 -1.91
CA LEU B 317 -4.27 6.78 -1.76
C LEU B 317 -4.16 6.29 -0.32
N ALA B 318 -3.16 6.77 0.42
CA ALA B 318 -3.04 6.37 1.83
C ALA B 318 -4.19 6.92 2.67
N VAL B 319 -4.56 8.19 2.45
CA VAL B 319 -5.63 8.80 3.24
C VAL B 319 -6.98 8.15 2.94
N VAL B 320 -7.25 7.83 1.67
CA VAL B 320 -8.52 7.21 1.31
C VAL B 320 -8.63 5.81 1.91
N PHE B 321 -7.54 5.05 1.89
CA PHE B 321 -7.60 3.70 2.43
C PHE B 321 -7.72 3.70 3.95
N ASP B 322 -7.15 4.69 4.63
CA ASP B 322 -7.24 4.68 6.09
C ASP B 322 -8.61 5.10 6.59
N THR B 323 -9.29 6.02 5.91
CA THR B 323 -10.67 6.28 6.30
C THR B 323 -11.57 5.11 5.96
N PHE B 324 -11.24 4.36 4.90
CA PHE B 324 -12.01 3.16 4.58
C PHE B 324 -11.89 2.09 5.65
N ASN B 325 -10.71 1.95 6.26
CA ASN B 325 -10.58 0.98 7.36
C ASN B 325 -11.36 1.40 8.58
N ASP B 326 -11.39 2.69 8.90
CA ASP B 326 -12.16 3.12 10.06
C ASP B 326 -13.66 2.92 9.84
N ILE B 327 -14.13 3.17 8.63
CA ILE B 327 -15.55 2.97 8.33
C ILE B 327 -15.92 1.49 8.42
N GLU B 328 -15.04 0.60 7.96
CA GLU B 328 -15.32 -0.83 8.13
C GLU B 328 -15.29 -1.28 9.58
N LYS B 329 -14.42 -0.68 10.39
CA LYS B 329 -14.35 -1.05 11.80
C LYS B 329 -15.64 -0.67 12.52
N HIS B 330 -16.20 0.49 12.20
CA HIS B 330 -17.44 0.88 12.85
C HIS B 330 -18.64 0.13 12.29
N LYS B 331 -18.59 -0.30 11.03
CA LYS B 331 -19.67 -1.12 10.51
C LYS B 331 -19.66 -2.51 11.14
N PHE B 332 -18.49 -3.08 11.36
CA PHE B 332 -18.43 -4.36 12.05
C PHE B 332 -18.83 -4.25 13.51
N LYS B 333 -18.55 -3.11 14.14
CA LYS B 333 -19.01 -2.88 15.51
C LYS B 333 -20.52 -2.88 15.58
N SER B 334 -21.17 -2.18 14.64
CA SER B 334 -22.63 -2.13 14.67
C SER B 334 -23.27 -3.46 14.31
N LEU B 335 -22.56 -4.30 13.55
CA LEU B 335 -23.12 -5.62 13.24
C LEU B 335 -23.05 -6.56 14.44
N LEU B 336 -21.93 -6.57 15.19
CA LEU B 336 -21.86 -7.39 16.41
C LEU B 336 -22.87 -6.94 17.45
N LEU B 337 -23.01 -5.63 17.64
CA LEU B 337 -23.92 -5.16 18.67
C LEU B 337 -25.38 -5.39 18.28
N HIS B 338 -25.67 -5.36 16.97
CA HIS B 338 -27.03 -5.68 16.55
C HIS B 338 -27.34 -7.16 16.70
N LYS B 339 -26.33 -8.04 16.57
CA LYS B 339 -26.57 -9.44 16.90
C LYS B 339 -26.80 -9.62 18.39
N ARG B 340 -26.08 -8.86 19.20
CA ARG B 340 -26.08 -9.07 20.64
C ARG B 340 -27.43 -8.69 21.25
N THR B 341 -28.05 -7.62 20.76
CA THR B 341 -29.38 -7.28 21.27
C THR B 341 -30.43 -8.30 20.86
N ALA B 342 -30.23 -8.95 19.70
CA ALA B 342 -31.17 -9.98 19.27
C ALA B 342 -31.12 -11.19 20.18
N ILE B 343 -29.91 -11.55 20.62
CA ILE B 343 -29.77 -12.64 21.59
C ILE B 343 -30.41 -12.26 22.92
N GLN B 344 -30.30 -10.98 23.29
CA GLN B 344 -30.88 -10.53 24.56
C GLN B 344 -32.40 -10.54 24.52
N HIS B 345 -32.99 -10.23 23.35
CA HIS B 345 -34.45 -10.32 23.23
C HIS B 345 -34.92 -11.76 23.28
N ALA B 346 -34.14 -12.69 22.71
CA ALA B 346 -34.53 -14.09 22.74
C ALA B 346 -34.46 -14.66 24.15
N TYR B 347 -33.40 -14.33 24.89
CA TYR B 347 -33.30 -14.79 26.26
C TYR B 347 -34.35 -14.14 27.13
N GLY B 348 -34.75 -12.92 26.81
CA GLY B 348 -35.88 -12.33 27.49
C GLY B 348 -37.19 -13.04 27.18
N LEU B 349 -37.28 -13.64 26.00
CA LEU B 349 -38.54 -14.22 25.60
C LEU B 349 -38.74 -15.64 26.12
N LEU B 350 -37.71 -16.48 26.06
CA LEU B 350 -37.88 -17.88 26.48
C LEU B 350 -37.07 -18.25 27.70
N ALA B 351 -36.93 -17.33 28.66
CA ALA B 351 -36.33 -17.69 29.94
C ALA B 351 -37.31 -18.49 30.78
N SER B 352 -36.88 -18.87 31.97
CA SER B 352 -37.72 -19.68 32.84
C SER B 352 -38.82 -18.84 33.48
N GLN B 353 -38.44 -17.70 34.05
CA GLN B 353 -39.24 -16.92 35.00
C GLN B 353 -39.73 -17.84 36.12
N ARG B 354 -38.75 -18.44 36.79
CA ARG B 354 -38.96 -19.40 37.86
C ARG B 354 -37.90 -19.12 38.92
N ARG B 355 -37.72 -20.06 39.84
CA ARG B 355 -36.66 -19.93 40.84
C ARG B 355 -35.26 -20.11 40.24
N PRO B 356 -35.02 -21.01 39.27
CA PRO B 356 -33.79 -20.86 38.49
C PRO B 356 -34.00 -19.90 37.31
N ALA B 357 -32.95 -19.15 36.99
CA ALA B 357 -32.96 -18.20 35.89
C ALA B 357 -32.07 -18.75 34.78
N GLY B 358 -32.69 -19.26 33.73
CA GLY B 358 -31.94 -19.81 32.63
C GLY B 358 -32.84 -20.27 31.52
N ILE B 359 -32.34 -21.19 30.71
CA ILE B 359 -33.10 -21.79 29.63
C ILE B 359 -33.03 -23.30 29.82
N SER B 360 -34.19 -23.94 29.90
CA SER B 360 -34.22 -25.38 30.03
C SER B 360 -33.93 -26.04 28.69
N TYR B 361 -33.83 -27.37 28.69
CA TYR B 361 -33.60 -28.07 27.43
C TYR B 361 -34.84 -28.06 26.54
N ARG B 362 -36.02 -27.94 27.14
CA ARG B 362 -37.25 -28.01 26.36
C ARG B 362 -37.40 -26.77 25.48
N GLN B 363 -37.10 -25.60 26.03
CA GLN B 363 -37.17 -24.37 25.24
C GLN B 363 -36.05 -24.30 24.22
N PHE B 364 -34.90 -24.89 24.51
CA PHE B 364 -33.81 -24.88 23.54
C PHE B 364 -34.11 -25.82 22.38
N GLU B 365 -34.81 -26.92 22.65
CA GLU B 365 -35.41 -27.73 21.59
C GLU B 365 -36.41 -26.90 20.79
N GLY B 366 -37.10 -25.98 21.46
CA GLY B 366 -38.06 -25.13 20.78
C GLY B 366 -37.44 -24.12 19.84
N LEU B 367 -36.27 -23.57 20.21
CA LEU B 367 -35.53 -22.76 19.25
C LEU B 367 -35.07 -23.56 18.06
N MET B 368 -34.47 -24.73 18.30
CA MET B 368 -33.84 -25.42 17.19
C MET B 368 -34.83 -26.10 16.26
N ARG B 369 -36.11 -26.20 16.61
CA ARG B 369 -37.11 -26.69 15.70
C ARG B 369 -37.75 -25.59 14.85
N PHE B 370 -37.36 -24.33 15.06
CA PHE B 370 -37.81 -23.23 14.22
C PHE B 370 -36.67 -22.39 13.67
N TYR B 371 -35.62 -22.18 14.45
CA TYR B 371 -34.37 -21.64 13.96
C TYR B 371 -33.45 -22.80 13.63
N LYS B 372 -32.85 -22.76 12.44
CA LYS B 372 -32.10 -23.85 11.83
C LYS B 372 -32.89 -25.15 11.80
N PRO B 373 -33.95 -25.27 10.97
CA PRO B 373 -34.63 -26.56 10.89
C PRO B 373 -33.86 -27.52 10.00
N ARG B 374 -34.43 -28.70 9.74
CA ARG B 374 -33.75 -29.82 9.09
C ARG B 374 -32.49 -30.17 9.87
N MET B 375 -32.71 -30.60 11.11
CA MET B 375 -31.64 -30.82 12.07
C MET B 375 -32.04 -31.98 12.97
N SER B 376 -31.13 -32.91 13.20
CA SER B 376 -31.44 -34.08 14.01
C SER B 376 -31.57 -33.71 15.48
N ALA B 377 -32.30 -34.54 16.22
CA ALA B 377 -32.44 -34.32 17.65
C ALA B 377 -31.14 -34.64 18.37
N ARG B 378 -30.35 -35.53 17.79
CA ARG B 378 -29.02 -35.82 18.33
C ARG B 378 -28.11 -34.60 18.17
N GLU B 379 -28.19 -33.93 17.02
CA GLU B 379 -27.40 -32.72 16.79
C GLU B 379 -27.89 -31.58 17.66
N ARG B 380 -29.19 -31.58 17.95
CA ARG B 380 -29.80 -30.55 18.79
C ARG B 380 -29.29 -30.67 20.23
N PHE B 381 -29.24 -31.90 20.74
CA PHE B 381 -28.71 -32.13 22.08
C PHE B 381 -27.21 -31.83 22.15
N LEU B 382 -26.49 -32.10 21.06
CA LEU B 382 -25.06 -31.79 21.03
C LEU B 382 -24.79 -30.30 21.08
N THR B 383 -25.63 -29.50 20.41
CA THR B 383 -25.43 -28.06 20.48
C THR B 383 -25.79 -27.51 21.85
N PHE B 384 -26.76 -28.14 22.53
CA PHE B 384 -27.10 -27.71 23.87
C PHE B 384 -25.94 -27.98 24.84
N LYS B 385 -25.33 -29.16 24.74
CA LYS B 385 -24.22 -29.46 25.65
C LYS B 385 -22.98 -28.66 25.28
N ALA B 386 -22.84 -28.27 24.01
CA ALA B 386 -21.77 -27.35 23.65
C ALA B 386 -22.02 -25.94 24.14
N LEU B 387 -23.28 -25.56 24.40
CA LEU B 387 -23.57 -24.26 24.97
C LEU B 387 -23.57 -24.23 26.50
N ASN B 388 -23.64 -25.38 27.18
CA ASN B 388 -23.78 -25.38 28.64
C ASN B 388 -22.62 -24.72 29.38
N GLN B 389 -21.43 -25.33 29.33
CA GLN B 389 -20.14 -24.73 29.74
C GLN B 389 -20.09 -24.36 31.24
N SER B 390 -21.13 -24.70 32.00
CA SER B 390 -21.17 -24.44 33.42
C SER B 390 -21.75 -25.62 34.20
N ASN B 391 -22.17 -26.68 33.52
CA ASN B 391 -22.51 -27.99 34.09
C ASN B 391 -23.72 -27.91 35.02
N THR B 392 -24.61 -26.95 34.76
CA THR B 392 -25.93 -26.90 35.37
C THR B 392 -26.97 -27.05 34.27
N PRO B 393 -28.15 -27.59 34.56
CA PRO B 393 -29.15 -27.76 33.50
C PRO B 393 -29.85 -26.48 33.07
N LEU B 394 -29.08 -25.46 32.70
CA LEU B 394 -29.60 -24.14 32.33
C LEU B 394 -28.63 -23.50 31.35
N LEU B 395 -28.98 -22.31 30.88
CA LEU B 395 -28.08 -21.48 30.10
C LEU B 395 -28.15 -20.05 30.62
N SER B 396 -27.03 -19.53 31.08
CA SER B 396 -26.97 -18.11 31.39
C SER B 396 -26.63 -17.34 30.13
N LEU B 397 -26.76 -16.00 30.22
CA LEU B 397 -26.44 -15.16 29.07
C LEU B 397 -24.97 -15.20 28.70
N LYS B 398 -24.08 -15.49 29.65
CA LYS B 398 -22.66 -15.55 29.34
C LYS B 398 -22.31 -16.76 28.49
N ASP B 399 -23.19 -17.76 28.44
CA ASP B 399 -22.99 -18.92 27.60
C ASP B 399 -23.98 -19.03 26.47
N PHE B 400 -25.04 -18.22 26.48
CA PHE B 400 -26.00 -18.12 25.40
C PHE B 400 -25.65 -16.99 24.44
N TYR B 401 -24.58 -16.25 24.70
CA TYR B 401 -24.09 -15.24 23.77
C TYR B 401 -23.33 -15.83 22.58
N ASP B 402 -23.35 -17.14 22.40
CA ASP B 402 -22.53 -17.80 21.40
C ASP B 402 -23.39 -18.78 20.59
N ILE B 403 -24.55 -18.32 20.13
CA ILE B 403 -25.44 -19.21 19.39
C ILE B 403 -24.95 -19.38 17.97
N TYR B 404 -24.60 -18.27 17.33
CA TYR B 404 -24.33 -18.23 15.91
C TYR B 404 -23.08 -19.01 15.53
N GLU B 405 -22.17 -19.20 16.47
CA GLU B 405 -20.92 -19.89 16.20
C GLU B 405 -20.94 -21.33 16.67
N VAL B 406 -22.04 -21.80 17.24
CA VAL B 406 -22.19 -23.20 17.61
C VAL B 406 -23.34 -23.87 16.85
N ALA B 407 -24.43 -23.14 16.63
CA ALA B 407 -25.54 -23.68 15.85
C ALA B 407 -25.24 -23.80 14.36
N ALA B 408 -24.06 -23.36 13.90
CA ALA B 408 -23.72 -23.41 12.49
C ALA B 408 -22.78 -24.55 12.15
N LEU B 409 -22.44 -25.41 13.11
CA LEU B 409 -21.47 -26.46 12.88
C LEU B 409 -22.16 -27.82 12.80
N GLN B 410 -21.62 -28.67 11.93
CA GLN B 410 -22.16 -30.00 11.67
C GLN B 410 -21.42 -31.03 12.51
N TRP B 411 -22.18 -31.94 13.10
CA TRP B 411 -21.65 -32.91 14.04
C TRP B 411 -21.43 -34.25 13.37
N LYS B 412 -20.29 -34.86 13.65
CA LYS B 412 -19.97 -36.19 13.16
C LYS B 412 -19.53 -37.06 14.32
N ALA B 413 -19.71 -38.36 14.14
CA ALA B 413 -19.23 -39.33 15.10
C ALA B 413 -17.75 -39.60 14.82
N LYS B 414 -17.16 -40.52 15.57
CA LYS B 414 -15.78 -40.95 15.34
C LYS B 414 -15.78 -42.46 15.19
N ARG B 415 -15.30 -42.93 14.05
CA ARG B 415 -15.26 -44.36 13.74
C ARG B 415 -13.87 -44.70 13.22
N ASN B 416 -13.24 -45.71 13.82
CA ASN B 416 -11.87 -46.08 13.48
C ASN B 416 -11.77 -47.23 12.50
N ARG B 417 -12.88 -47.85 12.14
CA ARG B 417 -12.82 -48.94 11.18
C ARG B 417 -12.66 -48.41 9.76
N GLN B 418 -12.25 -49.29 8.85
CA GLN B 418 -12.09 -48.95 7.45
C GLN B 418 -13.38 -49.25 6.70
N HIS B 419 -13.43 -48.78 5.45
CA HIS B 419 -14.61 -48.93 4.62
C HIS B 419 -14.46 -50.05 3.59
N TRP B 420 -13.43 -50.89 3.73
CA TRP B 420 -13.28 -52.02 2.82
C TRP B 420 -12.93 -53.30 3.56
N PHE B 421 -13.23 -53.38 4.86
CA PHE B 421 -12.83 -54.51 5.70
C PHE B 421 -14.00 -55.29 6.29
N ASP B 422 -15.12 -54.63 6.57
CA ASP B 422 -16.30 -55.30 7.12
C ASP B 422 -17.15 -55.96 6.03
N GLU B 423 -16.77 -55.79 4.76
CA GLU B 423 -17.55 -56.28 3.64
C GLU B 423 -16.94 -57.53 3.00
N LEU B 424 -15.63 -57.54 2.80
CA LEU B 424 -14.96 -58.62 2.08
C LEU B 424 -14.37 -59.66 3.02
N PRO B 425 -14.28 -60.92 2.57
CA PRO B 425 -13.61 -61.95 3.36
C PRO B 425 -12.09 -61.91 3.25
N ARG B 426 -11.43 -62.95 3.77
CA ARG B 426 -9.98 -63.06 3.77
C ARG B 426 -9.41 -63.15 2.36
N THR B 427 -8.07 -62.97 2.28
CA THR B 427 -7.16 -63.13 1.13
C THR B 427 -7.33 -61.97 0.13
N ALA B 428 -8.30 -61.09 0.38
CA ALA B 428 -8.30 -59.73 -0.14
C ALA B 428 -8.26 -58.71 0.98
N PHE B 429 -8.66 -59.14 2.17
CA PHE B 429 -8.46 -58.40 3.40
C PHE B 429 -6.98 -58.11 3.62
N LEU B 430 -6.13 -59.08 3.32
CA LEU B 430 -4.69 -58.89 3.45
C LEU B 430 -4.15 -58.02 2.31
N ILE B 431 -4.86 -57.98 1.18
CA ILE B 431 -4.48 -57.12 0.06
C ILE B 431 -4.69 -55.66 0.43
N PHE B 432 -5.90 -55.32 0.89
CA PHE B 432 -6.19 -53.93 1.21
C PHE B 432 -5.44 -53.46 2.45
N LYS B 433 -5.14 -54.39 3.37
CA LYS B 433 -4.16 -54.08 4.41
C LYS B 433 -2.79 -53.75 3.83
N GLY B 434 -2.37 -54.50 2.81
CA GLY B 434 -1.08 -54.27 2.20
C GLY B 434 -0.98 -52.92 1.52
N ILE B 435 -2.06 -52.51 0.83
CA ILE B 435 -2.05 -51.22 0.16
C ILE B 435 -2.15 -50.07 1.15
N ASN B 436 -2.84 -50.29 2.27
CA ASN B 436 -2.89 -49.25 3.30
C ASN B 436 -1.52 -49.05 3.95
N ILE B 437 -0.80 -50.15 4.18
CA ILE B 437 0.53 -50.05 4.78
C ILE B 437 1.50 -49.37 3.82
N LEU B 438 1.38 -49.66 2.52
CA LEU B 438 2.26 -49.03 1.54
C LEU B 438 1.94 -47.56 1.35
N VAL B 439 0.66 -47.20 1.37
CA VAL B 439 0.30 -45.81 1.10
C VAL B 439 0.53 -44.94 2.33
N ASN B 440 0.75 -45.53 3.50
CA ASN B 440 0.99 -44.76 4.71
C ASN B 440 2.35 -45.09 5.29
N SER B 441 3.38 -45.11 4.44
CA SER B 441 4.68 -45.66 4.82
C SER B 441 5.78 -44.62 4.97
N LYS B 442 5.55 -43.38 4.53
CA LYS B 442 6.51 -42.26 4.49
C LYS B 442 7.73 -42.50 3.58
N ALA B 443 7.77 -43.62 2.88
CA ALA B 443 8.76 -43.79 1.82
C ALA B 443 8.09 -43.70 0.46
N PHE B 444 6.81 -44.06 0.42
CA PHE B 444 6.01 -43.90 -0.79
C PHE B 444 5.83 -42.42 -1.12
N GLN B 445 5.72 -41.58 -0.08
CA GLN B 445 5.58 -40.15 -0.29
C GLN B 445 6.86 -39.55 -0.87
N TYR B 446 8.00 -39.83 -0.23
CA TYR B 446 9.29 -39.32 -0.70
C TYR B 446 9.63 -39.86 -2.08
N PHE B 447 9.17 -41.08 -2.37
CA PHE B 447 9.31 -41.62 -3.72
C PHE B 447 8.52 -40.82 -4.73
N MET B 448 7.30 -40.41 -4.36
CA MET B 448 6.48 -39.66 -5.32
C MET B 448 7.01 -38.23 -5.53
N TYR B 449 7.59 -37.62 -4.49
CA TYR B 449 8.26 -36.35 -4.70
C TYR B 449 9.47 -36.50 -5.61
N LEU B 450 10.16 -37.64 -5.51
CA LEU B 450 11.30 -37.89 -6.40
C LEU B 450 10.84 -38.08 -7.83
N VAL B 451 9.67 -38.68 -8.03
CA VAL B 451 9.11 -38.84 -9.38
C VAL B 451 8.77 -37.49 -9.98
N VAL B 452 8.21 -36.59 -9.17
CA VAL B 452 7.88 -35.24 -9.65
C VAL B 452 9.14 -34.46 -10.02
N ALA B 453 10.19 -34.60 -9.20
CA ALA B 453 11.42 -33.84 -9.44
C ALA B 453 12.14 -34.33 -10.69
N VAL B 454 12.16 -35.64 -10.92
CA VAL B 454 12.75 -36.18 -12.15
C VAL B 454 11.93 -35.75 -13.35
N ASN B 455 10.61 -35.67 -13.20
CA ASN B 455 9.73 -35.22 -14.28
C ASN B 455 10.02 -33.78 -14.68
N GLY B 456 10.25 -32.91 -13.70
CA GLY B 456 10.52 -31.52 -14.00
C GLY B 456 11.87 -31.30 -14.67
N VAL B 457 12.90 -32.02 -14.20
CA VAL B 457 14.22 -31.91 -14.83
C VAL B 457 14.18 -32.47 -16.26
N TRP B 458 13.36 -33.51 -16.47
CA TRP B 458 13.19 -34.07 -17.81
C TRP B 458 12.54 -33.07 -18.75
N ILE B 459 11.56 -32.32 -18.27
CA ILE B 459 10.88 -31.34 -19.11
C ILE B 459 11.83 -30.20 -19.49
N LEU B 460 12.62 -29.72 -18.53
CA LEU B 460 13.53 -28.61 -18.79
C LEU B 460 14.64 -28.99 -19.77
N VAL B 461 15.24 -30.17 -19.59
CA VAL B 461 16.28 -30.62 -20.51
C VAL B 461 15.69 -30.91 -21.89
N GLU B 462 14.44 -31.35 -21.94
CA GLU B 462 13.85 -31.65 -23.24
C GLU B 462 13.50 -30.36 -24.00
N THR B 463 13.23 -29.27 -23.28
CA THR B 463 13.08 -27.99 -23.98
C THR B 463 14.40 -27.42 -24.45
N PHE B 464 15.50 -27.65 -23.72
CA PHE B 464 16.80 -27.26 -24.24
C PHE B 464 17.28 -28.14 -25.39
N MET B 465 16.81 -29.38 -25.49
CA MET B 465 17.17 -30.22 -26.64
C MET B 465 16.52 -29.72 -27.92
N LEU B 466 15.19 -29.69 -27.95
CA LEU B 466 14.43 -29.35 -29.15
C LEU B 466 14.21 -27.86 -29.31
N LYS B 467 14.97 -27.03 -28.58
CA LYS B 467 14.96 -25.56 -28.67
C LYS B 467 13.58 -24.97 -28.42
N GLY B 468 12.80 -25.62 -27.56
CA GLY B 468 11.44 -25.22 -27.34
C GLY B 468 10.47 -25.61 -28.43
N GLY B 469 10.92 -26.33 -29.45
CA GLY B 469 10.10 -26.69 -30.58
C GLY B 469 9.28 -27.94 -30.40
N ASN B 470 9.36 -28.58 -29.24
CA ASN B 470 8.58 -29.79 -29.01
C ASN B 470 7.12 -29.51 -28.71
N PHE B 471 6.74 -28.27 -28.46
CA PHE B 471 5.35 -27.94 -28.11
C PHE B 471 4.51 -27.62 -29.34
N THR B 472 4.89 -28.11 -30.51
CA THR B 472 4.13 -27.90 -31.73
C THR B 472 3.74 -29.18 -32.45
N SER B 473 4.38 -30.30 -32.16
CA SER B 473 4.21 -31.51 -32.95
C SER B 473 2.96 -32.28 -32.53
N LYS B 474 2.43 -33.05 -33.47
CA LYS B 474 1.32 -33.95 -33.18
C LYS B 474 1.78 -35.17 -32.38
N HIS B 475 3.06 -35.47 -32.40
CA HIS B 475 3.58 -36.71 -31.80
C HIS B 475 3.66 -36.57 -30.29
N VAL B 476 2.91 -37.41 -29.59
CA VAL B 476 3.01 -37.48 -28.13
C VAL B 476 4.32 -38.14 -27.75
N PRO B 477 5.13 -37.54 -26.87
CA PRO B 477 6.35 -38.21 -26.41
C PRO B 477 6.01 -39.42 -25.56
N TRP B 478 6.84 -40.46 -25.66
CA TRP B 478 6.59 -41.66 -24.88
C TRP B 478 6.94 -41.43 -23.41
N SER B 479 7.78 -40.44 -23.13
CA SER B 479 8.09 -40.08 -21.75
C SER B 479 6.86 -39.55 -21.03
N TYR B 480 6.03 -38.80 -21.74
CA TYR B 480 4.75 -38.34 -21.20
C TYR B 480 3.84 -39.51 -20.85
N LEU B 481 3.88 -40.57 -21.66
CA LEU B 481 3.08 -41.75 -21.37
C LEU B 481 3.61 -42.48 -20.15
N VAL B 482 4.93 -42.49 -19.97
CA VAL B 482 5.54 -43.17 -18.83
C VAL B 482 5.12 -42.49 -17.52
N PHE B 483 5.30 -41.16 -17.45
CA PHE B 483 4.93 -40.45 -16.23
C PHE B 483 3.43 -40.47 -15.98
N LEU B 484 2.61 -40.45 -17.05
CA LEU B 484 1.18 -40.52 -16.85
C LEU B 484 0.75 -41.88 -16.31
N THR B 485 1.44 -42.95 -16.69
CA THR B 485 1.17 -44.26 -16.07
C THR B 485 1.60 -44.29 -14.60
N ILE B 486 2.67 -43.58 -14.24
CA ILE B 486 3.09 -43.55 -12.84
C ILE B 486 2.05 -42.83 -11.98
N TYR B 487 1.59 -41.66 -12.42
CA TYR B 487 0.61 -40.93 -11.63
C TYR B 487 -0.74 -41.64 -11.62
N GLY B 488 -1.04 -42.39 -12.68
CA GLY B 488 -2.29 -43.13 -12.72
C GLY B 488 -2.32 -44.29 -11.74
N VAL B 489 -1.25 -45.09 -11.73
CA VAL B 489 -1.16 -46.23 -10.82
C VAL B 489 -1.09 -45.76 -9.38
N GLU B 490 -0.38 -44.65 -9.13
CA GLU B 490 -0.36 -44.05 -7.81
C GLU B 490 -1.73 -43.54 -7.39
N LEU B 491 -2.54 -43.09 -8.36
CA LEU B 491 -3.88 -42.62 -8.04
C LEU B 491 -4.78 -43.79 -7.63
N PHE B 492 -4.75 -44.90 -8.37
CA PHE B 492 -5.59 -46.05 -8.00
C PHE B 492 -5.15 -46.67 -6.69
N MET B 493 -3.84 -46.77 -6.47
CA MET B 493 -3.33 -47.37 -5.23
C MET B 493 -3.66 -46.51 -4.02
N LYS B 494 -3.63 -45.19 -4.18
CA LYS B 494 -3.94 -44.32 -3.05
C LYS B 494 -5.45 -44.24 -2.82
N VAL B 495 -6.25 -44.26 -3.88
CA VAL B 495 -7.68 -44.14 -3.69
C VAL B 495 -8.30 -45.45 -3.21
N ALA B 496 -7.61 -46.58 -3.42
CA ALA B 496 -8.10 -47.86 -2.93
C ALA B 496 -7.51 -48.24 -1.58
N GLY B 497 -6.23 -47.96 -1.34
CA GLY B 497 -5.62 -48.30 -0.08
C GLY B 497 -5.98 -47.39 1.07
N LEU B 498 -6.64 -46.26 0.78
CA LEU B 498 -7.04 -45.32 1.82
C LEU B 498 -8.54 -45.16 1.93
N GLY B 499 -9.28 -45.31 0.83
CA GLY B 499 -10.70 -45.13 0.85
C GLY B 499 -11.08 -43.80 0.23
N PRO B 500 -12.07 -43.80 -0.67
CA PRO B 500 -12.38 -42.58 -1.44
C PRO B 500 -12.98 -41.46 -0.60
N VAL B 501 -13.64 -41.77 0.51
CA VAL B 501 -14.05 -40.75 1.45
C VAL B 501 -12.86 -40.09 2.13
N GLU B 502 -11.86 -40.87 2.53
CA GLU B 502 -10.66 -40.35 3.17
C GLU B 502 -9.64 -39.92 2.13
N TYR B 503 -9.98 -40.00 0.85
CA TYR B 503 -9.13 -39.50 -0.21
C TYR B 503 -9.53 -38.10 -0.67
N LEU B 504 -10.82 -37.81 -0.77
CA LEU B 504 -11.30 -36.51 -1.21
C LEU B 504 -11.35 -35.50 -0.07
N SER B 505 -10.97 -35.89 1.14
CA SER B 505 -10.94 -34.98 2.28
C SER B 505 -9.90 -33.89 2.09
N SER B 506 -8.65 -34.28 1.86
CA SER B 506 -7.58 -33.30 1.67
C SER B 506 -7.71 -32.63 0.31
N GLY B 507 -7.14 -31.43 0.21
CA GLY B 507 -7.27 -30.64 -0.99
C GLY B 507 -6.25 -31.01 -2.04
N TRP B 508 -5.06 -31.40 -1.60
CA TRP B 508 -4.00 -31.76 -2.53
C TRP B 508 -4.31 -33.04 -3.27
N ASN B 509 -4.95 -34.01 -2.60
CA ASN B 509 -5.36 -35.23 -3.27
C ASN B 509 -6.44 -34.95 -4.30
N LEU B 510 -7.32 -33.99 -4.00
CA LEU B 510 -8.33 -33.55 -4.96
C LEU B 510 -7.68 -32.88 -6.15
N PHE B 511 -6.60 -32.12 -5.92
CA PHE B 511 -5.87 -31.48 -7.01
C PHE B 511 -5.18 -32.51 -7.89
N ASP B 512 -4.58 -33.54 -7.26
CA ASP B 512 -3.84 -34.54 -8.04
C ASP B 512 -4.80 -35.42 -8.83
N PHE B 513 -5.96 -35.75 -8.26
CA PHE B 513 -6.98 -36.47 -8.99
C PHE B 513 -7.50 -35.66 -10.16
N SER B 514 -7.68 -34.35 -9.96
CA SER B 514 -8.21 -33.50 -11.01
C SER B 514 -7.23 -33.38 -12.17
N VAL B 515 -5.95 -33.21 -11.86
CA VAL B 515 -4.94 -33.04 -12.92
C VAL B 515 -4.75 -34.34 -13.69
N THR B 516 -4.68 -35.47 -12.97
CA THR B 516 -4.42 -36.74 -13.62
C THR B 516 -5.60 -37.19 -14.48
N ALA B 517 -6.83 -37.03 -13.96
CA ALA B 517 -8.00 -37.34 -14.77
C ALA B 517 -8.19 -36.35 -15.92
N PHE B 518 -7.64 -35.14 -15.80
CA PHE B 518 -7.64 -34.21 -16.91
C PHE B 518 -6.69 -34.67 -18.00
N ALA B 519 -5.55 -35.26 -17.61
CA ALA B 519 -4.58 -35.71 -18.60
C ALA B 519 -5.02 -36.99 -19.30
N PHE B 520 -5.78 -37.86 -18.62
CA PHE B 520 -6.37 -39.00 -19.33
C PHE B 520 -7.39 -38.54 -20.35
N LEU B 521 -8.13 -37.47 -20.03
CA LEU B 521 -9.11 -36.92 -20.96
C LEU B 521 -8.45 -36.34 -22.20
N GLY B 522 -7.33 -35.64 -22.00
CA GLY B 522 -6.60 -35.08 -23.13
C GLY B 522 -5.95 -36.15 -23.98
N LEU B 523 -5.43 -37.20 -23.33
CA LEU B 523 -4.79 -38.29 -24.06
C LEU B 523 -5.82 -39.07 -24.89
N LEU B 524 -6.97 -39.35 -24.29
CA LEU B 524 -8.02 -40.11 -24.98
C LEU B 524 -8.64 -39.31 -26.10
N ALA B 525 -8.81 -38.00 -25.89
CA ALA B 525 -9.36 -37.15 -26.94
C ALA B 525 -8.36 -36.97 -28.08
N LEU B 526 -7.07 -37.07 -27.78
CA LEU B 526 -6.08 -36.90 -28.85
C LEU B 526 -5.93 -38.18 -29.67
N THR B 527 -6.03 -39.34 -29.03
CA THR B 527 -6.11 -40.58 -29.79
C THR B 527 -7.44 -40.75 -30.52
N LEU B 528 -8.47 -40.01 -30.11
CA LEU B 528 -9.73 -39.90 -30.85
C LEU B 528 -9.64 -38.89 -31.98
N ASN B 529 -8.45 -38.30 -32.19
CA ASN B 529 -8.14 -37.29 -33.21
C ASN B 529 -9.00 -36.04 -33.07
N MET B 530 -9.27 -35.62 -31.84
CA MET B 530 -9.83 -34.29 -31.59
C MET B 530 -8.66 -33.37 -31.25
N GLU B 531 -7.95 -32.97 -32.30
CA GLU B 531 -6.77 -32.11 -32.24
C GLU B 531 -6.91 -30.75 -31.54
N PRO B 532 -8.09 -30.10 -31.41
CA PRO B 532 -8.17 -28.94 -30.51
C PRO B 532 -8.01 -29.24 -29.03
N PHE B 533 -8.01 -30.52 -28.63
CA PHE B 533 -7.73 -30.90 -27.26
C PHE B 533 -6.27 -31.26 -27.04
N TYR B 534 -5.36 -30.61 -27.76
CA TYR B 534 -3.93 -30.83 -27.57
C TYR B 534 -3.32 -29.88 -26.54
N PHE B 535 -4.05 -28.84 -26.15
CA PHE B 535 -3.52 -27.95 -25.14
C PHE B 535 -3.46 -28.61 -23.76
N ILE B 536 -4.22 -29.68 -23.55
CA ILE B 536 -4.07 -30.48 -22.34
C ILE B 536 -2.71 -31.18 -22.33
N VAL B 537 -2.24 -31.59 -23.50
CA VAL B 537 -0.88 -32.16 -23.60
C VAL B 537 0.16 -31.06 -23.41
N VAL B 538 -0.17 -29.83 -23.80
CA VAL B 538 0.76 -28.72 -23.63
C VAL B 538 0.93 -28.36 -22.16
N LEU B 539 -0.14 -28.44 -21.37
CA LEU B 539 -0.07 -28.10 -19.95
C LEU B 539 0.51 -29.23 -19.11
N ARG B 540 1.70 -29.72 -19.46
CA ARG B 540 2.38 -30.70 -18.60
C ARG B 540 2.85 -30.15 -17.26
N PRO B 541 3.55 -28.95 -17.16
CA PRO B 541 4.14 -28.61 -15.86
C PRO B 541 3.20 -28.24 -14.72
N LEU B 542 1.88 -28.36 -14.89
CA LEU B 542 1.01 -28.23 -13.72
C LEU B 542 1.12 -29.43 -12.79
N GLN B 543 1.68 -30.54 -13.24
CA GLN B 543 1.97 -31.66 -12.35
C GLN B 543 3.13 -31.35 -11.41
N LEU B 544 3.95 -30.37 -11.74
CA LEU B 544 5.01 -29.89 -10.88
C LEU B 544 4.52 -28.96 -9.79
N LEU B 545 3.22 -28.70 -9.72
CA LEU B 545 2.69 -27.86 -8.67
C LEU B 545 2.45 -28.64 -7.38
N ARG B 546 2.57 -29.98 -7.42
CA ARG B 546 2.54 -30.77 -6.20
C ARG B 546 3.75 -30.49 -5.34
N LEU B 547 4.86 -30.09 -5.96
CA LEU B 547 6.14 -29.91 -5.28
C LEU B 547 6.15 -28.73 -4.33
N PHE B 548 5.14 -27.85 -4.40
CA PHE B 548 5.07 -26.69 -3.54
C PHE B 548 4.50 -26.97 -2.15
N LYS B 549 3.93 -28.14 -1.90
CA LYS B 549 3.51 -28.42 -0.54
C LYS B 549 4.67 -28.87 0.35
N LEU B 550 5.87 -28.96 -0.22
CA LEU B 550 7.04 -29.35 0.56
C LEU B 550 7.47 -28.23 1.50
N LYS B 551 7.18 -26.98 1.16
CA LYS B 551 7.60 -25.83 1.96
C LYS B 551 6.40 -25.31 2.75
N LYS B 552 6.67 -24.74 3.93
CA LYS B 552 5.61 -24.38 4.85
C LYS B 552 4.85 -23.15 4.39
N ARG B 553 5.57 -22.15 3.86
CA ARG B 553 4.95 -20.87 3.54
C ARG B 553 3.98 -20.99 2.38
N TYR B 554 4.22 -21.93 1.47
CA TYR B 554 3.27 -22.14 0.39
C TYR B 554 1.99 -22.80 0.90
N ARG B 555 2.09 -23.65 1.91
CA ARG B 555 0.89 -24.22 2.51
C ARG B 555 0.06 -23.14 3.19
N ASN B 556 0.72 -22.16 3.80
CA ASN B 556 0.00 -21.02 4.37
C ASN B 556 -0.66 -20.18 3.29
N VAL B 557 0.05 -19.90 2.19
CA VAL B 557 -0.48 -19.02 1.15
C VAL B 557 -1.70 -19.66 0.48
N LEU B 558 -1.63 -20.96 0.18
CA LEU B 558 -2.72 -21.60 -0.53
C LEU B 558 -3.91 -21.86 0.38
N ASP B 559 -3.68 -22.11 1.67
CA ASP B 559 -4.81 -22.25 2.59
C ASP B 559 -5.53 -20.91 2.79
N THR B 560 -4.77 -19.82 2.93
CA THR B 560 -5.40 -18.50 2.97
C THR B 560 -6.08 -18.12 1.67
N MET B 561 -5.58 -18.60 0.53
CA MET B 561 -6.19 -18.24 -0.75
C MET B 561 -7.54 -18.93 -0.90
N PHE B 562 -7.65 -20.17 -0.43
CA PHE B 562 -8.96 -20.79 -0.48
C PHE B 562 -9.80 -20.50 0.76
N GLU B 563 -9.33 -19.65 1.67
CA GLU B 563 -10.20 -19.15 2.73
C GLU B 563 -10.80 -17.80 2.40
N LEU B 564 -10.04 -16.90 1.78
CA LEU B 564 -10.52 -15.56 1.45
C LEU B 564 -11.15 -15.47 0.07
N LEU B 565 -11.63 -16.58 -0.48
CA LEU B 565 -12.09 -16.55 -1.86
C LEU B 565 -13.48 -15.92 -2.06
N PRO B 566 -14.52 -16.19 -1.21
CA PRO B 566 -15.80 -15.50 -1.45
C PRO B 566 -15.74 -14.00 -1.23
N ARG B 567 -14.83 -13.54 -0.38
CA ARG B 567 -14.68 -12.12 -0.13
C ARG B 567 -14.08 -11.42 -1.35
N MET B 568 -13.15 -12.10 -2.03
CA MET B 568 -12.57 -11.56 -3.26
C MET B 568 -13.59 -11.51 -4.38
N ALA B 569 -14.48 -12.51 -4.45
CA ALA B 569 -15.53 -12.45 -5.45
C ALA B 569 -16.52 -11.32 -5.16
N SER B 570 -16.81 -11.09 -3.86
CA SER B 570 -17.71 -10.01 -3.49
C SER B 570 -17.12 -8.63 -3.71
N LEU B 571 -15.80 -8.51 -3.89
CA LEU B 571 -15.24 -7.23 -4.29
C LEU B 571 -15.08 -7.06 -5.78
N GLY B 572 -14.80 -8.15 -6.51
CA GLY B 572 -14.80 -8.09 -7.95
C GLY B 572 -16.14 -7.74 -8.54
N LEU B 573 -17.24 -8.09 -7.85
CA LEU B 573 -18.56 -7.75 -8.34
C LEU B 573 -18.83 -6.25 -8.24
N THR B 574 -18.24 -5.58 -7.24
CA THR B 574 -18.39 -4.12 -7.14
C THR B 574 -17.65 -3.42 -8.26
N LEU B 575 -16.45 -3.91 -8.59
CA LEU B 575 -15.70 -3.36 -9.71
C LEU B 575 -16.45 -3.58 -11.04
N LEU B 576 -17.20 -4.68 -11.15
CA LEU B 576 -18.00 -4.90 -12.36
C LEU B 576 -19.21 -3.98 -12.41
N THR B 577 -19.70 -3.49 -11.28
CA THR B 577 -20.79 -2.51 -11.33
C THR B 577 -20.30 -1.16 -11.87
N PHE B 578 -19.09 -0.74 -11.46
CA PHE B 578 -18.54 0.49 -12.03
C PHE B 578 -18.26 0.36 -13.52
N TYR B 579 -17.80 -0.82 -13.96
CA TYR B 579 -17.63 -1.04 -15.39
C TYR B 579 -18.95 -0.97 -16.13
N TYR B 580 -20.03 -1.44 -15.49
CA TYR B 580 -21.30 -1.55 -16.21
C TYR B 580 -21.89 -0.18 -16.50
N SER B 581 -21.86 0.72 -15.51
CA SER B 581 -22.40 2.06 -15.74
C SER B 581 -21.56 2.84 -16.75
N PHE B 582 -20.23 2.75 -16.65
CA PHE B 582 -19.39 3.43 -17.63
C PHE B 582 -19.49 2.82 -19.03
N ALA B 583 -19.76 1.52 -19.12
CA ALA B 583 -19.89 0.91 -20.44
C ALA B 583 -21.17 1.32 -21.13
N ILE B 584 -22.25 1.55 -20.39
CA ILE B 584 -23.50 1.94 -21.04
C ILE B 584 -23.42 3.38 -21.56
N VAL B 585 -22.86 4.29 -20.75
CA VAL B 585 -22.65 5.65 -21.25
C VAL B 585 -21.70 5.66 -22.44
N GLY B 586 -20.67 4.81 -22.38
CA GLY B 586 -19.72 4.74 -23.48
C GLY B 586 -20.30 4.14 -24.75
N MET B 587 -21.26 3.23 -24.64
CA MET B 587 -21.89 2.71 -25.84
C MET B 587 -22.79 3.75 -26.49
N GLU B 588 -23.57 4.46 -25.68
CA GLU B 588 -24.56 5.32 -26.32
C GLU B 588 -23.97 6.64 -26.81
N PHE B 589 -22.74 7.00 -26.43
CA PHE B 589 -22.17 8.20 -27.00
C PHE B 589 -20.97 7.98 -27.92
N PHE B 590 -20.32 6.82 -27.87
CA PHE B 590 -19.19 6.64 -28.77
C PHE B 590 -19.37 5.40 -29.63
N ASN B 591 -20.54 5.24 -30.23
CA ASN B 591 -20.91 3.99 -30.88
C ASN B 591 -20.11 3.74 -32.15
N GLY B 592 -20.30 4.58 -33.16
CA GLY B 592 -19.74 4.25 -34.46
C GLY B 592 -18.61 5.17 -34.89
N ARG B 593 -17.76 5.55 -33.94
CA ARG B 593 -16.73 6.51 -34.25
C ARG B 593 -15.43 5.87 -34.69
N LEU B 594 -14.95 4.86 -33.98
CA LEU B 594 -13.64 4.28 -34.25
C LEU B 594 -13.79 3.25 -35.37
N THR B 595 -13.38 3.64 -36.56
CA THR B 595 -13.34 2.83 -37.76
C THR B 595 -11.89 2.56 -38.14
N PRO B 596 -11.63 1.59 -39.01
CA PRO B 596 -10.27 1.45 -39.53
C PRO B 596 -9.86 2.65 -40.36
N ASN B 597 -8.64 3.11 -40.12
CA ASN B 597 -7.95 4.14 -40.90
C ASN B 597 -8.69 5.48 -40.82
N CYS B 598 -8.90 5.93 -39.59
CA CYS B 598 -9.47 7.25 -39.35
C CYS B 598 -8.55 8.02 -38.40
N CYS B 599 -9.02 9.15 -37.89
CA CYS B 599 -8.33 9.99 -36.90
C CYS B 599 -6.97 10.45 -37.40
N ASN B 600 -6.90 10.81 -38.68
CA ASN B 600 -5.63 11.12 -39.31
C ASN B 600 -5.23 12.59 -39.17
N THR B 601 -6.07 13.39 -38.52
CA THR B 601 -5.72 14.78 -38.24
C THR B 601 -5.10 14.96 -36.88
N SER B 602 -5.08 13.93 -36.04
CA SER B 602 -4.52 14.01 -34.70
C SER B 602 -3.06 13.59 -34.70
N THR B 603 -2.51 13.43 -33.51
CA THR B 603 -1.16 12.92 -33.32
C THR B 603 -1.13 11.40 -33.21
N VAL B 604 -2.27 10.75 -33.37
CA VAL B 604 -2.38 9.31 -33.14
C VAL B 604 -2.76 8.70 -34.49
N ALA B 605 -2.29 9.30 -35.57
CA ALA B 605 -2.60 8.76 -36.88
C ALA B 605 -1.84 7.47 -37.16
N ASP B 606 -0.74 7.26 -36.45
CA ASP B 606 0.08 6.07 -36.63
C ASP B 606 -0.61 4.82 -36.10
N ALA B 607 -1.57 4.96 -35.20
CA ALA B 607 -2.17 3.82 -34.53
C ALA B 607 -3.49 3.39 -35.13
N TYR B 608 -4.23 4.29 -35.75
CA TYR B 608 -5.45 3.94 -36.47
C TYR B 608 -5.14 3.94 -37.96
N ARG B 609 -4.46 2.90 -38.43
CA ARG B 609 -4.11 2.84 -39.84
C ARG B 609 -4.31 1.42 -40.36
N PHE B 610 -4.60 1.33 -41.65
CA PHE B 610 -4.87 0.04 -42.27
C PHE B 610 -4.48 0.16 -43.74
N ILE B 611 -3.29 -0.32 -44.08
CA ILE B 611 -2.70 -0.12 -45.39
C ILE B 611 -2.52 -1.47 -46.05
N ASN B 612 -3.03 -1.61 -47.27
CA ASN B 612 -2.74 -2.80 -48.05
C ASN B 612 -1.49 -2.64 -48.89
N HIS B 613 -1.00 -3.78 -49.38
CA HIS B 613 0.02 -3.81 -50.43
C HIS B 613 -0.33 -4.96 -51.36
N THR B 614 0.17 -4.90 -52.59
CA THR B 614 -0.12 -5.93 -53.59
C THR B 614 1.15 -6.45 -54.23
N VAL B 615 2.16 -6.77 -53.43
CA VAL B 615 3.36 -7.39 -53.95
C VAL B 615 3.12 -8.88 -54.20
N GLY B 616 3.36 -9.31 -55.44
CA GLY B 616 3.04 -10.68 -55.82
C GLY B 616 1.54 -10.89 -55.86
N ASN B 617 1.08 -11.94 -55.18
CA ASN B 617 -0.33 -12.19 -54.94
C ASN B 617 -0.55 -12.45 -53.47
N LYS B 618 0.22 -11.77 -52.62
CA LYS B 618 0.28 -12.06 -51.19
C LYS B 618 -0.67 -11.21 -50.37
N THR B 619 -1.03 -10.02 -50.88
CA THR B 619 -1.84 -8.96 -50.23
C THR B 619 -1.52 -8.80 -48.74
N LYS B 620 -0.24 -8.62 -48.45
CA LYS B 620 0.21 -8.42 -47.08
C LYS B 620 -0.23 -7.05 -46.56
N VAL B 621 -0.79 -7.04 -45.35
CA VAL B 621 -1.38 -5.85 -44.76
C VAL B 621 -0.60 -5.46 -43.51
N GLU B 622 -0.48 -4.16 -43.27
CA GLU B 622 0.00 -3.65 -42.00
C GLU B 622 -1.07 -2.76 -41.38
N GLU B 623 -1.13 -2.78 -40.05
CA GLU B 623 -2.23 -2.16 -39.35
C GLU B 623 -1.81 -1.80 -37.94
N GLY B 624 -2.54 -0.87 -37.34
CA GLY B 624 -2.16 -0.32 -36.06
C GLY B 624 -3.04 -0.80 -34.92
N TYR B 625 -4.14 -1.46 -35.27
CA TYR B 625 -4.94 -2.32 -34.42
C TYR B 625 -5.79 -1.61 -33.37
N TYR B 626 -5.61 -0.33 -33.15
CA TYR B 626 -6.36 0.33 -32.08
C TYR B 626 -7.77 0.71 -32.48
N TYR B 627 -8.18 0.40 -33.70
CA TYR B 627 -9.58 0.51 -34.10
C TYR B 627 -10.41 -0.67 -33.64
N LEU B 628 -9.83 -1.62 -32.93
CA LEU B 628 -10.55 -2.75 -32.39
C LEU B 628 -11.02 -2.51 -30.96
N ASN B 629 -10.60 -1.40 -30.34
CA ASN B 629 -11.08 -1.02 -29.02
C ASN B 629 -12.29 -0.11 -29.17
N ASN B 630 -13.38 -0.72 -29.58
CA ASN B 630 -14.58 0.01 -29.92
C ASN B 630 -15.42 0.27 -28.67
N PHE B 631 -16.62 0.76 -28.90
CA PHE B 631 -17.71 0.72 -27.95
C PHE B 631 -18.95 0.23 -28.66
N ASP B 632 -18.78 -0.75 -29.56
CA ASP B 632 -19.88 -1.22 -30.38
C ASP B 632 -20.84 -2.09 -29.58
N ASN B 633 -20.32 -2.90 -28.67
CA ASN B 633 -21.13 -3.85 -27.92
C ASN B 633 -21.00 -3.53 -26.44
N ILE B 634 -21.59 -4.39 -25.61
CA ILE B 634 -21.26 -4.36 -24.20
C ILE B 634 -19.99 -5.16 -23.93
N LEU B 635 -19.61 -6.06 -24.84
CA LEU B 635 -18.45 -6.90 -24.63
C LEU B 635 -17.17 -6.24 -25.13
N ASN B 636 -17.24 -5.57 -26.29
CA ASN B 636 -16.12 -4.76 -26.75
C ASN B 636 -15.86 -3.60 -25.80
N SER B 637 -16.91 -3.05 -25.20
CA SER B 637 -16.70 -1.99 -24.24
C SER B 637 -16.19 -2.52 -22.91
N PHE B 638 -16.52 -3.76 -22.55
CA PHE B 638 -15.92 -4.31 -21.33
C PHE B 638 -14.44 -4.59 -21.50
N VAL B 639 -14.01 -5.08 -22.66
CA VAL B 639 -12.58 -5.31 -22.79
C VAL B 639 -11.84 -4.00 -22.98
N THR B 640 -12.52 -2.96 -23.49
CA THR B 640 -11.89 -1.65 -23.57
C THR B 640 -11.69 -1.03 -22.19
N LEU B 641 -12.70 -1.12 -21.33
CA LEU B 641 -12.56 -0.60 -19.98
C LEU B 641 -11.58 -1.42 -19.15
N PHE B 642 -11.40 -2.69 -19.47
CA PHE B 642 -10.29 -3.43 -18.86
C PHE B 642 -8.96 -2.91 -19.36
N GLU B 643 -8.90 -2.45 -20.61
CA GLU B 643 -7.65 -1.87 -21.08
C GLU B 643 -7.40 -0.48 -20.53
N LEU B 644 -8.41 0.15 -19.95
CA LEU B 644 -8.20 1.44 -19.31
C LEU B 644 -7.93 1.32 -17.81
N THR B 645 -8.30 0.19 -17.19
CA THR B 645 -7.91 -0.03 -15.79
C THR B 645 -6.41 -0.29 -15.68
N VAL B 646 -5.90 -1.24 -16.45
CA VAL B 646 -4.47 -1.34 -16.68
C VAL B 646 -4.06 -0.06 -17.39
N VAL B 647 -3.25 0.76 -16.74
CA VAL B 647 -3.19 2.19 -17.06
C VAL B 647 -2.56 2.48 -18.42
N ASN B 648 -1.74 1.57 -18.96
CA ASN B 648 -0.86 1.90 -20.07
C ASN B 648 -1.62 2.18 -21.37
N ASN B 649 -1.15 3.22 -22.08
CA ASN B 649 -1.67 3.66 -23.38
C ASN B 649 -3.15 3.97 -23.35
N TRP B 650 -3.57 4.72 -22.34
CA TRP B 650 -4.96 5.13 -22.29
C TRP B 650 -5.20 6.44 -23.03
N TYR B 651 -4.15 7.23 -23.26
CA TYR B 651 -4.33 8.50 -23.94
C TYR B 651 -4.53 8.32 -25.43
N ILE B 652 -4.20 7.15 -25.96
CA ILE B 652 -4.40 6.88 -27.37
C ILE B 652 -5.88 6.67 -27.67
N ILE B 653 -6.55 5.90 -26.82
CA ILE B 653 -7.99 5.71 -26.94
C ILE B 653 -8.72 7.02 -26.68
N MET B 654 -8.23 7.78 -25.70
CA MET B 654 -8.78 9.10 -25.39
C MET B 654 -8.71 10.05 -26.57
N GLU B 655 -7.53 10.20 -27.16
CA GLU B 655 -7.39 11.20 -28.20
C GLU B 655 -7.92 10.72 -29.55
N GLY B 656 -8.12 9.42 -29.72
CA GLY B 656 -8.86 8.96 -30.88
C GLY B 656 -10.32 9.32 -30.80
N VAL B 657 -10.93 9.10 -29.63
CA VAL B 657 -12.33 9.44 -29.44
C VAL B 657 -12.55 10.94 -29.54
N THR B 658 -11.67 11.73 -28.94
CA THR B 658 -11.82 13.17 -29.06
C THR B 658 -11.38 13.72 -30.41
N SER B 659 -10.73 12.91 -31.23
CA SER B 659 -10.59 13.30 -32.63
C SER B 659 -11.93 13.23 -33.33
N GLN B 660 -12.75 12.25 -32.98
CA GLN B 660 -14.03 12.13 -33.67
C GLN B 660 -15.12 12.99 -33.02
N THR B 661 -15.21 13.05 -31.69
CA THR B 661 -16.18 13.84 -30.97
C THR B 661 -15.54 15.11 -30.40
N SER B 662 -16.24 15.77 -29.49
CA SER B 662 -15.76 17.02 -28.90
C SER B 662 -14.75 16.74 -27.78
N HIS B 663 -14.39 17.79 -27.02
CA HIS B 663 -13.39 17.68 -25.97
C HIS B 663 -13.98 17.24 -24.63
N TRP B 664 -15.30 17.24 -24.51
CA TRP B 664 -15.88 16.80 -23.26
C TRP B 664 -15.77 15.28 -23.08
N SER B 665 -15.38 14.57 -24.13
CA SER B 665 -15.04 13.17 -23.95
C SER B 665 -13.64 13.01 -23.34
N ARG B 666 -12.78 14.03 -23.39
CA ARG B 666 -11.61 14.04 -22.51
C ARG B 666 -12.06 14.04 -21.07
N LEU B 667 -13.14 14.78 -20.78
CA LEU B 667 -13.65 14.80 -19.40
C LEU B 667 -14.16 13.43 -18.97
N TYR B 668 -14.70 12.65 -19.92
CA TYR B 668 -15.10 11.26 -19.66
C TYR B 668 -13.93 10.39 -19.21
N PHE B 669 -12.86 10.36 -20.01
CA PHE B 669 -11.77 9.42 -19.74
C PHE B 669 -10.98 9.82 -18.50
N MET B 670 -10.92 11.11 -18.17
CA MET B 670 -10.23 11.52 -16.96
C MET B 670 -10.99 11.09 -15.71
N THR B 671 -12.32 11.25 -15.73
CA THR B 671 -13.14 10.81 -14.61
C THR B 671 -13.05 9.30 -14.39
N PHE B 672 -13.01 8.53 -15.48
CA PHE B 672 -12.89 7.08 -15.34
C PHE B 672 -11.55 6.67 -14.76
N TYR B 673 -10.48 7.41 -15.07
CA TYR B 673 -9.18 7.10 -14.50
C TYR B 673 -9.19 7.25 -12.98
N ILE B 674 -9.73 8.35 -12.49
CA ILE B 674 -9.69 8.62 -11.05
C ILE B 674 -10.56 7.63 -10.28
N VAL B 675 -11.73 7.30 -10.83
CA VAL B 675 -12.64 6.36 -10.17
C VAL B 675 -12.02 4.96 -10.10
N THR B 676 -11.46 4.48 -11.22
CA THR B 676 -10.92 3.13 -11.20
C THR B 676 -9.64 3.03 -10.39
N MET B 677 -8.95 4.15 -10.14
CA MET B 677 -7.73 4.05 -9.35
C MET B 677 -8.04 3.98 -7.86
N VAL B 678 -9.05 4.74 -7.41
CA VAL B 678 -9.46 4.67 -6.02
C VAL B 678 -10.06 3.32 -5.69
N VAL B 679 -10.90 2.80 -6.57
CA VAL B 679 -11.54 1.50 -6.34
C VAL B 679 -10.51 0.38 -6.35
N MET B 680 -9.52 0.45 -7.24
CA MET B 680 -8.57 -0.65 -7.35
C MET B 680 -7.62 -0.69 -6.15
N THR B 681 -7.21 0.47 -5.64
CA THR B 681 -6.32 0.45 -4.48
C THR B 681 -7.05 0.03 -3.21
N ILE B 682 -8.32 0.39 -3.06
CA ILE B 682 -9.07 -0.02 -1.88
C ILE B 682 -9.30 -1.53 -1.87
N ILE B 683 -9.67 -2.10 -3.03
CA ILE B 683 -9.90 -3.54 -3.12
C ILE B 683 -8.63 -4.34 -2.84
N VAL B 684 -7.53 -3.97 -3.49
CA VAL B 684 -6.28 -4.71 -3.34
C VAL B 684 -5.73 -4.59 -1.93
N ALA B 685 -5.77 -3.38 -1.35
CA ALA B 685 -5.17 -3.19 -0.03
C ALA B 685 -5.97 -3.86 1.07
N PHE B 686 -7.30 -3.85 0.95
CA PHE B 686 -8.16 -4.46 1.97
C PHE B 686 -8.03 -5.98 1.99
N ILE B 687 -8.03 -6.60 0.80
CA ILE B 687 -7.85 -8.06 0.72
C ILE B 687 -6.48 -8.45 1.25
N LEU B 688 -5.45 -7.70 0.87
CA LEU B 688 -4.10 -8.11 1.26
C LEU B 688 -3.81 -7.82 2.72
N GLU B 689 -4.58 -6.95 3.36
CA GLU B 689 -4.45 -6.79 4.80
C GLU B 689 -4.99 -8.01 5.55
N ALA B 690 -6.14 -8.52 5.08
CA ALA B 690 -6.66 -9.77 5.65
C ALA B 690 -5.73 -10.94 5.37
N PHE B 691 -5.06 -10.91 4.23
CA PHE B 691 -4.22 -12.01 3.79
C PHE B 691 -2.97 -12.11 4.66
N VAL B 692 -2.31 -10.96 4.89
CA VAL B 692 -1.09 -10.96 5.68
C VAL B 692 -1.39 -11.22 7.15
N PHE B 693 -2.53 -10.71 7.64
CA PHE B 693 -2.91 -10.98 9.03
C PHE B 693 -3.10 -12.46 9.27
N ARG B 694 -3.71 -13.18 8.34
CA ARG B 694 -4.01 -14.57 8.65
C ARG B 694 -2.80 -15.46 8.40
N MET B 695 -1.83 -15.03 7.58
CA MET B 695 -0.59 -15.80 7.51
C MET B 695 0.25 -15.65 8.76
N ASN B 696 0.41 -14.41 9.26
CA ASN B 696 1.19 -14.23 10.48
C ASN B 696 0.51 -14.85 11.69
N TYR B 697 -0.82 -14.84 11.72
CA TYR B 697 -1.55 -15.57 12.75
C TYR B 697 -1.33 -17.06 12.63
N SER B 698 -1.15 -17.56 11.41
CA SER B 698 -0.87 -18.99 11.23
C SER B 698 0.52 -19.34 11.73
N ARG B 699 1.42 -18.35 11.78
CA ARG B 699 2.70 -18.61 12.45
C ARG B 699 2.72 -18.19 13.91
N LYS B 700 1.64 -17.61 14.44
CA LYS B 700 1.56 -17.45 15.88
C LYS B 700 1.22 -18.77 16.55
N SER B 701 0.43 -19.61 15.88
CA SER B 701 0.05 -20.90 16.42
C SER B 701 0.29 -22.01 15.40
N GLY B 709 -11.10 -25.66 9.46
CA GLY B 709 -11.83 -24.77 10.35
C GLY B 709 -11.62 -25.12 11.81
N ILE B 710 -12.41 -24.51 12.69
CA ILE B 710 -12.29 -24.81 14.12
C ILE B 710 -12.95 -26.15 14.40
N VAL B 711 -12.45 -26.84 15.42
CA VAL B 711 -12.91 -28.18 15.76
C VAL B 711 -13.22 -28.22 17.25
N ILE B 712 -14.46 -28.55 17.58
CA ILE B 712 -14.89 -28.78 18.94
C ILE B 712 -15.05 -30.29 19.13
N GLU B 713 -14.96 -30.74 20.37
CA GLU B 713 -15.07 -32.17 20.68
C GLU B 713 -15.87 -32.33 21.97
N LYS B 714 -17.08 -32.86 21.84
CA LYS B 714 -17.95 -33.16 22.98
C LYS B 714 -18.36 -34.61 22.94
N GLU B 715 -19.00 -35.05 24.02
CA GLU B 715 -19.36 -36.45 24.20
C GLU B 715 -20.65 -36.54 24.98
N MET B 716 -21.27 -37.71 24.92
CA MET B 716 -22.43 -38.01 25.73
C MET B 716 -22.32 -39.43 26.26
N SER B 717 -23.16 -39.74 27.24
CA SER B 717 -23.26 -41.08 27.79
C SER B 717 -24.68 -41.60 27.57
N LYS B 718 -24.86 -42.88 27.85
CA LYS B 718 -26.20 -43.47 27.76
C LYS B 718 -27.10 -42.92 28.86
N GLU B 719 -26.54 -42.70 30.06
CA GLU B 719 -27.26 -42.08 31.16
C GLU B 719 -27.79 -40.70 30.79
N GLU B 720 -27.03 -39.96 29.98
CA GLU B 720 -27.52 -38.69 29.44
C GLU B 720 -28.50 -38.86 28.30
N LEU B 721 -28.77 -40.09 27.87
CA LEU B 721 -29.76 -40.30 26.83
C LEU B 721 -31.08 -40.82 27.40
N MET B 722 -31.04 -41.45 28.58
CA MET B 722 -32.26 -41.80 29.29
C MET B 722 -33.13 -40.59 29.62
N ALA B 723 -32.52 -39.43 29.88
CA ALA B 723 -33.31 -38.24 30.12
C ALA B 723 -33.94 -37.71 28.83
N VAL B 724 -33.26 -37.90 27.71
CA VAL B 724 -33.69 -37.29 26.45
C VAL B 724 -34.83 -38.10 25.82
N LEU B 725 -34.75 -39.43 25.89
CA LEU B 725 -35.63 -40.27 25.07
C LEU B 725 -37.07 -40.24 25.56
N GLU B 726 -37.28 -40.29 26.89
CA GLU B 726 -38.63 -40.31 27.42
C GLU B 726 -39.35 -38.98 27.24
N LEU B 727 -38.62 -37.88 27.06
CA LEU B 727 -39.25 -36.60 26.76
C LEU B 727 -39.85 -36.57 25.37
N TYR B 728 -39.19 -37.20 24.39
CA TYR B 728 -39.73 -37.32 23.05
C TYR B 728 -40.83 -38.36 22.95
N ARG B 729 -40.78 -39.38 23.81
CA ARG B 729 -41.90 -40.32 23.86
C ARG B 729 -43.12 -39.71 24.55
N GLU B 730 -42.90 -38.81 25.52
CA GLU B 730 -44.01 -38.25 26.27
C GLU B 730 -44.67 -37.10 25.53
N GLU B 731 -43.85 -36.19 24.97
CA GLU B 731 -44.40 -35.03 24.28
C GLU B 731 -44.99 -35.38 22.92
N ARG B 732 -44.62 -36.54 22.37
CA ARG B 732 -45.14 -37.12 21.12
C ARG B 732 -44.88 -36.18 19.93
N GLY B 733 -43.58 -36.04 19.63
CA GLY B 733 -43.14 -35.36 18.44
C GLY B 733 -43.23 -36.24 17.20
N THR B 734 -42.20 -36.17 16.37
CA THR B 734 -42.17 -36.93 15.14
C THR B 734 -41.66 -38.35 15.39
N SER B 735 -41.45 -39.10 14.30
CA SER B 735 -41.05 -40.50 14.43
C SER B 735 -39.57 -40.70 14.11
N SER B 736 -39.03 -39.94 13.15
CA SER B 736 -37.65 -40.11 12.71
C SER B 736 -36.67 -39.72 13.80
N ASP B 737 -37.05 -38.78 14.67
CA ASP B 737 -36.20 -38.37 15.77
C ASP B 737 -36.08 -39.50 16.79
N VAL B 738 -37.22 -40.13 17.10
CA VAL B 738 -37.26 -41.22 18.07
C VAL B 738 -36.49 -42.42 17.55
N THR B 739 -36.69 -42.76 16.26
CA THR B 739 -35.99 -43.90 15.68
C THR B 739 -34.51 -43.62 15.50
N ARG B 740 -34.12 -42.35 15.34
CA ARG B 740 -32.70 -41.99 15.34
C ARG B 740 -32.07 -42.28 16.70
N LEU B 741 -32.78 -41.95 17.77
CA LEU B 741 -32.26 -42.23 19.10
C LEU B 741 -32.29 -43.72 19.41
N LEU B 742 -33.19 -44.46 18.77
CA LEU B 742 -33.12 -45.92 18.87
C LEU B 742 -31.91 -46.46 18.12
N ASP B 743 -31.54 -45.82 17.01
CA ASP B 743 -30.36 -46.25 16.25
C ASP B 743 -29.08 -46.03 17.04
N THR B 744 -29.00 -44.94 17.80
CA THR B 744 -27.79 -44.75 18.59
C THR B 744 -27.84 -45.57 19.87
N LEU B 745 -29.01 -46.05 20.28
CA LEU B 745 -29.04 -47.09 21.31
C LEU B 745 -28.41 -48.38 20.80
N SER B 746 -28.69 -48.72 19.53
CA SER B 746 -28.08 -49.91 18.93
C SER B 746 -26.57 -49.72 18.74
N GLN B 747 -26.15 -48.52 18.34
CA GLN B 747 -24.73 -48.27 18.13
C GLN B 747 -23.97 -48.15 19.45
N MET B 748 -24.68 -47.88 20.55
CA MET B 748 -24.02 -47.98 21.84
C MET B 748 -23.90 -49.43 22.29
N GLU B 749 -24.87 -50.26 21.96
CA GLU B 749 -24.83 -51.66 22.39
C GLU B 749 -23.80 -52.49 21.62
N LYS B 750 -23.60 -52.19 20.33
CA LYS B 750 -22.74 -53.02 19.49
C LYS B 750 -21.27 -52.93 19.89
N TYR B 751 -20.82 -51.77 20.37
CA TYR B 751 -19.45 -51.58 20.80
C TYR B 751 -19.23 -51.88 22.29
N GLN B 752 -20.31 -52.15 23.03
CA GLN B 752 -20.30 -52.44 24.47
C GLN B 752 -19.65 -51.31 25.27
N GLN B 753 -20.27 -50.13 25.19
CA GLN B 753 -19.78 -48.96 25.89
C GLN B 753 -20.94 -47.99 26.07
N ASN B 754 -20.78 -47.09 27.03
CA ASN B 754 -21.78 -46.07 27.34
C ASN B 754 -21.39 -44.70 26.82
N SER B 755 -20.21 -44.20 27.20
CA SER B 755 -19.77 -42.89 26.77
C SER B 755 -19.28 -42.98 25.33
N MET B 756 -19.83 -42.12 24.48
CA MET B 756 -19.45 -42.05 23.07
C MET B 756 -19.08 -40.61 22.73
N VAL B 757 -17.99 -40.44 22.00
CA VAL B 757 -17.40 -39.13 21.74
C VAL B 757 -17.76 -38.70 20.31
N PHE B 758 -18.31 -37.51 20.19
CA PHE B 758 -18.68 -36.92 18.91
C PHE B 758 -17.73 -35.79 18.55
N LEU B 759 -17.88 -35.28 17.33
CA LEU B 759 -16.90 -34.36 16.77
C LEU B 759 -17.60 -33.31 15.93
N GLY B 760 -17.41 -32.05 16.27
CA GLY B 760 -18.03 -30.95 15.54
C GLY B 760 -17.01 -30.17 14.74
N ARG B 761 -17.52 -29.53 13.68
CA ARG B 761 -16.65 -28.84 12.74
C ARG B 761 -17.47 -27.84 11.93
N ARG B 762 -16.90 -26.66 11.71
CA ARG B 762 -17.43 -25.71 10.74
C ARG B 762 -16.27 -24.95 10.12
N SER B 763 -16.54 -24.33 8.97
CA SER B 763 -15.52 -23.59 8.23
C SER B 763 -15.53 -22.12 8.64
N ARG B 764 -14.36 -21.49 8.50
CA ARG B 764 -14.15 -20.13 8.97
C ARG B 764 -14.88 -19.13 8.08
N THR B 765 -15.62 -18.23 8.70
CA THR B 765 -16.25 -17.13 7.99
C THR B 765 -15.42 -15.86 8.15
N LYS B 766 -15.91 -14.78 7.56
CA LYS B 766 -15.15 -13.53 7.62
C LYS B 766 -15.31 -12.84 8.97
N SER B 767 -16.36 -13.18 9.71
CA SER B 767 -16.56 -12.56 11.01
C SER B 767 -15.58 -13.12 12.05
N ASP B 768 -15.05 -14.32 11.82
CA ASP B 768 -14.06 -14.86 12.74
C ASP B 768 -12.72 -14.17 12.57
N LEU B 769 -12.34 -13.88 11.32
CA LEU B 769 -11.17 -13.04 11.09
C LEU B 769 -11.37 -11.64 11.63
N SER B 770 -12.59 -11.11 11.53
CA SER B 770 -12.82 -9.78 12.04
C SER B 770 -12.84 -9.76 13.57
N LEU B 771 -13.14 -10.89 14.20
CA LEU B 771 -13.02 -10.94 15.65
C LEU B 771 -11.57 -11.07 16.08
N LYS B 772 -10.74 -11.74 15.28
CA LYS B 772 -9.35 -11.84 15.66
C LYS B 772 -8.53 -10.62 15.28
N MET B 773 -8.99 -9.80 14.33
CA MET B 773 -8.27 -8.56 14.05
C MET B 773 -8.47 -7.54 15.15
N TYR B 774 -9.72 -7.31 15.54
CA TYR B 774 -10.06 -6.25 16.47
C TYR B 774 -10.17 -6.74 17.90
N GLN B 775 -9.44 -7.81 18.24
CA GLN B 775 -9.67 -8.56 19.48
C GLN B 775 -9.39 -7.72 20.72
N GLU B 776 -8.47 -6.77 20.62
CA GLU B 776 -8.09 -5.99 21.79
C GLU B 776 -9.08 -4.88 22.11
N GLU B 777 -10.15 -4.71 21.34
CA GLU B 777 -11.06 -3.58 21.53
C GLU B 777 -12.53 -4.01 21.48
N ILE B 778 -12.82 -5.26 21.82
CA ILE B 778 -14.19 -5.76 21.72
C ILE B 778 -14.92 -5.65 23.06
N GLN B 779 -14.21 -5.92 24.16
CA GLN B 779 -14.84 -5.84 25.47
C GLN B 779 -15.19 -4.40 25.84
N GLU B 780 -14.42 -3.44 25.33
CA GLU B 780 -14.75 -2.03 25.48
C GLU B 780 -16.03 -1.70 24.74
N TRP B 781 -16.26 -2.33 23.59
CA TRP B 781 -17.48 -2.12 22.83
C TRP B 781 -18.69 -2.66 23.57
N TYR B 782 -18.54 -3.83 24.20
CA TYR B 782 -19.69 -4.40 24.91
C TYR B 782 -20.02 -3.61 26.17
N GLU B 783 -19.00 -3.06 26.84
CA GLU B 783 -19.26 -2.24 28.01
C GLU B 783 -20.00 -0.97 27.66
N GLU B 784 -19.56 -0.27 26.60
CA GLU B 784 -20.24 0.95 26.17
C GLU B 784 -21.64 0.66 25.67
N HIS B 785 -21.84 -0.53 25.09
CA HIS B 785 -23.17 -0.93 24.65
C HIS B 785 -24.12 -1.15 25.82
N ALA B 786 -23.62 -1.77 26.90
CA ALA B 786 -24.46 -1.99 28.07
C ALA B 786 -24.80 -0.68 28.76
N ARG B 787 -23.88 0.29 28.73
CA ARG B 787 -24.16 1.61 29.30
C ARG B 787 -25.24 2.34 28.50
N GLU B 788 -25.22 2.20 27.17
CA GLU B 788 -26.25 2.82 26.34
C GLU B 788 -27.62 2.19 26.60
N GLN B 789 -27.65 0.86 26.81
CA GLN B 789 -28.91 0.22 27.16
C GLN B 789 -29.43 0.66 28.52
N GLU B 790 -28.53 0.94 29.47
CA GLU B 790 -29.01 1.42 30.77
C GLU B 790 -29.54 2.84 30.68
N GLN B 791 -29.03 3.63 29.74
CA GLN B 791 -29.61 4.95 29.49
C GLN B 791 -31.03 4.85 28.93
N GLN B 792 -31.29 3.82 28.12
CA GLN B 792 -32.65 3.68 27.62
C GLN B 792 -33.57 2.98 28.61
N LYS B 793 -33.06 2.04 29.39
CA LYS B 793 -33.91 1.27 30.31
C LYS B 793 -34.14 1.97 31.63
N LEU B 794 -33.38 3.00 31.98
CA LEU B 794 -33.75 3.87 33.08
C LEU B 794 -34.77 4.94 32.68
N ARG B 795 -35.16 4.98 31.42
CA ARG B 795 -36.06 6.00 30.93
C ARG B 795 -37.26 5.40 30.21
#